data_6MFT
#
_entry.id   6MFT
#
_cell.length_a   197.082
_cell.length_b   109.003
_cell.length_c   103.225
_cell.angle_alpha   90.00
_cell.angle_beta   114.47
_cell.angle_gamma   90.00
#
_symmetry.space_group_name_H-M   'C 1 2 1'
#
loop_
_entity.id
_entity.type
_entity.pdbx_description
1 polymer 'Heavy Chain glVRC01'
2 polymer 'Light chain glVRC01'
3 polymer Gp120
4 branched 2-acetamido-2-deoxy-beta-D-glucopyranose-(1-4)-2-acetamido-2-deoxy-beta-D-glucopyranose
5 branched alpha-D-mannopyranose-(1-2)-alpha-D-mannopyranose-(1-3)-[alpha-D-mannopyranose-(1-6)]beta-D-mannopyranose-(1-4)-2-acetamido-2-deoxy-beta-D-glucopyranose-(1-4)-2-acetamido-2-deoxy-beta-D-glucopyranose
6 branched alpha-D-mannopyranose-(1-3)-[alpha-D-mannopyranose-(1-6)]beta-D-mannopyranose-(1-4)-2-acetamido-2-deoxy-beta-D-glucopyranose-(1-4)-2-acetamido-2-deoxy-beta-D-glucopyranose
7 non-polymer 2-acetamido-2-deoxy-beta-D-glucopyranose
8 non-polymer DI(HYDROXYETHYL)ETHER
9 non-polymer 'CITRIC ACID'
10 non-polymer 1,2-ETHANEDIOL
11 water water
#
loop_
_entity_poly.entity_id
_entity_poly.type
_entity_poly.pdbx_seq_one_letter_code
_entity_poly.pdbx_strand_id
1 'polypeptide(L)'
;(PCA)VQLVQSGAEVKKPGASVKVSCKASGYTFTGYYMHWVRQAPGQGLEWMGWINPNSGGTNYCQKFQGRVTMTRDTSI
STAYMELSRLRSDDTAVYYCARGKNSDYNWDFQHWGQGTLVTVSSASTKGPSVFPLAPSSKSTSGGTAALGCLVKDYFPE
PVTVSWNSGALTSGVHTFPAVLQSSGLYSLSSVVTVPSSSLGTQTYICNVNHKPSNTKVDKRVEPKSCDKTHHHHHH
;
H,A
2 'polypeptide(L)'
;EIVLTQSPATLSLSPGERATLSCRASQSVSSYLAWYQQKPGQAPRLLIYDASNRATGIPARFSGSGSGTDFTLTISSLEP
EDFAVYYCQQYEFFGQGTKLEIKRTVAAPSVFIFPPSDEQLKSGTASVVCLLNNFYPREAKVQWKVDNALQSGNSQESVT
EQDSKDSTYSLSSTLTLSKADYEKHKVYACEVTHQGLSSPVTKSFNRGEC
;
L,B
3 'polypeptide(L)'
;VWKEAKTTLFCASDAKAYEKECHNVWATHACVPTDPNPQEVVLENVTENFNMWKNDMVDQMQEDVISIWDQCLKPCVKLT
NTSTLTQACPKVTFDPIPIHYCAPAGYAILKCNNKTFNGKGPCNNVSTVQCTHGIKPVVSTQLLLNGSLAEEEIVIRSKN
LSDNAKIIIVQLNKSVEIVCTRPNNGGSGSGGDIRQAYCNISGRNWSEAVNQVKKKLKEHFPHKNISFQSSSGGDLEITT
HSFNCGGEFFYCNTSGLFNDTISNATIMLPCRIKQIINMWQEVGKAIYAPPIKGNITCKSDITGLLLLRDGCNTTNNTEI
FRPGGGDMRDNWRSELYKYKVVEIKPL
;
G,C
#
loop_
_chem_comp.id
_chem_comp.type
_chem_comp.name
_chem_comp.formula
BMA D-saccharide, beta linking beta-D-mannopyranose 'C6 H12 O6'
CIT non-polymer 'CITRIC ACID' 'C6 H8 O7'
EDO non-polymer 1,2-ETHANEDIOL 'C2 H6 O2'
MAN D-saccharide, alpha linking alpha-D-mannopyranose 'C6 H12 O6'
NAG D-saccharide, beta linking 2-acetamido-2-deoxy-beta-D-glucopyranose 'C8 H15 N O6'
PEG non-polymer DI(HYDROXYETHYL)ETHER 'C4 H10 O3'
#
# COMPACT_ATOMS: atom_id res chain seq x y z
N PCA A 1 -23.00 -18.30 -44.13
CA PCA A 1 -23.69 -17.05 -44.58
CB PCA A 1 -25.16 -17.33 -44.86
CG PCA A 1 -25.44 -18.75 -44.42
CD PCA A 1 -24.09 -19.28 -44.04
OE PCA A 1 -23.92 -20.45 -43.71
C PCA A 1 -23.56 -15.92 -43.55
O PCA A 1 -24.50 -15.58 -42.85
H PCA A 1 -22.54 -18.65 -44.81
HA PCA A 1 -23.27 -16.75 -45.41
HB2 PCA A 1 -25.72 -16.68 -44.39
HB3 PCA A 1 -25.34 -17.23 -45.83
HG2 PCA A 1 -25.86 -19.26 -45.14
HG3 PCA A 1 -26.05 -18.75 -43.64
N VAL A 2 -22.34 -15.37 -43.46
CA VAL A 2 -22.13 -14.16 -42.70
C VAL A 2 -22.49 -12.98 -43.58
N GLN A 3 -23.15 -11.98 -43.00
CA GLN A 3 -23.62 -10.83 -43.75
C GLN A 3 -23.42 -9.57 -42.92
N LEU A 4 -22.86 -8.54 -43.56
CA LEU A 4 -22.73 -7.20 -42.98
C LEU A 4 -23.41 -6.23 -43.92
N VAL A 5 -24.50 -5.61 -43.48
CA VAL A 5 -25.29 -4.71 -44.31
C VAL A 5 -25.25 -3.32 -43.67
N GLN A 6 -24.78 -2.34 -44.42
CA GLN A 6 -24.63 -0.98 -43.92
C GLN A 6 -25.75 -0.07 -44.43
N SER A 7 -25.91 1.06 -43.75
CA SER A 7 -26.91 2.04 -44.10
C SER A 7 -26.60 2.67 -45.45
N GLY A 8 -27.50 3.54 -45.91
CA GLY A 8 -27.38 4.14 -47.22
C GLY A 8 -26.50 5.39 -47.24
N ALA A 9 -26.27 5.89 -48.45
CA ALA A 9 -25.36 7.01 -48.66
C ALA A 9 -25.82 8.22 -47.86
N GLU A 10 -24.88 9.16 -47.65
CA GLU A 10 -25.12 10.35 -46.87
C GLU A 10 -24.41 11.54 -47.51
N VAL A 11 -25.07 12.68 -47.52
CA VAL A 11 -24.47 13.95 -47.92
C VAL A 11 -24.54 14.89 -46.73
N LYS A 12 -23.44 15.57 -46.45
CA LYS A 12 -23.31 16.36 -45.23
C LYS A 12 -22.59 17.66 -45.52
N LYS A 13 -22.97 18.70 -44.77
CA LYS A 13 -22.25 19.97 -44.79
C LYS A 13 -21.09 19.92 -43.82
N PRO A 14 -19.99 20.63 -44.08
CA PRO A 14 -18.88 20.66 -43.13
C PRO A 14 -19.35 21.06 -41.73
N GLY A 15 -18.62 20.59 -40.72
CA GLY A 15 -18.97 20.84 -39.34
C GLY A 15 -20.05 19.93 -38.79
N ALA A 16 -20.80 19.24 -39.65
CA ALA A 16 -21.85 18.35 -39.21
C ALA A 16 -21.26 16.99 -38.86
N SER A 17 -22.13 16.06 -38.46
CA SER A 17 -21.75 14.71 -38.11
C SER A 17 -22.50 13.71 -38.97
N VAL A 18 -22.05 12.46 -38.93
CA VAL A 18 -22.69 11.38 -39.67
C VAL A 18 -22.52 10.09 -38.88
N LYS A 19 -23.61 9.32 -38.79
CA LYS A 19 -23.59 8.01 -38.12
C LYS A 19 -23.94 6.94 -39.14
N VAL A 20 -23.00 6.04 -39.40
CA VAL A 20 -23.19 4.91 -40.29
C VAL A 20 -23.43 3.66 -39.45
N SER A 21 -24.36 2.83 -39.89
CA SER A 21 -24.72 1.62 -39.17
C SER A 21 -24.31 0.39 -39.98
N CYS A 22 -24.13 -0.72 -39.26
CA CYS A 22 -23.66 -1.96 -39.86
C CYS A 22 -24.34 -3.10 -39.11
N LYS A 23 -25.38 -3.70 -39.70
CA LYS A 23 -26.08 -4.81 -39.10
C LYS A 23 -25.42 -6.12 -39.52
N ALA A 24 -25.15 -6.97 -38.54
CA ALA A 24 -24.48 -8.24 -38.76
C ALA A 24 -25.48 -9.38 -38.63
N SER A 25 -25.22 -10.46 -39.38
CA SER A 25 -26.04 -11.65 -39.29
C SER A 25 -25.20 -12.85 -39.68
N GLY A 26 -25.58 -14.01 -39.16
CA GLY A 26 -24.91 -15.26 -39.46
C GLY A 26 -23.88 -15.72 -38.46
N TYR A 27 -23.75 -15.03 -37.32
CA TYR A 27 -22.78 -15.42 -36.31
C TYR A 27 -23.12 -14.69 -35.02
N THR A 28 -22.38 -15.03 -33.96
CA THR A 28 -22.56 -14.41 -32.66
C THR A 28 -21.95 -13.01 -32.68
N PHE A 29 -22.82 -11.99 -32.73
CA PHE A 29 -22.36 -10.62 -32.91
C PHE A 29 -21.37 -10.20 -31.84
N THR A 30 -21.45 -10.76 -30.64
CA THR A 30 -20.62 -10.33 -29.52
C THR A 30 -19.29 -11.07 -29.44
N GLY A 31 -19.02 -12.03 -30.32
CA GLY A 31 -17.82 -12.81 -30.27
C GLY A 31 -16.69 -12.36 -31.17
N TYR A 32 -16.89 -11.31 -31.96
CA TYR A 32 -15.89 -10.85 -32.91
C TYR A 32 -15.83 -9.32 -32.90
N TYR A 33 -14.61 -8.79 -32.91
CA TYR A 33 -14.44 -7.34 -33.02
C TYR A 33 -14.96 -6.87 -34.37
N MET A 34 -15.43 -5.62 -34.40
CA MET A 34 -15.89 -4.99 -35.63
C MET A 34 -14.99 -3.80 -35.92
N HIS A 35 -14.40 -3.78 -37.12
CA HIS A 35 -13.50 -2.72 -37.53
C HIS A 35 -14.20 -1.80 -38.52
N TRP A 36 -13.75 -0.55 -38.58
CA TRP A 36 -14.21 0.40 -39.59
C TRP A 36 -13.02 0.88 -40.41
N VAL A 37 -13.18 0.89 -41.73
CA VAL A 37 -12.13 1.27 -42.66
C VAL A 37 -12.75 2.15 -43.74
N ARG A 38 -12.16 3.31 -43.99
CA ARG A 38 -12.66 4.20 -45.01
C ARG A 38 -11.71 4.26 -46.20
N GLN A 39 -12.28 4.61 -47.35
CA GLN A 39 -11.52 4.67 -48.60
C GLN A 39 -12.00 5.90 -49.37
N ALA A 40 -11.15 6.90 -49.52
CA ALA A 40 -11.50 8.06 -50.31
C ALA A 40 -11.55 7.68 -51.79
N PRO A 41 -12.34 8.39 -52.60
CA PRO A 41 -12.42 8.06 -54.03
C PRO A 41 -11.06 8.15 -54.70
N GLY A 42 -10.58 7.02 -55.20
CA GLY A 42 -9.31 6.97 -55.87
C GLY A 42 -8.10 6.82 -54.98
N GLN A 43 -8.30 6.44 -53.71
CA GLN A 43 -7.19 6.32 -52.77
C GLN A 43 -7.17 4.96 -52.12
N GLY A 44 -6.37 4.80 -51.07
CA GLY A 44 -6.23 3.53 -50.39
C GLY A 44 -7.14 3.38 -49.18
N LEU A 45 -7.02 2.23 -48.54
CA LEU A 45 -7.81 1.92 -47.35
C LEU A 45 -7.18 2.56 -46.12
N GLU A 46 -8.03 3.14 -45.27
CA GLU A 46 -7.57 3.80 -44.05
C GLU A 46 -8.35 3.24 -42.87
N TRP A 47 -7.63 2.64 -41.92
CA TRP A 47 -8.24 2.09 -40.72
C TRP A 47 -8.58 3.21 -39.74
N MET A 48 -9.77 3.11 -39.13
CA MET A 48 -10.25 4.11 -38.20
C MET A 48 -10.34 3.62 -36.77
N GLY A 49 -10.77 2.39 -36.55
CA GLY A 49 -10.89 1.87 -35.20
C GLY A 49 -11.62 0.55 -35.20
N TRP A 50 -11.60 -0.09 -34.03
CA TRP A 50 -12.37 -1.29 -33.80
C TRP A 50 -13.17 -1.15 -32.51
N ILE A 51 -14.20 -1.99 -32.40
CA ILE A 51 -15.05 -2.06 -31.23
C ILE A 51 -15.25 -3.52 -30.87
N ASN A 52 -15.15 -3.82 -29.57
CA ASN A 52 -15.48 -5.13 -29.05
C ASN A 52 -16.96 -5.13 -28.72
N PRO A 53 -17.82 -5.82 -29.49
CA PRO A 53 -19.27 -5.68 -29.26
C PRO A 53 -19.73 -6.28 -27.94
N ASN A 54 -18.91 -7.11 -27.30
CA ASN A 54 -19.30 -7.69 -26.02
C ASN A 54 -19.38 -6.62 -24.94
N SER A 55 -18.27 -5.93 -24.69
CA SER A 55 -18.21 -4.91 -23.65
C SER A 55 -18.33 -3.49 -24.19
N GLY A 56 -18.29 -3.32 -25.51
CA GLY A 56 -18.28 -1.99 -26.09
C GLY A 56 -16.93 -1.31 -26.10
N GLY A 57 -15.87 -1.99 -25.68
CA GLY A 57 -14.55 -1.40 -25.73
C GLY A 57 -14.16 -1.00 -27.13
N THR A 58 -13.43 0.11 -27.24
CA THR A 58 -13.04 0.66 -28.53
C THR A 58 -11.55 0.94 -28.56
N ASN A 59 -11.02 0.98 -29.77
CA ASN A 59 -9.68 1.48 -30.03
C ASN A 59 -9.73 2.29 -31.32
N TYR A 60 -9.39 3.58 -31.22
CA TYR A 60 -9.51 4.51 -32.32
C TYR A 60 -8.13 4.86 -32.88
N CYS A 61 -8.03 4.86 -34.20
CA CYS A 61 -6.87 5.44 -34.88
C CYS A 61 -6.59 6.83 -34.32
N GLN A 62 -5.34 7.08 -33.93
CA GLN A 62 -5.00 8.34 -33.30
C GLN A 62 -5.38 9.54 -34.15
N LYS A 63 -5.45 9.37 -35.47
CA LYS A 63 -5.82 10.46 -36.35
C LYS A 63 -7.25 10.93 -36.15
N PHE A 64 -8.11 10.08 -35.58
CA PHE A 64 -9.52 10.39 -35.41
C PHE A 64 -9.94 10.52 -33.96
N GLN A 65 -9.03 10.32 -33.02
CA GLN A 65 -9.36 10.50 -31.60
C GLN A 65 -9.92 11.89 -31.38
N GLY A 66 -11.11 11.96 -30.77
CA GLY A 66 -11.77 13.20 -30.45
C GLY A 66 -13.05 13.45 -31.24
N ARG A 67 -13.10 12.99 -32.50
CA ARG A 67 -14.26 13.24 -33.34
C ARG A 67 -14.83 11.97 -33.97
N VAL A 68 -14.34 10.79 -33.59
CA VAL A 68 -14.94 9.52 -33.99
C VAL A 68 -15.43 8.79 -32.74
N THR A 69 -16.60 8.17 -32.84
CA THR A 69 -17.18 7.41 -31.75
C THR A 69 -17.79 6.14 -32.32
N MET A 70 -17.45 5.00 -31.74
CA MET A 70 -17.99 3.71 -32.15
C MET A 70 -18.82 3.14 -31.02
N THR A 71 -19.99 2.62 -31.37
CA THR A 71 -20.93 2.07 -30.40
C THR A 71 -21.59 0.83 -31.00
N ARG A 72 -22.42 0.17 -30.21
CA ARG A 72 -23.07 -1.06 -30.66
C ARG A 72 -24.43 -1.21 -29.99
N ASP A 73 -25.31 -1.92 -30.68
CA ASP A 73 -26.60 -2.35 -30.15
C ASP A 73 -26.66 -3.86 -30.38
N THR A 74 -26.45 -4.62 -29.30
CA THR A 74 -26.41 -6.07 -29.40
C THR A 74 -27.78 -6.67 -29.69
N SER A 75 -28.85 -6.05 -29.17
CA SER A 75 -30.19 -6.59 -29.38
C SER A 75 -30.56 -6.64 -30.85
N ILE A 76 -29.89 -5.87 -31.69
CA ILE A 76 -30.14 -5.86 -33.13
C ILE A 76 -28.87 -6.18 -33.92
N SER A 77 -27.80 -6.59 -33.23
CA SER A 77 -26.54 -6.95 -33.88
C SER A 77 -26.08 -5.86 -34.84
N THR A 78 -26.00 -4.64 -34.32
CA THR A 78 -25.66 -3.48 -35.15
C THR A 78 -24.50 -2.71 -34.52
N ALA A 79 -23.60 -2.26 -35.37
CA ALA A 79 -22.47 -1.42 -34.96
C ALA A 79 -22.61 -0.05 -35.59
N TYR A 80 -22.25 1.00 -34.84
CA TYR A 80 -22.42 2.37 -35.29
C TYR A 80 -21.08 3.09 -35.24
N MET A 81 -20.80 3.84 -36.31
CA MET A 81 -19.61 4.69 -36.40
C MET A 81 -20.07 6.11 -36.67
N GLU A 82 -19.79 7.01 -35.73
CA GLU A 82 -20.18 8.42 -35.86
C GLU A 82 -18.92 9.25 -36.00
N LEU A 83 -18.85 10.01 -37.09
CA LEU A 83 -17.75 10.95 -37.34
C LEU A 83 -18.33 12.35 -37.31
N SER A 84 -17.78 13.20 -36.44
CA SER A 84 -18.28 14.55 -36.21
C SER A 84 -17.31 15.58 -36.77
N ARG A 85 -17.71 16.84 -36.72
CA ARG A 85 -16.92 17.96 -37.23
C ARG A 85 -16.36 17.62 -38.61
N LEU A 86 -17.25 17.22 -39.50
CA LEU A 86 -16.87 16.71 -40.81
C LEU A 86 -16.21 17.81 -41.65
N ARG A 87 -15.58 17.37 -42.72
CA ARG A 87 -14.93 18.27 -43.67
C ARG A 87 -14.72 17.51 -44.97
N SER A 88 -14.36 18.25 -46.02
CA SER A 88 -14.26 17.65 -47.34
C SER A 88 -13.32 16.45 -47.35
N ASP A 89 -12.34 16.41 -46.44
CA ASP A 89 -11.43 15.27 -46.38
C ASP A 89 -12.17 13.98 -46.09
N ASP A 90 -13.22 14.04 -45.27
CA ASP A 90 -13.94 12.85 -44.85
C ASP A 90 -14.78 12.23 -45.95
N THR A 91 -14.81 12.81 -47.15
CA THR A 91 -15.55 12.20 -48.25
C THR A 91 -14.93 10.86 -48.60
N ALA A 92 -15.70 9.78 -48.46
CA ALA A 92 -15.15 8.46 -48.68
C ALA A 92 -16.26 7.42 -48.55
N VAL A 93 -15.93 6.19 -48.95
CA VAL A 93 -16.79 5.04 -48.70
C VAL A 93 -16.32 4.41 -47.38
N TYR A 94 -17.22 4.26 -46.44
CA TYR A 94 -16.92 3.72 -45.12
C TYR A 94 -17.43 2.29 -45.03
N TYR A 95 -16.54 1.36 -44.69
CA TYR A 95 -16.84 -0.06 -44.59
C TYR A 95 -16.75 -0.50 -43.13
N CYS A 96 -17.65 -1.38 -42.73
CA CYS A 96 -17.41 -2.22 -41.57
C CYS A 96 -16.81 -3.54 -42.03
N ALA A 97 -16.00 -4.14 -41.18
CA ALA A 97 -15.30 -5.36 -41.53
C ALA A 97 -15.11 -6.22 -40.30
N ARG A 98 -14.97 -7.52 -40.56
CA ARG A 98 -14.76 -8.51 -39.52
C ARG A 98 -13.71 -9.51 -39.98
N GLY A 99 -12.76 -9.78 -39.09
CA GLY A 99 -11.72 -10.75 -39.36
C GLY A 99 -12.26 -12.16 -39.49
N LYS A 100 -11.38 -13.06 -39.89
CA LYS A 100 -11.80 -14.44 -40.18
C LYS A 100 -12.16 -15.19 -38.90
N ASN A 101 -11.38 -15.01 -37.84
CA ASN A 101 -11.58 -15.76 -36.60
C ASN A 101 -11.48 -14.82 -35.41
N SER A 102 -11.79 -15.37 -34.23
CA SER A 102 -11.76 -14.58 -33.01
C SER A 102 -10.33 -14.26 -32.59
N ASP A 103 -9.43 -15.25 -32.68
CA ASP A 103 -8.06 -15.05 -32.24
C ASP A 103 -7.41 -13.89 -32.98
N TYR A 104 -7.38 -13.95 -34.30
CA TYR A 104 -6.75 -12.92 -35.13
C TYR A 104 -7.83 -12.22 -35.95
N ASN A 105 -8.09 -10.97 -35.62
CA ASN A 105 -9.20 -10.22 -36.18
C ASN A 105 -8.78 -9.25 -37.28
N TRP A 106 -7.53 -9.28 -37.72
CA TRP A 106 -7.05 -8.33 -38.72
C TRP A 106 -7.12 -8.86 -40.14
N ASP A 107 -7.39 -10.16 -40.33
CA ASP A 107 -7.58 -10.73 -41.66
C ASP A 107 -9.04 -10.56 -42.03
N PHE A 108 -9.37 -9.38 -42.57
CA PHE A 108 -10.76 -9.00 -42.78
C PHE A 108 -11.43 -9.86 -43.84
N GLN A 109 -12.00 -10.98 -43.41
CA GLN A 109 -12.67 -11.88 -44.35
C GLN A 109 -14.07 -11.39 -44.73
N HIS A 110 -14.72 -10.56 -43.91
CA HIS A 110 -16.09 -10.15 -44.20
C HIS A 110 -16.18 -8.63 -44.24
N TRP A 111 -16.78 -8.10 -45.30
CA TRP A 111 -16.94 -6.66 -45.47
C TRP A 111 -18.39 -6.32 -45.74
N GLY A 112 -18.80 -5.12 -45.33
CA GLY A 112 -20.07 -4.59 -45.77
C GLY A 112 -19.99 -4.09 -47.20
N GLN A 113 -21.15 -3.68 -47.73
CA GLN A 113 -21.16 -3.13 -49.07
C GLN A 113 -20.52 -1.74 -49.11
N GLY A 114 -20.35 -1.11 -47.96
CA GLY A 114 -19.85 0.25 -47.90
C GLY A 114 -20.97 1.27 -47.90
N THR A 115 -20.72 2.38 -47.21
CA THR A 115 -21.63 3.52 -47.17
C THR A 115 -20.88 4.74 -47.65
N LEU A 116 -21.33 5.33 -48.76
CA LEU A 116 -20.68 6.51 -49.30
C LEU A 116 -21.12 7.74 -48.52
N VAL A 117 -20.15 8.53 -48.07
CA VAL A 117 -20.42 9.78 -47.36
C VAL A 117 -19.69 10.89 -48.10
N THR A 118 -20.46 11.86 -48.59
CA THR A 118 -19.94 13.02 -49.30
C THR A 118 -20.10 14.25 -48.42
N VAL A 119 -19.01 15.03 -48.29
CA VAL A 119 -19.00 16.22 -47.47
C VAL A 119 -18.64 17.41 -48.35
N SER A 120 -19.52 18.41 -48.37
CA SER A 120 -19.25 19.65 -49.09
C SER A 120 -20.36 20.64 -48.75
N SER A 121 -19.99 21.93 -48.73
CA SER A 121 -20.98 22.97 -48.43
C SER A 121 -21.99 23.14 -49.55
N ALA A 122 -21.71 22.62 -50.74
CA ALA A 122 -22.63 22.76 -51.86
C ALA A 122 -24.00 22.17 -51.51
N SER A 123 -25.01 22.57 -52.28
CA SER A 123 -26.38 22.11 -52.10
C SER A 123 -26.86 21.38 -53.35
N THR A 124 -27.96 20.66 -53.20
CA THR A 124 -28.51 19.90 -54.31
C THR A 124 -28.75 20.80 -55.51
N LYS A 125 -28.55 20.25 -56.70
CA LYS A 125 -28.76 21.00 -57.94
C LYS A 125 -28.72 20.06 -59.13
N GLY A 126 -29.70 20.19 -60.03
CA GLY A 126 -29.75 19.38 -61.23
C GLY A 126 -28.77 19.87 -62.27
N PRO A 127 -28.43 19.00 -63.21
CA PRO A 127 -27.44 19.37 -64.23
C PRO A 127 -28.04 20.27 -65.31
N SER A 128 -27.16 20.77 -66.17
CA SER A 128 -27.54 21.52 -67.36
C SER A 128 -26.79 20.90 -68.53
N VAL A 129 -27.52 20.18 -69.38
CA VAL A 129 -26.90 19.42 -70.47
C VAL A 129 -26.60 20.35 -71.64
N PHE A 130 -25.49 20.09 -72.31
CA PHE A 130 -25.07 20.86 -73.48
C PHE A 130 -24.65 19.91 -74.58
N PRO A 131 -24.89 20.29 -75.85
CA PRO A 131 -24.55 19.37 -76.95
C PRO A 131 -23.11 19.52 -77.43
N LEU A 132 -22.50 18.38 -77.74
CA LEU A 132 -21.19 18.32 -78.36
C LEU A 132 -21.41 17.80 -79.79
N ALA A 133 -21.57 18.73 -80.73
CA ALA A 133 -21.94 18.37 -82.08
C ALA A 133 -20.70 18.00 -82.90
N PRO A 134 -20.85 17.09 -83.87
CA PRO A 134 -19.70 16.74 -84.73
C PRO A 134 -19.52 17.72 -85.87
N SER A 135 -18.70 17.34 -86.86
CA SER A 135 -18.49 18.17 -88.03
C SER A 135 -17.72 17.39 -89.10
N GLY A 141 -16.51 11.64 -94.72
CA GLY A 141 -16.78 10.25 -94.43
C GLY A 141 -16.14 9.80 -93.14
N GLY A 142 -15.91 8.49 -93.02
CA GLY A 142 -15.30 7.94 -91.82
C GLY A 142 -16.29 7.85 -90.67
N THR A 143 -15.79 8.04 -89.46
CA THR A 143 -16.60 8.00 -88.25
C THR A 143 -16.29 9.22 -87.40
N ALA A 144 -17.32 9.98 -87.05
CA ALA A 144 -17.19 11.14 -86.19
C ALA A 144 -17.63 10.78 -84.78
N ALA A 145 -17.56 11.76 -83.88
CA ALA A 145 -17.94 11.57 -82.50
C ALA A 145 -18.81 12.73 -82.04
N LEU A 146 -19.73 12.44 -81.12
CA LEU A 146 -20.57 13.49 -80.55
C LEU A 146 -21.02 13.06 -79.17
N GLY A 147 -21.31 14.04 -78.32
CA GLY A 147 -21.64 13.72 -76.94
C GLY A 147 -22.42 14.82 -76.25
N CYS A 148 -22.71 14.55 -74.98
CA CYS A 148 -23.34 15.51 -74.07
C CYS A 148 -22.36 15.87 -72.97
N LEU A 149 -22.55 17.07 -72.42
CA LEU A 149 -21.71 17.63 -71.36
C LEU A 149 -22.59 17.94 -70.16
N VAL A 150 -22.86 16.93 -69.34
CA VAL A 150 -23.62 17.11 -68.12
C VAL A 150 -22.76 17.95 -67.17
N LYS A 151 -23.13 19.22 -66.98
CA LYS A 151 -22.28 20.18 -66.32
C LYS A 151 -22.97 20.77 -65.10
N ASP A 152 -22.14 21.08 -64.09
CA ASP A 152 -22.61 21.74 -62.87
C ASP A 152 -23.81 21.05 -62.26
N TYR A 153 -23.58 19.98 -61.52
CA TYR A 153 -24.63 19.30 -60.78
C TYR A 153 -24.07 18.80 -59.47
N PHE A 154 -24.98 18.59 -58.50
CA PHE A 154 -24.56 18.08 -57.21
C PHE A 154 -25.77 17.49 -56.50
N PRO A 155 -25.63 16.35 -55.80
CA PRO A 155 -24.43 15.51 -55.71
C PRO A 155 -24.41 14.46 -56.83
N GLU A 156 -23.37 13.63 -56.85
CA GLU A 156 -23.40 12.46 -57.70
C GLU A 156 -24.49 11.52 -57.22
N PRO A 157 -24.90 10.55 -58.05
CA PRO A 157 -24.41 10.22 -59.38
C PRO A 157 -25.23 10.86 -60.51
N VAL A 158 -24.91 10.47 -61.74
CA VAL A 158 -25.62 10.92 -62.93
C VAL A 158 -25.63 9.78 -63.92
N THR A 159 -26.81 9.36 -64.36
CA THR A 159 -26.93 8.24 -65.30
C THR A 159 -27.18 8.78 -66.70
N VAL A 160 -26.40 8.29 -67.66
CA VAL A 160 -26.47 8.74 -69.04
C VAL A 160 -26.77 7.54 -69.92
N SER A 161 -27.65 7.75 -70.91
CA SER A 161 -27.87 6.78 -71.97
C SER A 161 -28.11 7.54 -73.27
N TRP A 162 -28.17 6.80 -74.37
CA TRP A 162 -28.28 7.40 -75.69
C TRP A 162 -29.49 6.82 -76.42
N ASN A 163 -30.33 7.70 -76.96
CA ASN A 163 -31.54 7.31 -77.68
C ASN A 163 -32.33 6.28 -76.88
N SER A 164 -32.54 6.58 -75.60
CA SER A 164 -33.32 5.74 -74.69
C SER A 164 -32.73 4.33 -74.62
N GLY A 165 -31.41 4.27 -74.44
CA GLY A 165 -30.72 3.00 -74.32
C GLY A 165 -30.49 2.28 -75.63
N ALA A 166 -30.98 2.80 -76.75
CA ALA A 166 -30.75 2.16 -78.05
C ALA A 166 -29.26 2.13 -78.36
N LEU A 167 -28.64 3.30 -78.44
CA LEU A 167 -27.22 3.40 -78.74
C LEU A 167 -26.41 3.06 -77.50
N THR A 168 -25.59 2.00 -77.59
CA THR A 168 -24.80 1.55 -76.45
C THR A 168 -23.36 1.28 -76.85
N SER A 169 -23.16 0.51 -77.92
CA SER A 169 -21.81 0.20 -78.38
C SER A 169 -21.12 1.47 -78.86
N GLY A 170 -19.85 1.61 -78.51
CA GLY A 170 -19.09 2.79 -78.84
C GLY A 170 -19.35 3.99 -77.95
N VAL A 171 -20.21 3.86 -76.95
CA VAL A 171 -20.50 4.94 -76.02
C VAL A 171 -19.48 4.91 -74.90
N HIS A 172 -19.08 6.10 -74.45
CA HIS A 172 -18.14 6.23 -73.33
C HIS A 172 -18.61 7.39 -72.46
N THR A 173 -18.99 7.08 -71.22
CA THR A 173 -19.33 8.09 -70.23
C THR A 173 -18.17 8.19 -69.25
N PHE A 174 -17.57 9.37 -69.18
CA PHE A 174 -16.34 9.55 -68.40
C PHE A 174 -16.67 9.82 -66.94
N PRO A 175 -15.76 9.49 -66.03
CA PRO A 175 -15.99 9.81 -64.62
C PRO A 175 -16.18 11.30 -64.41
N ALA A 176 -16.93 11.65 -63.37
CA ALA A 176 -17.16 13.04 -63.05
C ALA A 176 -15.85 13.69 -62.58
N VAL A 177 -15.85 15.02 -62.54
CA VAL A 177 -14.76 15.79 -61.98
C VAL A 177 -15.35 16.89 -61.11
N LEU A 178 -14.75 17.09 -59.93
CA LEU A 178 -15.22 18.11 -59.00
C LEU A 178 -14.59 19.45 -59.36
N GLN A 179 -15.43 20.41 -59.74
CA GLN A 179 -14.94 21.71 -60.17
C GLN A 179 -14.62 22.59 -58.98
N SER A 180 -13.87 23.67 -59.25
CA SER A 180 -13.52 24.63 -58.20
C SER A 180 -14.76 25.18 -57.53
N SER A 181 -15.89 25.21 -58.24
CA SER A 181 -17.14 25.70 -57.67
C SER A 181 -17.79 24.71 -56.72
N GLY A 182 -17.29 23.48 -56.63
CA GLY A 182 -17.92 22.47 -55.81
C GLY A 182 -19.02 21.70 -56.51
N LEU A 183 -19.08 21.76 -57.84
CA LEU A 183 -20.10 21.07 -58.61
C LEU A 183 -19.42 20.07 -59.55
N TYR A 184 -20.09 18.93 -59.75
CA TYR A 184 -19.55 17.90 -60.61
C TYR A 184 -19.88 18.18 -62.07
N SER A 185 -19.11 17.55 -62.96
CA SER A 185 -19.29 17.71 -64.39
C SER A 185 -18.67 16.52 -65.09
N LEU A 186 -19.39 15.95 -66.06
CA LEU A 186 -18.86 14.85 -66.85
C LEU A 186 -19.31 15.03 -68.30
N SER A 187 -18.75 14.19 -69.17
CA SER A 187 -19.10 14.16 -70.57
C SER A 187 -19.33 12.71 -71.00
N SER A 188 -20.27 12.52 -71.91
CA SER A 188 -20.60 11.20 -72.44
C SER A 188 -20.65 11.30 -73.95
N VAL A 189 -19.74 10.59 -74.62
CA VAL A 189 -19.58 10.69 -76.06
C VAL A 189 -19.89 9.34 -76.70
N VAL A 190 -20.01 9.36 -78.02
CA VAL A 190 -20.27 8.17 -78.81
C VAL A 190 -19.72 8.38 -80.20
N THR A 191 -19.19 7.30 -80.79
CA THR A 191 -18.64 7.30 -82.13
C THR A 191 -19.70 6.75 -83.09
N VAL A 192 -19.92 7.47 -84.20
CA VAL A 192 -20.94 7.09 -85.17
C VAL A 192 -20.43 7.41 -86.57
N PRO A 193 -20.80 6.58 -87.54
CA PRO A 193 -20.33 6.82 -88.91
C PRO A 193 -20.94 8.07 -89.52
N SER A 194 -20.20 8.64 -90.48
CA SER A 194 -20.68 9.83 -91.18
C SER A 194 -21.89 9.56 -92.06
N SER A 195 -22.19 8.28 -92.34
CA SER A 195 -23.36 7.91 -93.12
C SER A 195 -24.65 7.95 -92.30
N SER A 196 -24.68 8.72 -91.22
CA SER A 196 -25.85 8.79 -90.38
C SER A 196 -25.99 10.10 -89.61
N LEU A 197 -25.06 11.05 -89.76
CA LEU A 197 -25.15 12.34 -89.07
C LEU A 197 -26.20 13.26 -89.65
N GLY A 198 -26.99 12.81 -90.62
CA GLY A 198 -28.07 13.62 -91.16
C GLY A 198 -29.38 12.86 -91.17
N THR A 199 -29.32 11.54 -91.27
CA THR A 199 -30.52 10.71 -91.29
C THR A 199 -30.91 10.22 -89.90
N GLN A 200 -29.94 9.95 -89.03
CA GLN A 200 -30.21 9.43 -87.69
C GLN A 200 -30.17 10.57 -86.68
N THR A 201 -31.17 10.61 -85.81
CA THR A 201 -31.23 11.61 -84.75
C THR A 201 -30.53 11.06 -83.50
N TYR A 202 -29.87 11.95 -82.77
CA TYR A 202 -29.08 11.58 -81.60
C TYR A 202 -29.50 12.45 -80.42
N ILE A 203 -30.08 11.82 -79.41
CA ILE A 203 -30.56 12.51 -78.21
C ILE A 203 -29.97 11.82 -76.99
N CYS A 204 -29.54 12.61 -76.01
CA CYS A 204 -29.05 12.07 -74.76
C CYS A 204 -30.22 11.79 -73.81
N ASN A 205 -29.93 11.03 -72.76
CA ASN A 205 -30.89 10.78 -71.68
C ASN A 205 -30.13 10.89 -70.38
N VAL A 206 -30.33 11.99 -69.66
CA VAL A 206 -29.59 12.29 -68.44
C VAL A 206 -30.57 12.24 -67.28
N ASN A 207 -30.32 11.33 -66.34
CA ASN A 207 -31.13 11.18 -65.14
C ASN A 207 -30.28 11.52 -63.93
N HIS A 208 -30.72 12.53 -63.17
CA HIS A 208 -30.11 12.92 -61.90
C HIS A 208 -31.18 12.74 -60.82
N LYS A 209 -31.05 11.65 -60.06
CA LYS A 209 -32.06 11.33 -59.06
C LYS A 209 -32.17 12.38 -57.97
N PRO A 210 -31.08 12.88 -57.38
CA PRO A 210 -31.23 13.85 -56.28
C PRO A 210 -32.11 15.04 -56.62
N SER A 211 -31.96 15.62 -57.81
CA SER A 211 -32.75 16.78 -58.20
C SER A 211 -33.98 16.41 -59.02
N ASN A 212 -34.30 15.11 -59.14
CA ASN A 212 -35.47 14.67 -59.89
C ASN A 212 -35.43 15.20 -61.32
N THR A 213 -34.25 15.15 -61.94
CA THR A 213 -34.04 15.72 -63.27
C THR A 213 -33.96 14.59 -64.29
N LYS A 214 -34.70 14.74 -65.40
CA LYS A 214 -34.65 13.80 -66.51
C LYS A 214 -34.68 14.64 -67.79
N VAL A 215 -33.51 14.85 -68.39
CA VAL A 215 -33.37 15.74 -69.54
C VAL A 215 -32.99 14.91 -70.76
N ASP A 216 -33.46 15.38 -71.92
CA ASP A 216 -33.14 14.77 -73.22
C ASP A 216 -32.69 15.88 -74.17
N LYS A 217 -31.39 16.03 -74.34
CA LYS A 217 -30.83 17.02 -75.24
C LYS A 217 -30.50 16.40 -76.59
N ARG A 218 -30.69 17.20 -77.63
CA ARG A 218 -30.46 16.76 -79.01
C ARG A 218 -29.11 17.26 -79.49
N VAL A 219 -28.42 16.42 -80.26
CA VAL A 219 -27.08 16.71 -80.77
C VAL A 219 -27.12 16.59 -82.28
N GLU A 220 -26.72 17.65 -82.98
CA GLU A 220 -26.72 17.67 -84.43
C GLU A 220 -25.67 18.67 -84.89
N PRO A 221 -25.17 18.53 -86.14
CA PRO A 221 -24.16 19.44 -86.66
C PRO A 221 -24.67 20.88 -86.78
N GLU B 1 7.36 5.04 -36.79
CA GLU B 1 6.36 4.70 -37.78
C GLU B 1 6.46 3.23 -38.21
N ILE B 2 5.40 2.75 -38.86
CA ILE B 2 5.39 1.46 -39.52
C ILE B 2 4.69 1.63 -40.86
N VAL B 3 5.40 1.34 -41.95
CA VAL B 3 4.94 1.65 -43.30
C VAL B 3 5.02 0.38 -44.15
N LEU B 4 4.01 0.19 -45.00
CA LEU B 4 4.00 -0.88 -45.99
C LEU B 4 4.14 -0.25 -47.37
N THR B 5 5.23 -0.54 -48.04
CA THR B 5 5.52 -0.01 -49.38
C THR B 5 5.24 -1.11 -50.39
N GLN B 6 4.22 -0.93 -51.21
CA GLN B 6 3.90 -1.87 -52.27
C GLN B 6 4.52 -1.41 -53.58
N SER B 7 4.95 -2.38 -54.38
CA SER B 7 5.55 -2.07 -55.67
C SER B 7 5.29 -3.21 -56.65
N PRO B 8 5.24 -2.91 -57.96
CA PRO B 8 5.24 -1.56 -58.52
C PRO B 8 3.92 -0.84 -58.27
N ALA B 9 3.87 0.47 -58.55
CA ALA B 9 2.60 1.18 -58.43
C ALA B 9 1.58 0.63 -59.42
N THR B 10 2.01 0.36 -60.64
CA THR B 10 1.17 -0.24 -61.68
C THR B 10 1.93 -1.36 -62.35
N LEU B 11 1.19 -2.38 -62.78
CA LEU B 11 1.78 -3.56 -63.40
C LEU B 11 0.90 -3.95 -64.59
N SER B 12 1.46 -3.87 -65.79
CA SER B 12 0.74 -4.21 -67.01
C SER B 12 1.24 -5.56 -67.51
N LEU B 13 0.32 -6.53 -67.60
CA LEU B 13 0.66 -7.86 -68.07
C LEU B 13 -0.47 -8.37 -68.96
N SER B 14 -0.21 -9.50 -69.62
CA SER B 14 -1.17 -10.12 -70.52
C SER B 14 -1.78 -11.35 -69.86
N PRO B 15 -3.02 -11.72 -70.23
CA PRO B 15 -3.60 -12.96 -69.69
C PRO B 15 -2.70 -14.15 -69.98
N GLY B 16 -2.58 -15.04 -68.98
CA GLY B 16 -1.76 -16.21 -69.09
C GLY B 16 -0.38 -16.07 -68.47
N GLU B 17 0.11 -14.84 -68.31
CA GLU B 17 1.43 -14.62 -67.71
C GLU B 17 1.32 -14.77 -66.19
N ARG B 18 2.42 -14.49 -65.50
CA ARG B 18 2.48 -14.57 -64.04
C ARG B 18 2.84 -13.21 -63.48
N ALA B 19 2.06 -12.76 -62.51
CA ALA B 19 2.25 -11.47 -61.87
C ALA B 19 2.90 -11.64 -60.51
N THR B 20 3.73 -10.66 -60.13
CA THR B 20 4.49 -10.70 -58.88
C THR B 20 4.46 -9.31 -58.27
N LEU B 21 3.73 -9.16 -57.17
CA LEU B 21 3.65 -7.90 -56.45
C LEU B 21 4.43 -8.01 -55.16
N SER B 22 5.16 -6.94 -54.79
CA SER B 22 5.98 -6.93 -53.61
C SER B 22 5.42 -5.96 -52.58
N CYS B 23 5.56 -6.32 -51.31
CA CYS B 23 5.14 -5.49 -50.18
C CYS B 23 6.24 -5.53 -49.14
N ARG B 24 6.80 -4.36 -48.83
CA ARG B 24 7.88 -4.22 -47.87
C ARG B 24 7.36 -3.61 -46.57
N ALA B 25 7.60 -4.29 -45.46
CA ALA B 25 7.35 -3.72 -44.15
C ALA B 25 8.57 -2.93 -43.70
N SER B 26 8.33 -1.75 -43.13
CA SER B 26 9.43 -0.87 -42.75
C SER B 26 10.28 -1.47 -41.64
N GLN B 27 9.76 -2.46 -40.91
CA GLN B 27 10.54 -3.16 -39.91
C GLN B 27 10.05 -4.59 -39.84
N SER B 28 10.92 -5.47 -39.35
CA SER B 28 10.58 -6.88 -39.23
C SER B 28 9.23 -7.03 -38.54
N VAL B 29 8.40 -7.92 -39.08
CA VAL B 29 7.03 -8.07 -38.59
C VAL B 29 6.61 -9.54 -38.64
N SER B 30 7.59 -10.45 -38.62
CA SER B 30 7.34 -11.89 -38.59
C SER B 30 6.56 -12.27 -39.84
N SER B 31 5.31 -12.74 -39.73
CA SER B 31 4.60 -13.25 -40.90
C SER B 31 3.10 -12.97 -40.81
N TYR B 32 2.70 -11.89 -40.16
CA TYR B 32 1.30 -11.51 -40.06
C TYR B 32 0.96 -10.47 -41.12
N LEU B 33 0.88 -10.94 -42.36
CA LEU B 33 0.54 -10.09 -43.50
C LEU B 33 -0.65 -10.68 -44.24
N ALA B 34 -1.55 -9.81 -44.69
CA ALA B 34 -2.70 -10.23 -45.48
C ALA B 34 -2.65 -9.55 -46.84
N TRP B 35 -3.28 -10.20 -47.82
CA TRP B 35 -3.38 -9.70 -49.19
C TRP B 35 -4.84 -9.68 -49.60
N TYR B 36 -5.28 -8.53 -50.11
CA TYR B 36 -6.66 -8.31 -50.53
C TYR B 36 -6.72 -7.93 -52.00
N GLN B 37 -7.82 -8.33 -52.64
CA GLN B 37 -8.18 -7.91 -53.98
C GLN B 37 -9.36 -6.96 -53.92
N GLN B 38 -9.36 -5.96 -54.79
CA GLN B 38 -10.46 -5.00 -54.85
C GLN B 38 -10.75 -4.64 -56.29
N LYS B 39 -12.01 -4.84 -56.70
CA LYS B 39 -12.55 -4.43 -57.98
C LYS B 39 -13.18 -3.05 -57.86
N PRO B 40 -13.36 -2.34 -58.97
CA PRO B 40 -14.05 -1.04 -58.90
C PRO B 40 -15.49 -1.20 -58.41
N GLY B 41 -15.84 -0.41 -57.39
CA GLY B 41 -17.17 -0.44 -56.83
C GLY B 41 -17.43 -1.52 -55.81
N GLN B 42 -16.48 -2.42 -55.57
CA GLN B 42 -16.66 -3.51 -54.61
C GLN B 42 -15.77 -3.29 -53.40
N ALA B 43 -16.10 -4.00 -52.33
CA ALA B 43 -15.28 -3.97 -51.12
C ALA B 43 -14.04 -4.83 -51.31
N PRO B 44 -12.99 -4.59 -50.53
CA PRO B 44 -11.80 -5.45 -50.62
C PRO B 44 -12.15 -6.90 -50.34
N ARG B 45 -11.44 -7.80 -51.02
CA ARG B 45 -11.64 -9.24 -50.91
C ARG B 45 -10.36 -9.88 -50.40
N LEU B 46 -10.44 -10.60 -49.30
CA LEU B 46 -9.27 -11.22 -48.70
C LEU B 46 -8.79 -12.36 -49.58
N LEU B 47 -7.52 -12.30 -49.99
CA LEU B 47 -6.88 -13.36 -50.76
C LEU B 47 -5.99 -14.24 -49.89
N ILE B 48 -5.05 -13.62 -49.17
CA ILE B 48 -4.07 -14.34 -48.37
C ILE B 48 -4.13 -13.82 -46.96
N TYR B 49 -3.95 -14.72 -45.99
CA TYR B 49 -3.76 -14.33 -44.60
C TYR B 49 -2.58 -15.11 -44.05
N ASP B 50 -1.90 -14.50 -43.06
CA ASP B 50 -0.68 -15.08 -42.50
C ASP B 50 0.37 -15.31 -43.59
N ALA B 51 0.42 -14.38 -44.54
CA ALA B 51 1.47 -14.33 -45.56
C ALA B 51 1.32 -15.38 -46.66
N SER B 52 0.83 -16.58 -46.32
CA SER B 52 0.78 -17.66 -47.30
C SER B 52 -0.50 -18.49 -47.28
N ASN B 53 -1.41 -18.30 -46.33
CA ASN B 53 -2.64 -19.08 -46.26
C ASN B 53 -3.68 -18.46 -47.19
N ARG B 54 -4.18 -19.25 -48.14
CA ARG B 54 -5.22 -18.79 -49.05
C ARG B 54 -6.56 -18.76 -48.33
N ALA B 55 -7.25 -17.63 -48.44
CA ALA B 55 -8.57 -17.48 -47.85
C ALA B 55 -9.57 -18.42 -48.52
N THR B 56 -10.81 -18.42 -48.05
CA THR B 56 -11.81 -19.33 -48.58
C THR B 56 -12.22 -18.90 -49.98
N GLY B 57 -12.34 -19.88 -50.87
CA GLY B 57 -12.74 -19.63 -52.25
C GLY B 57 -11.65 -19.03 -53.11
N ILE B 58 -10.42 -18.94 -52.63
CA ILE B 58 -9.32 -18.35 -53.38
C ILE B 58 -8.71 -19.44 -54.25
N PRO B 59 -8.65 -19.28 -55.56
CA PRO B 59 -8.11 -20.35 -56.42
C PRO B 59 -6.61 -20.56 -56.17
N ALA B 60 -6.12 -21.68 -56.71
CA ALA B 60 -4.76 -22.11 -56.41
C ALA B 60 -3.71 -21.20 -57.04
N ARG B 61 -4.05 -20.50 -58.13
CA ARG B 61 -3.06 -19.68 -58.81
C ARG B 61 -2.57 -18.52 -57.97
N PHE B 62 -3.25 -18.19 -56.87
CA PHE B 62 -2.79 -17.17 -55.94
C PHE B 62 -1.87 -17.80 -54.91
N SER B 63 -0.72 -17.17 -54.67
CA SER B 63 0.24 -17.66 -53.69
C SER B 63 0.84 -16.47 -52.96
N GLY B 64 1.05 -16.63 -51.66
CA GLY B 64 1.69 -15.61 -50.85
C GLY B 64 2.91 -16.19 -50.16
N SER B 65 3.97 -15.39 -50.08
CA SER B 65 5.18 -15.84 -49.42
C SER B 65 5.93 -14.63 -48.87
N GLY B 66 6.96 -14.92 -48.10
CA GLY B 66 7.80 -13.89 -47.51
C GLY B 66 7.79 -13.94 -46.00
N SER B 67 8.59 -13.06 -45.41
CA SER B 67 8.77 -13.05 -43.96
C SER B 67 9.71 -11.92 -43.54
N GLY B 68 9.55 -11.46 -42.30
CA GLY B 68 10.35 -10.34 -41.82
C GLY B 68 9.86 -9.01 -42.36
N THR B 69 10.48 -8.55 -43.45
CA THR B 69 10.14 -7.27 -44.06
C THR B 69 9.75 -7.36 -45.52
N ASP B 70 10.10 -8.43 -46.22
CA ASP B 70 9.79 -8.60 -47.63
C ASP B 70 8.73 -9.67 -47.81
N PHE B 71 7.66 -9.32 -48.53
CA PHE B 71 6.56 -10.24 -48.81
C PHE B 71 6.16 -10.10 -50.26
N THR B 72 5.55 -11.16 -50.79
CA THR B 72 5.25 -11.22 -52.22
C THR B 72 3.94 -11.97 -52.45
N LEU B 73 3.18 -11.46 -53.41
CA LEU B 73 1.99 -12.14 -53.92
C LEU B 73 2.26 -12.53 -55.38
N THR B 74 1.98 -13.78 -55.72
CA THR B 74 2.24 -14.34 -57.03
C THR B 74 0.95 -14.89 -57.61
N ILE B 75 0.64 -14.50 -58.84
CA ILE B 75 -0.57 -14.93 -59.52
C ILE B 75 -0.15 -15.58 -60.83
N SER B 76 -0.23 -16.90 -60.89
CA SER B 76 0.15 -17.64 -62.09
C SER B 76 -1.02 -17.70 -63.08
N SER B 77 -0.70 -17.64 -64.36
CA SER B 77 -1.69 -17.71 -65.44
C SER B 77 -2.86 -16.75 -65.16
N LEU B 78 -2.56 -15.48 -65.36
CA LEU B 78 -3.55 -14.44 -65.11
C LEU B 78 -4.81 -14.67 -65.94
N GLU B 79 -5.95 -14.58 -65.30
CA GLU B 79 -7.24 -14.63 -65.97
C GLU B 79 -7.84 -13.24 -66.09
N PRO B 80 -8.83 -13.05 -66.96
CA PRO B 80 -9.38 -11.69 -67.15
C PRO B 80 -9.86 -11.03 -65.87
N GLU B 81 -10.44 -11.78 -64.94
CA GLU B 81 -10.99 -11.20 -63.71
C GLU B 81 -9.95 -11.01 -62.63
N ASP B 82 -8.69 -11.39 -62.86
CA ASP B 82 -7.63 -11.18 -61.89
C ASP B 82 -7.05 -9.76 -61.95
N PHE B 83 -7.51 -8.93 -62.88
CA PHE B 83 -7.02 -7.57 -63.00
C PHE B 83 -7.84 -6.66 -62.09
N ALA B 84 -7.16 -6.04 -61.13
CA ALA B 84 -7.81 -5.29 -60.06
C ALA B 84 -6.73 -4.56 -59.28
N VAL B 85 -7.08 -4.06 -58.10
CA VAL B 85 -6.11 -3.47 -57.19
C VAL B 85 -5.81 -4.47 -56.09
N TYR B 86 -4.54 -4.57 -55.71
CA TYR B 86 -4.10 -5.52 -54.70
C TYR B 86 -3.43 -4.79 -53.55
N TYR B 87 -3.91 -5.05 -52.34
CA TYR B 87 -3.43 -4.37 -51.14
C TYR B 87 -2.79 -5.38 -50.20
N CYS B 88 -1.74 -4.96 -49.49
CA CYS B 88 -1.20 -5.72 -48.38
C CYS B 88 -1.54 -5.02 -47.08
N GLN B 89 -1.67 -5.82 -46.02
CA GLN B 89 -2.13 -5.33 -44.72
C GLN B 89 -1.31 -5.95 -43.60
N GLN B 90 -0.95 -5.10 -42.63
CA GLN B 90 -0.25 -5.52 -41.43
C GLN B 90 -0.93 -4.85 -40.25
N TYR B 91 -1.71 -5.62 -39.49
CA TYR B 91 -2.52 -5.05 -38.42
C TYR B 91 -3.42 -3.96 -39.00
N GLU B 92 -3.31 -2.73 -38.48
CA GLU B 92 -4.14 -1.63 -38.94
C GLU B 92 -3.57 -0.89 -40.14
N PHE B 93 -2.39 -1.29 -40.62
CA PHE B 93 -1.67 -0.55 -41.64
C PHE B 93 -1.87 -1.21 -43.01
N PHE B 94 -2.16 -0.40 -44.02
CA PHE B 94 -2.38 -0.86 -45.38
C PHE B 94 -1.29 -0.29 -46.29
N GLY B 95 -0.85 -1.10 -47.25
CA GLY B 95 -0.05 -0.58 -48.34
C GLY B 95 -0.91 0.18 -49.33
N GLN B 96 -0.27 1.07 -50.09
CA GLN B 96 -1.00 1.92 -51.02
C GLN B 96 -1.44 1.17 -52.28
N GLY B 97 -1.17 -0.12 -52.38
CA GLY B 97 -1.73 -0.94 -53.43
C GLY B 97 -0.98 -0.86 -54.75
N THR B 98 -1.10 -1.92 -55.54
CA THR B 98 -0.61 -1.95 -56.91
C THR B 98 -1.76 -2.33 -57.84
N LYS B 99 -1.85 -1.62 -58.96
CA LYS B 99 -2.91 -1.86 -59.93
C LYS B 99 -2.40 -2.75 -61.05
N LEU B 100 -3.11 -3.85 -61.29
CA LEU B 100 -2.74 -4.81 -62.32
C LEU B 100 -3.61 -4.54 -63.55
N GLU B 101 -2.98 -4.02 -64.60
CA GLU B 101 -3.68 -3.66 -65.83
C GLU B 101 -3.40 -4.68 -66.93
N ILE B 102 -4.31 -4.76 -67.89
CA ILE B 102 -4.16 -5.68 -69.01
C ILE B 102 -3.18 -5.07 -70.02
N LYS B 103 -2.27 -5.91 -70.52
CA LYS B 103 -1.34 -5.50 -71.57
C LYS B 103 -1.88 -5.93 -72.92
N ARG B 104 -1.81 -5.02 -73.88
CA ARG B 104 -2.36 -5.22 -75.22
C ARG B 104 -1.44 -4.50 -76.20
N THR B 105 -1.78 -4.60 -77.48
CA THR B 105 -1.01 -3.91 -78.51
C THR B 105 -1.27 -2.41 -78.46
N VAL B 106 -0.26 -1.62 -78.83
CA VAL B 106 -0.41 -0.18 -78.84
C VAL B 106 -1.48 0.20 -79.86
N ALA B 107 -2.38 1.10 -79.45
CA ALA B 107 -3.44 1.60 -80.30
C ALA B 107 -3.37 3.12 -80.38
N ALA B 108 -3.71 3.65 -81.56
CA ALA B 108 -3.67 5.09 -81.76
C ALA B 108 -4.98 5.72 -81.29
N PRO B 109 -4.94 6.90 -80.65
CA PRO B 109 -6.18 7.55 -80.20
C PRO B 109 -6.89 8.25 -81.35
N SER B 110 -8.17 7.92 -81.53
CA SER B 110 -9.01 8.64 -82.48
C SER B 110 -9.47 9.93 -81.82
N VAL B 111 -8.79 11.02 -82.13
CA VAL B 111 -8.97 12.28 -81.43
C VAL B 111 -10.08 13.08 -82.09
N PHE B 112 -10.82 13.82 -81.26
CA PHE B 112 -11.88 14.71 -81.71
C PHE B 112 -11.90 15.93 -80.82
N ILE B 113 -12.55 16.99 -81.32
CA ILE B 113 -12.68 18.23 -80.57
C ILE B 113 -14.12 18.72 -80.71
N PHE B 114 -14.58 19.49 -79.71
CA PHE B 114 -15.94 19.99 -79.68
C PHE B 114 -15.90 21.42 -79.15
N PRO B 115 -16.48 22.38 -79.87
CA PRO B 115 -16.50 23.76 -79.39
C PRO B 115 -17.64 23.98 -78.41
N PRO B 116 -17.62 25.09 -77.67
CA PRO B 116 -18.75 25.39 -76.77
C PRO B 116 -20.04 25.60 -77.55
N SER B 117 -21.14 25.17 -76.93
CA SER B 117 -22.45 25.34 -77.55
C SER B 117 -22.96 26.77 -77.33
N ASP B 118 -23.95 27.15 -78.13
CA ASP B 118 -24.55 28.47 -77.99
C ASP B 118 -25.36 28.57 -76.70
N GLU B 119 -26.07 27.51 -76.34
CA GLU B 119 -26.84 27.52 -75.10
C GLU B 119 -25.94 27.78 -73.90
N GLN B 120 -24.76 27.18 -73.89
CA GLN B 120 -23.81 27.43 -72.80
C GLN B 120 -23.33 28.88 -72.81
N LEU B 121 -22.92 29.37 -73.98
CA LEU B 121 -22.49 30.76 -74.08
C LEU B 121 -23.57 31.72 -73.63
N LYS B 122 -24.83 31.33 -73.78
CA LYS B 122 -25.96 32.18 -73.36
C LYS B 122 -26.14 32.22 -71.84
N SER B 123 -25.21 31.65 -71.07
CA SER B 123 -25.30 31.65 -69.61
C SER B 123 -24.19 32.46 -68.94
N GLY B 124 -22.93 32.25 -69.32
CA GLY B 124 -21.85 33.00 -68.73
C GLY B 124 -20.45 32.51 -69.09
N THR B 125 -20.25 31.20 -69.14
CA THR B 125 -18.95 30.62 -69.41
C THR B 125 -18.97 29.78 -70.68
N ALA B 126 -17.79 29.32 -71.07
CA ALA B 126 -17.61 28.51 -72.28
C ALA B 126 -16.72 27.32 -71.96
N SER B 127 -17.13 26.14 -72.44
CA SER B 127 -16.41 24.90 -72.20
C SER B 127 -16.07 24.26 -73.53
N VAL B 128 -14.78 24.07 -73.78
CA VAL B 128 -14.28 23.38 -74.97
C VAL B 128 -13.87 21.97 -74.57
N VAL B 129 -14.20 20.99 -75.41
CA VAL B 129 -13.99 19.59 -75.06
C VAL B 129 -13.04 18.97 -76.08
N CYS B 130 -12.18 18.08 -75.59
CA CYS B 130 -11.24 17.35 -76.44
C CYS B 130 -11.26 15.89 -76.03
N LEU B 131 -11.47 14.99 -76.99
CA LEU B 131 -11.70 13.58 -76.74
C LEU B 131 -10.61 12.75 -77.36
N LEU B 132 -10.00 11.88 -76.57
CA LEU B 132 -9.09 10.84 -77.05
C LEU B 132 -9.80 9.50 -76.88
N ASN B 133 -9.90 8.74 -77.97
CA ASN B 133 -10.82 7.60 -78.03
C ASN B 133 -10.05 6.31 -78.27
N ASN B 134 -10.34 5.32 -77.43
CA ASN B 134 -9.84 3.96 -77.57
C ASN B 134 -8.37 3.94 -77.97
N PHE B 135 -7.49 4.15 -76.99
CA PHE B 135 -6.05 4.13 -77.21
C PHE B 135 -5.38 3.31 -76.11
N TYR B 136 -4.20 2.78 -76.42
CA TYR B 136 -3.40 2.07 -75.45
C TYR B 136 -1.93 2.33 -75.79
N PRO B 137 -1.07 2.68 -74.81
CA PRO B 137 -1.21 2.79 -73.36
C PRO B 137 -1.97 4.02 -72.85
N ARG B 138 -2.19 4.05 -71.54
CA ARG B 138 -3.02 5.09 -70.94
C ARG B 138 -2.37 6.46 -71.01
N GLU B 139 -1.04 6.53 -70.90
CA GLU B 139 -0.37 7.81 -70.84
C GLU B 139 -0.62 8.62 -72.10
N ALA B 140 -0.99 9.88 -71.92
CA ALA B 140 -1.28 10.78 -73.03
C ALA B 140 -1.09 12.21 -72.54
N LYS B 141 -0.36 13.01 -73.32
CA LYS B 141 -0.08 14.39 -72.96
C LYS B 141 -0.98 15.30 -73.80
N VAL B 142 -2.00 15.88 -73.16
CA VAL B 142 -2.95 16.78 -73.81
C VAL B 142 -2.54 18.21 -73.51
N GLN B 143 -2.56 19.06 -74.54
CA GLN B 143 -2.13 20.44 -74.43
C GLN B 143 -3.13 21.32 -75.14
N TRP B 144 -3.84 22.15 -74.38
CA TRP B 144 -4.72 23.15 -74.98
C TRP B 144 -3.92 24.39 -75.34
N LYS B 145 -4.25 24.99 -76.47
CA LYS B 145 -3.52 26.17 -76.92
C LYS B 145 -4.33 26.96 -77.92
N VAL B 146 -4.48 28.26 -77.66
CA VAL B 146 -5.06 29.16 -78.64
C VAL B 146 -4.03 29.32 -79.76
N ASP B 147 -3.97 28.34 -80.66
CA ASP B 147 -2.94 28.29 -81.69
C ASP B 147 -1.57 28.21 -81.03
N ASN B 148 -0.86 29.34 -80.94
CA ASN B 148 0.45 29.36 -80.29
C ASN B 148 0.38 29.68 -78.80
N ALA B 149 -0.69 30.31 -78.34
CA ALA B 149 -0.83 30.65 -76.93
C ALA B 149 -1.33 29.43 -76.18
N LEU B 150 -0.42 28.67 -75.58
CA LEU B 150 -0.81 27.42 -74.93
C LEU B 150 -1.37 27.69 -73.54
N GLN B 151 -2.30 26.83 -73.13
CA GLN B 151 -3.12 27.06 -71.95
C GLN B 151 -2.72 26.15 -70.81
N SER B 152 -2.79 26.69 -69.60
CA SER B 152 -2.62 25.92 -68.37
C SER B 152 -3.36 26.62 -67.25
N GLY B 153 -3.77 25.85 -66.26
CA GLY B 153 -4.38 26.38 -65.06
C GLY B 153 -5.89 26.25 -64.99
N ASN B 154 -6.55 25.83 -66.06
CA ASN B 154 -7.97 25.53 -65.95
C ASN B 154 -8.43 24.59 -67.05
N SER B 155 -7.78 23.43 -67.16
CA SER B 155 -8.28 22.32 -67.95
C SER B 155 -8.33 21.09 -67.06
N GLN B 156 -9.50 20.46 -66.98
CA GLN B 156 -9.70 19.28 -66.16
C GLN B 156 -9.97 18.07 -67.04
N GLU B 157 -9.38 16.93 -66.69
CA GLU B 157 -9.46 15.74 -67.53
C GLU B 157 -10.00 14.57 -66.72
N SER B 158 -10.49 13.58 -67.45
CA SER B 158 -10.97 12.32 -66.89
C SER B 158 -10.63 11.20 -67.85
N VAL B 159 -10.47 10.00 -67.29
CA VAL B 159 -10.10 8.81 -68.06
C VAL B 159 -11.03 7.67 -67.68
N THR B 160 -11.41 6.88 -68.67
CA THR B 160 -12.25 5.72 -68.42
C THR B 160 -11.41 4.53 -67.96
N GLU B 161 -12.05 3.63 -67.23
CA GLU B 161 -11.40 2.37 -66.90
C GLU B 161 -11.17 1.55 -68.17
N GLN B 162 -10.18 0.67 -68.11
CA GLN B 162 -9.83 -0.14 -69.27
C GLN B 162 -11.06 -0.88 -69.78
N ASP B 163 -11.36 -0.69 -71.06
CA ASP B 163 -12.55 -1.28 -71.65
C ASP B 163 -12.45 -2.79 -71.67
N SER B 164 -13.54 -3.46 -71.29
CA SER B 164 -13.52 -4.92 -71.18
C SER B 164 -13.42 -5.62 -72.52
N LYS B 165 -13.71 -4.92 -73.62
CA LYS B 165 -13.67 -5.55 -74.95
C LYS B 165 -12.28 -5.44 -75.57
N ASP B 166 -11.85 -4.21 -75.86
CA ASP B 166 -10.57 -3.98 -76.51
C ASP B 166 -9.48 -3.53 -75.54
N SER B 167 -9.73 -3.64 -74.23
CA SER B 167 -8.72 -3.35 -73.21
C SER B 167 -8.09 -1.97 -73.42
N THR B 168 -8.86 -1.04 -73.98
CA THR B 168 -8.35 0.29 -74.28
C THR B 168 -8.79 1.30 -73.23
N TYR B 169 -8.28 2.52 -73.37
CA TYR B 169 -8.66 3.63 -72.52
C TYR B 169 -9.29 4.73 -73.37
N SER B 170 -9.84 5.74 -72.68
CA SER B 170 -10.38 6.92 -73.33
C SER B 170 -10.29 8.09 -72.36
N LEU B 171 -10.08 9.28 -72.92
CA LEU B 171 -9.81 10.47 -72.13
C LEU B 171 -10.65 11.63 -72.63
N SER B 172 -11.08 12.48 -71.70
CA SER B 172 -11.83 13.69 -72.02
C SER B 172 -11.21 14.85 -71.26
N SER B 173 -10.94 15.94 -71.98
CA SER B 173 -10.35 17.14 -71.39
C SER B 173 -11.28 18.32 -71.65
N THR B 174 -11.63 19.04 -70.59
CA THR B 174 -12.52 20.18 -70.65
C THR B 174 -11.75 21.43 -70.25
N LEU B 175 -11.70 22.40 -71.16
CA LEU B 175 -11.13 23.71 -70.89
C LEU B 175 -12.28 24.68 -70.65
N THR B 176 -12.31 25.25 -69.44
CA THR B 176 -13.38 26.16 -69.03
C THR B 176 -12.83 27.58 -68.99
N LEU B 177 -13.50 28.50 -69.69
CA LEU B 177 -13.11 29.90 -69.72
C LEU B 177 -14.35 30.76 -69.63
N SER B 178 -14.15 32.07 -69.55
CA SER B 178 -15.26 33.01 -69.51
C SER B 178 -15.78 33.28 -70.91
N LYS B 179 -17.06 33.65 -70.98
CA LYS B 179 -17.67 34.02 -72.26
C LYS B 179 -16.86 35.11 -72.95
N ALA B 180 -16.54 36.18 -72.22
CA ALA B 180 -15.74 37.25 -72.79
C ALA B 180 -14.34 36.78 -73.14
N ASP B 181 -13.67 36.13 -72.18
CA ASP B 181 -12.35 35.57 -72.45
C ASP B 181 -12.39 34.59 -73.61
N TYR B 182 -13.53 33.96 -73.85
CA TYR B 182 -13.67 33.08 -75.01
C TYR B 182 -13.74 33.88 -76.30
N GLU B 183 -14.61 34.89 -76.34
CA GLU B 183 -14.78 35.67 -77.56
C GLU B 183 -13.62 36.61 -77.82
N LYS B 184 -12.66 36.72 -76.90
CA LYS B 184 -11.46 37.52 -77.13
C LYS B 184 -10.59 36.86 -78.20
N HIS B 185 -10.06 35.68 -77.90
CA HIS B 185 -9.20 34.97 -78.83
C HIS B 185 -10.04 34.38 -79.96
N LYS B 186 -9.43 33.54 -80.80
CA LYS B 186 -10.11 33.03 -81.98
C LYS B 186 -9.78 31.58 -82.31
N VAL B 187 -8.50 31.23 -82.36
CA VAL B 187 -8.05 29.90 -82.81
C VAL B 187 -7.84 29.05 -81.57
N TYR B 188 -8.77 28.14 -81.30
CA TYR B 188 -8.67 27.21 -80.17
C TYR B 188 -8.21 25.84 -80.67
N ALA B 189 -7.22 25.26 -79.98
CA ALA B 189 -6.60 24.04 -80.46
C ALA B 189 -6.28 23.10 -79.30
N CYS B 190 -6.13 21.82 -79.64
CA CYS B 190 -5.90 20.76 -78.67
C CYS B 190 -4.92 19.78 -79.29
N GLU B 191 -3.68 19.78 -78.82
CA GLU B 191 -2.65 18.87 -79.30
C GLU B 191 -2.49 17.70 -78.33
N VAL B 192 -2.01 16.58 -78.85
CA VAL B 192 -1.87 15.36 -78.06
C VAL B 192 -0.57 14.65 -78.43
N THR B 193 0.08 14.10 -77.41
CA THR B 193 1.23 13.21 -77.60
C THR B 193 0.90 11.85 -77.00
N HIS B 194 1.18 10.80 -77.75
CA HIS B 194 0.88 9.44 -77.35
C HIS B 194 1.89 8.49 -77.98
N GLN B 195 2.13 7.37 -77.32
CA GLN B 195 3.13 6.40 -77.78
C GLN B 195 2.76 5.74 -79.10
N GLY B 196 1.53 5.91 -79.57
CA GLY B 196 1.09 5.29 -80.81
C GLY B 196 1.05 6.26 -81.96
N LEU B 197 1.29 7.54 -81.68
CA LEU B 197 1.29 8.59 -82.70
C LEU B 197 2.73 8.95 -83.02
N SER B 198 3.11 8.80 -84.29
CA SER B 198 4.46 9.14 -84.70
C SER B 198 4.76 10.61 -84.44
N SER B 199 3.89 11.50 -84.88
CA SER B 199 4.01 12.93 -84.68
C SER B 199 2.82 13.45 -83.90
N PRO B 200 2.97 14.57 -83.19
CA PRO B 200 1.84 15.10 -82.42
C PRO B 200 0.69 15.52 -83.32
N VAL B 201 -0.47 14.90 -83.10
CA VAL B 201 -1.68 15.25 -83.83
C VAL B 201 -2.34 16.45 -83.17
N THR B 202 -2.89 17.35 -83.98
CA THR B 202 -3.52 18.57 -83.48
C THR B 202 -4.78 18.84 -84.30
N LYS B 203 -5.84 18.09 -84.00
CA LYS B 203 -7.16 18.39 -84.56
C LYS B 203 -7.80 19.52 -83.76
N SER B 204 -8.34 20.51 -84.46
CA SER B 204 -8.76 21.74 -83.80
C SER B 204 -9.74 22.48 -84.69
N PHE B 205 -10.09 23.69 -84.26
CA PHE B 205 -10.98 24.58 -84.99
C PHE B 205 -10.59 26.02 -84.69
N ASN B 206 -11.24 26.95 -85.37
CA ASN B 206 -11.18 28.36 -85.04
C ASN B 206 -12.59 28.86 -84.77
N ARG B 207 -12.69 30.03 -84.14
CA ARG B 207 -13.96 30.51 -83.61
C ARG B 207 -14.99 30.79 -84.69
N GLY B 208 -14.61 30.63 -85.96
CA GLY B 208 -15.53 30.81 -87.07
C GLY B 208 -15.76 29.55 -87.88
N PCA C 1 22.08 16.80 42.23
CA PCA C 1 22.31 16.25 40.86
CB PCA C 1 23.75 16.50 40.42
CG PCA C 1 24.52 16.79 41.70
CD PCA C 1 23.43 17.11 42.69
OE PCA C 1 23.69 17.59 43.80
C PCA C 1 22.00 14.76 40.82
O PCA C 1 22.88 13.93 41.02
H PCA C 1 21.90 17.68 42.18
HA PCA C 1 21.71 16.72 40.23
HB2 PCA C 1 23.79 17.24 39.80
HB3 PCA C 1 24.11 15.70 40.00
HG2 PCA C 1 25.13 17.55 41.57
HG3 PCA C 1 25.03 16.02 41.98
N VAL C 2 20.74 14.43 40.57
CA VAL C 2 20.30 13.04 40.55
C VAL C 2 21.04 12.28 39.46
N GLN C 3 21.55 11.10 39.79
CA GLN C 3 22.28 10.29 38.84
C GLN C 3 22.12 8.82 39.20
N LEU C 4 21.94 7.98 38.18
CA LEU C 4 21.86 6.54 38.33
C LEU C 4 22.93 5.89 37.47
N VAL C 5 23.71 4.99 38.06
CA VAL C 5 24.84 4.35 37.39
C VAL C 5 24.68 2.84 37.53
N GLN C 6 24.56 2.16 36.41
CA GLN C 6 24.35 0.71 36.40
C GLN C 6 25.65 -0.02 36.08
N SER C 7 25.69 -1.29 36.48
CA SER C 7 26.86 -2.11 36.24
C SER C 7 27.03 -2.38 34.75
N GLY C 8 28.22 -2.86 34.39
CA GLY C 8 28.54 -3.12 33.00
C GLY C 8 27.77 -4.29 32.43
N ALA C 9 27.80 -4.38 31.10
CA ALA C 9 27.11 -5.44 30.39
C ALA C 9 27.57 -6.81 30.88
N GLU C 10 26.83 -7.84 30.51
CA GLU C 10 27.15 -9.19 30.95
C GLU C 10 26.60 -10.21 29.95
N VAL C 11 27.30 -11.34 29.88
CA VAL C 11 26.93 -12.47 29.04
C VAL C 11 26.60 -13.64 29.97
N LYS C 12 25.53 -14.36 29.63
CA LYS C 12 25.12 -15.51 30.43
C LYS C 12 24.56 -16.57 29.49
N LYS C 13 24.70 -17.82 29.89
CA LYS C 13 24.16 -18.91 29.10
C LYS C 13 22.78 -19.29 29.61
N PRO C 14 21.94 -19.88 28.76
CA PRO C 14 20.57 -20.20 29.18
C PRO C 14 20.55 -21.00 30.48
N GLY C 15 19.52 -20.76 31.29
CA GLY C 15 19.39 -21.40 32.58
C GLY C 15 20.16 -20.75 33.70
N ALA C 16 21.16 -19.93 33.40
CA ALA C 16 21.94 -19.25 34.43
C ALA C 16 21.14 -18.11 35.04
N SER C 17 21.83 -17.16 35.68
CA SER C 17 21.18 -16.01 36.28
C SER C 17 22.12 -14.82 36.23
N VAL C 18 21.53 -13.64 36.09
CA VAL C 18 22.27 -12.38 36.05
C VAL C 18 21.82 -11.53 37.22
N LYS C 19 22.75 -10.71 37.73
CA LYS C 19 22.45 -9.76 38.80
C LYS C 19 23.01 -8.39 38.40
N VAL C 20 22.10 -7.51 37.97
CA VAL C 20 22.46 -6.15 37.57
C VAL C 20 22.33 -5.24 38.78
N SER C 21 23.24 -4.27 38.89
CA SER C 21 23.22 -3.30 39.97
C SER C 21 22.88 -1.92 39.44
N CYS C 22 22.59 -1.01 40.37
CA CYS C 22 22.24 0.36 40.01
C CYS C 22 22.43 1.24 41.24
N LYS C 23 23.49 2.04 41.24
CA LYS C 23 23.79 2.94 42.34
C LYS C 23 23.19 4.31 42.06
N ALA C 24 22.59 4.89 43.10
CA ALA C 24 21.93 6.18 43.00
C ALA C 24 22.73 7.24 43.75
N SER C 25 22.67 8.47 43.25
CA SER C 25 23.38 9.59 43.87
C SER C 25 22.60 10.87 43.65
N GLY C 26 22.81 11.83 44.55
CA GLY C 26 22.19 13.14 44.42
C GLY C 26 20.89 13.31 45.16
N TYR C 27 20.54 12.39 46.06
CA TYR C 27 19.28 12.47 46.79
C TYR C 27 19.27 11.37 47.85
N THR C 28 18.31 11.47 48.76
CA THR C 28 18.13 10.44 49.79
C THR C 28 17.65 9.16 49.12
N PHE C 29 18.54 8.17 49.03
CA PHE C 29 18.24 6.95 48.29
C PHE C 29 16.96 6.28 48.79
N THR C 30 16.70 6.36 50.09
CA THR C 30 15.61 5.61 50.70
C THR C 30 14.24 6.26 50.52
N GLY C 31 14.16 7.43 49.90
CA GLY C 31 12.91 8.16 49.82
C GLY C 31 12.11 8.00 48.54
N TYR C 32 12.55 7.15 47.62
CA TYR C 32 11.88 7.00 46.34
C TYR C 32 11.94 5.55 45.87
N TYR C 33 10.81 5.05 45.36
CA TYR C 33 10.77 3.72 44.80
C TYR C 33 11.70 3.63 43.60
N MET C 34 12.26 2.44 43.38
CA MET C 34 13.15 2.18 42.25
C MET C 34 12.54 1.10 41.39
N HIS C 35 12.31 1.41 40.11
CA HIS C 35 11.67 0.49 39.18
C HIS C 35 12.71 -0.11 38.24
N TRP C 36 12.39 -1.26 37.67
CA TRP C 36 13.25 -1.93 36.70
C TRP C 36 12.45 -2.19 35.44
N VAL C 37 12.92 -1.64 34.33
CA VAL C 37 12.25 -1.76 33.03
C VAL C 37 13.26 -2.29 32.02
N ARG C 38 12.90 -3.36 31.33
CA ARG C 38 13.79 -3.94 30.33
C ARG C 38 13.27 -3.67 28.92
N GLN C 39 14.17 -3.81 27.96
CA GLN C 39 13.87 -3.51 26.56
C GLN C 39 14.66 -4.48 25.68
N ALA C 40 13.93 -5.28 24.92
CA ALA C 40 14.56 -6.20 23.98
C ALA C 40 15.03 -5.44 22.74
N PRO C 41 16.03 -5.97 22.02
CA PRO C 41 16.54 -5.24 20.85
C PRO C 41 15.47 -4.86 19.86
N GLY C 42 15.21 -3.56 19.73
CA GLY C 42 14.21 -3.08 18.79
C GLY C 42 12.78 -3.37 19.18
N GLN C 43 12.49 -3.47 20.48
CA GLN C 43 11.16 -3.78 20.98
C GLN C 43 10.73 -2.72 21.98
N GLY C 44 9.47 -2.83 22.41
CA GLY C 44 8.91 -1.88 23.35
C GLY C 44 9.58 -1.96 24.72
N LEU C 45 8.98 -1.24 25.66
CA LEU C 45 9.46 -1.20 27.04
C LEU C 45 8.62 -2.13 27.90
N GLU C 46 9.29 -2.80 28.85
CA GLU C 46 8.65 -3.81 29.69
C GLU C 46 9.04 -3.57 31.14
N TRP C 47 8.07 -3.21 31.96
CA TRP C 47 8.30 -2.96 33.38
C TRP C 47 8.29 -4.28 34.14
N MET C 48 9.35 -4.54 34.90
CA MET C 48 9.53 -5.80 35.60
C MET C 48 8.98 -5.73 37.03
N GLY C 49 9.30 -4.67 37.75
CA GLY C 49 8.87 -4.53 39.13
C GLY C 49 9.44 -3.27 39.74
N TRP C 50 9.05 -3.02 40.99
CA TRP C 50 9.64 -1.94 41.77
C TRP C 50 10.01 -2.43 43.16
N ILE C 51 10.94 -1.72 43.77
CA ILE C 51 11.42 -1.99 45.12
C ILE C 51 11.38 -0.70 45.92
N ASN C 52 10.93 -0.81 47.18
CA ASN C 52 10.94 0.30 48.11
C ASN C 52 12.28 0.30 48.84
N PRO C 53 13.19 1.23 48.55
CA PRO C 53 14.52 1.18 49.18
C PRO C 53 14.52 1.48 50.66
N ASN C 54 13.38 1.89 51.23
CA ASN C 54 13.34 2.18 52.66
C ASN C 54 13.10 0.92 53.48
N SER C 55 12.23 0.03 52.99
CA SER C 55 11.86 -1.17 53.72
C SER C 55 12.24 -2.45 52.99
N GLY C 56 12.67 -2.37 51.73
CA GLY C 56 12.92 -3.57 50.96
C GLY C 56 11.68 -4.20 50.37
N GLY C 57 10.51 -3.62 50.61
CA GLY C 57 9.30 -4.13 49.98
C GLY C 57 9.43 -4.13 48.47
N THR C 58 8.72 -5.05 47.83
CA THR C 58 8.82 -5.22 46.39
C THR C 58 7.45 -5.51 45.81
N ASN C 59 7.31 -5.21 44.52
CA ASN C 59 6.13 -5.57 43.74
C ASN C 59 6.62 -6.02 42.38
N TYR C 60 6.31 -7.25 42.01
CA TYR C 60 6.85 -7.88 40.81
C TYR C 60 5.75 -8.11 39.78
N CYS C 61 6.06 -7.81 38.54
CA CYS C 61 5.19 -8.17 37.43
C CYS C 61 4.87 -9.67 37.48
N GLN C 62 3.60 -10.00 37.29
CA GLN C 62 3.17 -11.40 37.37
C GLN C 62 3.85 -12.28 36.34
N LYS C 63 4.48 -11.70 35.32
CA LYS C 63 5.21 -12.52 34.35
C LYS C 63 6.48 -13.09 34.96
N PHE C 64 7.20 -12.30 35.75
CA PHE C 64 8.50 -12.69 36.29
C PHE C 64 8.40 -13.23 37.71
N GLN C 65 7.21 -13.52 38.20
CA GLN C 65 7.05 -14.07 39.54
C GLN C 65 7.83 -15.37 39.67
N GLY C 66 8.80 -15.39 40.58
CA GLY C 66 9.60 -16.57 40.81
C GLY C 66 11.03 -16.42 40.28
N ARG C 67 11.17 -15.80 39.11
CA ARG C 67 12.47 -15.64 38.50
C ARG C 67 13.20 -14.38 38.99
N VAL C 68 12.47 -13.29 39.19
CA VAL C 68 13.07 -12.00 39.49
C VAL C 68 13.16 -11.81 41.00
N THR C 69 14.23 -11.16 41.44
CA THR C 69 14.45 -10.84 42.84
C THR C 69 15.09 -9.47 42.92
N MET C 70 14.42 -8.53 43.58
CA MET C 70 14.90 -7.17 43.70
C MET C 70 15.32 -6.90 45.15
N THR C 71 16.50 -6.32 45.31
CA THR C 71 17.05 -6.07 46.64
C THR C 71 17.73 -4.71 46.64
N ARG C 72 18.18 -4.28 47.81
CA ARG C 72 18.92 -3.02 47.90
C ARG C 72 19.87 -3.08 49.09
N ASP C 73 20.93 -2.28 48.98
CA ASP C 73 21.87 -2.04 50.07
C ASP C 73 21.94 -0.54 50.27
N THR C 74 21.40 -0.06 51.39
CA THR C 74 21.36 1.36 51.66
C THR C 74 22.71 1.92 52.11
N SER C 75 23.58 1.07 52.66
CA SER C 75 24.90 1.55 53.09
C SER C 75 25.71 2.11 51.92
N ILE C 76 25.36 1.76 50.68
CA ILE C 76 26.06 2.25 49.50
C ILE C 76 25.06 2.83 48.51
N SER C 77 23.79 2.92 48.92
CA SER C 77 22.73 3.45 48.05
C SER C 77 22.74 2.75 46.69
N THR C 78 22.42 1.45 46.74
CA THR C 78 22.45 0.63 45.54
C THR C 78 21.25 -0.30 45.51
N ALA C 79 20.72 -0.54 44.31
CA ALA C 79 19.66 -1.50 44.09
C ALA C 79 20.19 -2.63 43.20
N TYR C 80 19.57 -3.79 43.31
CA TYR C 80 19.99 -4.97 42.56
C TYR C 80 18.76 -5.67 42.01
N MET C 81 18.86 -6.12 40.76
CA MET C 81 17.84 -6.92 40.10
C MET C 81 18.49 -8.22 39.64
N GLU C 82 17.98 -9.33 40.13
CA GLU C 82 18.50 -10.65 39.78
C GLU C 82 17.43 -11.42 39.01
N LEU C 83 17.81 -11.92 37.84
CA LEU C 83 16.90 -12.68 36.99
C LEU C 83 17.55 -14.02 36.66
N SER C 84 16.86 -15.10 37.00
CA SER C 84 17.37 -16.46 36.85
C SER C 84 16.57 -17.20 35.79
N ARG C 85 16.98 -18.45 35.53
CA ARG C 85 16.35 -19.27 34.51
C ARG C 85 16.33 -18.54 33.17
N LEU C 86 17.49 -17.97 32.82
CA LEU C 86 17.59 -17.12 31.65
C LEU C 86 17.20 -17.87 30.38
N ARG C 87 16.66 -17.12 29.42
CA ARG C 87 16.24 -17.66 28.14
C ARG C 87 16.77 -16.76 27.03
N SER C 88 16.66 -17.24 25.79
CA SER C 88 17.11 -16.44 24.65
C SER C 88 16.32 -15.15 24.54
N ASP C 89 14.99 -15.23 24.67
CA ASP C 89 14.16 -14.03 24.62
C ASP C 89 14.36 -13.13 25.83
N ASP C 90 15.14 -13.56 26.82
CA ASP C 90 15.44 -12.73 27.98
C ASP C 90 16.56 -11.73 27.71
N THR C 91 17.25 -11.84 26.57
CA THR C 91 18.29 -10.88 26.21
C THR C 91 17.68 -9.48 26.09
N ALA C 92 18.30 -8.51 26.76
CA ALA C 92 17.73 -7.17 26.73
C ALA C 92 18.63 -6.20 27.49
N VAL C 93 18.29 -4.92 27.37
CA VAL C 93 18.88 -3.85 28.19
C VAL C 93 17.96 -3.61 29.36
N TYR C 94 18.49 -3.67 30.57
CA TYR C 94 17.74 -3.49 31.80
C TYR C 94 18.10 -2.13 32.39
N TYR C 95 17.07 -1.29 32.61
CA TYR C 95 17.23 0.03 33.20
C TYR C 95 16.64 0.04 34.60
N CYS C 96 17.32 0.72 35.51
CA CYS C 96 16.71 1.17 36.74
C CYS C 96 16.23 2.60 36.56
N ALA C 97 15.03 2.88 37.06
CA ALA C 97 14.40 4.18 36.89
C ALA C 97 13.83 4.67 38.21
N ARG C 98 13.74 5.99 38.34
CA ARG C 98 13.19 6.63 39.52
C ARG C 98 12.16 7.67 39.10
N GLY C 99 11.03 7.67 39.78
CA GLY C 99 9.98 8.64 39.49
C GLY C 99 10.44 10.06 39.75
N LYS C 100 9.65 11.00 39.22
CA LYS C 100 9.94 12.41 39.41
C LYS C 100 9.78 12.83 40.87
N ASN C 101 8.77 12.29 41.55
CA ASN C 101 8.45 12.67 42.91
C ASN C 101 7.80 11.50 43.63
N SER C 102 7.53 11.67 44.92
CA SER C 102 6.77 10.68 45.67
C SER C 102 5.36 10.55 45.13
N ASP C 103 4.78 11.64 44.65
CA ASP C 103 3.47 11.57 43.99
C ASP C 103 3.60 10.99 42.59
N TYR C 104 4.40 11.62 41.74
CA TYR C 104 4.60 11.17 40.36
C TYR C 104 5.62 10.03 40.33
N ASN C 105 5.28 8.94 41.00
CA ASN C 105 6.20 7.82 41.14
C ASN C 105 6.38 7.06 39.83
N TRP C 106 5.35 7.00 38.99
CA TRP C 106 5.40 6.25 37.74
C TRP C 106 5.86 7.09 36.56
N ASP C 107 6.14 8.37 36.76
CA ASP C 107 6.65 9.24 35.69
C ASP C 107 8.17 9.21 35.79
N PHE C 108 8.78 8.26 35.07
CA PHE C 108 10.21 8.00 35.20
C PHE C 108 11.06 9.15 34.66
N GLN C 109 11.33 10.13 35.52
CA GLN C 109 12.17 11.26 35.13
C GLN C 109 13.64 10.85 35.01
N HIS C 110 14.09 9.90 35.83
CA HIS C 110 15.50 9.57 35.92
C HIS C 110 15.72 8.10 35.55
N TRP C 111 16.63 7.86 34.62
CA TRP C 111 16.98 6.52 34.17
C TRP C 111 18.48 6.32 34.31
N GLY C 112 18.88 5.07 34.50
CA GLY C 112 20.27 4.71 34.35
C GLY C 112 20.63 4.52 32.90
N GLN C 113 21.94 4.40 32.64
CA GLN C 113 22.38 4.21 31.26
C GLN C 113 21.97 2.85 30.70
N GLY C 114 21.42 1.97 31.52
CA GLY C 114 21.07 0.64 31.06
C GLY C 114 22.23 -0.32 31.12
N THR C 115 21.91 -1.58 31.39
CA THR C 115 22.89 -2.66 31.41
C THR C 115 22.44 -3.72 30.42
N LEU C 116 23.31 -4.03 29.46
CA LEU C 116 23.00 -5.01 28.43
C LEU C 116 23.30 -6.41 28.95
N VAL C 117 22.31 -7.29 28.88
CA VAL C 117 22.44 -8.68 29.28
C VAL C 117 22.14 -9.54 28.06
N THR C 118 23.13 -10.33 27.65
CA THR C 118 23.03 -11.19 26.48
C THR C 118 22.98 -12.64 26.93
N VAL C 119 21.86 -13.31 26.64
CA VAL C 119 21.63 -14.68 27.05
C VAL C 119 21.83 -15.57 25.83
N SER C 120 22.99 -16.23 25.77
CA SER C 120 23.28 -17.15 24.68
C SER C 120 24.56 -17.91 25.01
N SER C 121 24.66 -19.13 24.50
CA SER C 121 25.82 -19.99 24.73
C SER C 121 26.87 -19.68 23.67
N ALA C 122 27.70 -18.68 23.94
CA ALA C 122 28.77 -18.29 23.05
C ALA C 122 29.92 -17.71 23.87
N SER C 123 31.12 -17.84 23.33
CA SER C 123 32.33 -17.46 24.06
C SER C 123 32.87 -16.13 23.54
N THR C 124 33.39 -15.32 24.45
CA THR C 124 34.02 -14.06 24.09
C THR C 124 35.12 -14.31 23.06
N LYS C 125 35.20 -13.41 22.07
CA LYS C 125 36.20 -13.53 21.03
C LYS C 125 36.63 -12.14 20.59
N GLY C 126 37.93 -11.99 20.34
CA GLY C 126 38.46 -10.73 19.91
C GLY C 126 38.06 -10.40 18.48
N PRO C 127 38.00 -9.12 18.14
CA PRO C 127 37.56 -8.73 16.80
C PRO C 127 38.69 -8.79 15.77
N SER C 128 38.36 -9.29 14.59
CA SER C 128 39.24 -9.22 13.45
C SER C 128 39.02 -7.88 12.75
N VAL C 129 40.06 -7.06 12.69
CA VAL C 129 39.98 -5.72 12.13
C VAL C 129 40.66 -5.73 10.77
N PHE C 130 39.92 -5.33 9.74
CA PHE C 130 40.43 -5.25 8.39
C PHE C 130 40.23 -3.85 7.83
N PRO C 131 41.01 -3.44 6.84
CA PRO C 131 40.82 -2.13 6.23
C PRO C 131 39.89 -2.19 5.01
N LEU C 132 39.47 -1.01 4.57
CA LEU C 132 38.68 -0.84 3.35
C LEU C 132 39.31 0.30 2.57
N ALA C 133 40.10 -0.03 1.56
CA ALA C 133 40.92 0.97 0.88
C ALA C 133 40.09 1.77 -0.13
N PRO C 134 40.54 2.98 -0.45
CA PRO C 134 39.83 3.78 -1.46
C PRO C 134 40.27 3.42 -2.87
N SER C 135 39.33 3.60 -3.80
CA SER C 135 39.60 3.31 -5.21
C SER C 135 40.39 4.45 -5.85
N GLY C 142 36.91 12.87 -6.54
CA GLY C 142 36.47 14.05 -5.83
C GLY C 142 36.30 13.82 -4.34
N THR C 143 35.65 12.71 -3.99
CA THR C 143 35.44 12.34 -2.59
C THR C 143 35.41 10.82 -2.49
N ALA C 144 36.33 10.27 -1.71
CA ALA C 144 36.45 8.83 -1.52
C ALA C 144 35.96 8.47 -0.12
N ALA C 145 35.94 7.17 0.15
CA ALA C 145 35.47 6.64 1.42
C ALA C 145 36.46 5.59 1.94
N LEU C 146 36.92 5.77 3.17
CA LEU C 146 37.73 4.78 3.87
C LEU C 146 36.86 4.10 4.92
N GLY C 147 37.42 3.07 5.55
CA GLY C 147 36.67 2.40 6.60
C GLY C 147 37.44 1.22 7.14
N CYS C 148 36.92 0.72 8.26
CA CYS C 148 37.42 -0.49 8.90
C CYS C 148 36.27 -1.48 9.08
N LEU C 149 36.62 -2.76 9.09
CA LEU C 149 35.66 -3.85 9.22
C LEU C 149 35.99 -4.64 10.47
N VAL C 150 35.07 -4.67 11.42
CA VAL C 150 35.23 -5.37 12.68
C VAL C 150 34.38 -6.64 12.59
N LYS C 151 35.03 -7.78 12.44
CA LYS C 151 34.36 -9.04 12.11
C LYS C 151 34.58 -10.07 13.20
N ASP C 152 33.58 -10.93 13.41
CA ASP C 152 33.70 -12.10 14.25
C ASP C 152 34.24 -11.72 15.64
N TYR C 153 33.39 -11.04 16.39
CA TYR C 153 33.70 -10.64 17.75
C TYR C 153 32.50 -10.90 18.64
N PHE C 154 32.75 -10.90 19.95
CA PHE C 154 31.74 -11.17 20.95
C PHE C 154 32.33 -10.77 22.30
N PRO C 155 31.56 -10.15 23.19
CA PRO C 155 30.14 -9.76 23.18
C PRO C 155 29.84 -8.52 22.32
N GLU C 156 28.61 -8.01 22.40
CA GLU C 156 28.12 -6.97 21.50
C GLU C 156 28.79 -5.61 21.67
N PRO C 157 29.13 -5.16 22.89
CA PRO C 157 29.66 -3.80 23.02
C PRO C 157 31.02 -3.66 22.34
N VAL C 158 31.08 -2.82 21.32
CA VAL C 158 32.32 -2.51 20.62
C VAL C 158 32.34 -1.00 20.35
N THR C 159 33.54 -0.43 20.38
CA THR C 159 33.73 1.00 20.17
C THR C 159 34.68 1.20 18.98
N VAL C 160 34.37 2.19 18.16
CA VAL C 160 35.20 2.57 17.03
C VAL C 160 35.51 4.06 17.12
N SER C 161 36.73 4.43 16.77
CA SER C 161 37.14 5.82 16.69
C SER C 161 37.95 6.00 15.41
N TRP C 162 38.32 7.25 15.13
CA TRP C 162 39.12 7.57 13.96
C TRP C 162 40.07 8.71 14.34
N ASN C 163 41.37 8.45 14.24
CA ASN C 163 42.40 9.40 14.65
C ASN C 163 42.24 9.77 16.12
N SER C 164 41.83 8.80 16.94
CA SER C 164 41.68 8.95 18.38
C SER C 164 40.65 10.00 18.76
N GLY C 165 39.84 10.46 17.82
CA GLY C 165 38.88 11.52 18.05
C GLY C 165 39.14 12.78 17.25
N ALA C 166 40.29 12.90 16.59
CA ALA C 166 40.60 14.07 15.77
C ALA C 166 39.88 14.06 14.43
N LEU C 167 39.02 13.07 14.18
CA LEU C 167 38.26 13.01 12.93
C LEU C 167 36.91 12.39 13.23
N THR C 168 35.86 13.22 13.26
CA THR C 168 34.50 12.75 13.46
C THR C 168 33.54 13.19 12.35
N SER C 169 33.91 14.18 11.54
CA SER C 169 33.04 14.65 10.46
C SER C 169 33.00 13.62 9.35
N GLY C 170 31.79 13.18 9.00
CA GLY C 170 31.62 12.22 7.93
C GLY C 170 31.81 10.78 8.32
N VAL C 171 31.65 10.45 9.61
CA VAL C 171 31.85 9.09 10.11
C VAL C 171 30.51 8.41 10.24
N HIS C 172 30.46 7.12 9.89
CA HIS C 172 29.26 6.31 10.06
C HIS C 172 29.69 4.93 10.56
N THR C 173 29.36 4.62 11.82
CA THR C 173 29.61 3.31 12.39
C THR C 173 28.27 2.55 12.40
N PHE C 174 28.17 1.57 11.51
CA PHE C 174 26.91 0.85 11.35
C PHE C 174 26.67 -0.08 12.53
N PRO C 175 25.41 -0.38 12.83
CA PRO C 175 25.13 -1.32 13.91
C PRO C 175 25.61 -2.72 13.56
N ALA C 176 25.96 -3.48 14.59
CA ALA C 176 26.45 -4.83 14.38
C ALA C 176 25.34 -5.73 13.85
N VAL C 177 25.75 -6.83 13.21
CA VAL C 177 24.84 -7.84 12.71
C VAL C 177 25.37 -9.21 13.14
N LEU C 178 24.47 -10.07 13.60
CA LEU C 178 24.84 -11.42 14.02
C LEU C 178 24.96 -12.29 12.77
N GLN C 179 26.17 -12.75 12.48
CA GLN C 179 26.40 -13.58 11.31
C GLN C 179 25.92 -15.01 11.58
N SER C 180 26.04 -15.87 10.58
CA SER C 180 25.65 -17.26 10.74
C SER C 180 26.49 -17.98 11.80
N SER C 181 27.68 -17.47 12.11
CA SER C 181 28.54 -18.03 13.14
C SER C 181 28.17 -17.55 14.53
N GLY C 182 27.04 -16.89 14.69
CA GLY C 182 26.66 -16.37 16.00
C GLY C 182 27.53 -15.26 16.53
N LEU C 183 28.43 -14.72 15.70
CA LEU C 183 29.30 -13.62 16.10
C LEU C 183 28.86 -12.34 15.39
N TYR C 184 29.27 -11.22 15.97
CA TYR C 184 28.89 -9.91 15.46
C TYR C 184 29.89 -9.42 14.43
N SER C 185 29.41 -8.55 13.55
CA SER C 185 30.25 -7.97 12.51
C SER C 185 29.67 -6.62 12.09
N LEU C 186 30.49 -5.59 12.14
CA LEU C 186 30.08 -4.25 11.70
C LEU C 186 31.19 -3.65 10.86
N SER C 187 30.89 -2.51 10.26
CA SER C 187 31.86 -1.71 9.53
C SER C 187 31.69 -0.25 9.93
N SER C 188 32.81 0.47 10.00
CA SER C 188 32.81 1.89 10.33
C SER C 188 33.52 2.62 9.19
N VAL C 189 32.77 3.44 8.46
CA VAL C 189 33.30 4.14 7.29
C VAL C 189 33.42 5.62 7.60
N VAL C 190 34.18 6.31 6.77
CA VAL C 190 34.38 7.75 6.88
C VAL C 190 34.68 8.30 5.49
N THR C 191 33.98 9.38 5.14
CA THR C 191 34.18 10.03 3.85
C THR C 191 35.28 11.07 3.95
N VAL C 192 36.10 11.15 2.90
CA VAL C 192 37.28 12.02 2.90
C VAL C 192 37.47 12.60 1.49
N PRO C 193 37.85 13.86 1.35
CA PRO C 193 38.12 14.39 0.01
C PRO C 193 39.15 13.55 -0.74
N SER C 194 38.99 13.47 -2.06
CA SER C 194 39.91 12.68 -2.87
C SER C 194 41.36 13.09 -2.62
N SER C 195 41.62 14.40 -2.56
CA SER C 195 42.93 14.86 -2.15
C SER C 195 43.12 14.64 -0.65
N SER C 196 44.38 14.53 -0.25
CA SER C 196 44.84 14.22 1.10
C SER C 196 45.02 12.71 1.30
N LEU C 197 44.58 11.89 0.36
CA LEU C 197 44.80 10.44 0.48
C LEU C 197 46.29 10.12 0.53
N GLY C 198 47.10 10.87 -0.22
CA GLY C 198 48.53 10.64 -0.26
C GLY C 198 49.31 11.49 0.72
N THR C 199 48.62 12.06 1.71
CA THR C 199 49.26 12.87 2.73
C THR C 199 48.66 12.59 4.11
N GLN C 200 47.39 12.96 4.28
CA GLN C 200 46.72 12.73 5.55
C GLN C 200 46.73 11.25 5.91
N THR C 201 46.95 10.97 7.19
CA THR C 201 46.91 9.60 7.71
C THR C 201 45.58 9.37 8.42
N TYR C 202 44.98 8.21 8.16
CA TYR C 202 43.68 7.87 8.72
C TYR C 202 43.78 6.55 9.45
N ILE C 203 43.55 6.58 10.76
CA ILE C 203 43.68 5.41 11.63
C ILE C 203 42.34 5.18 12.32
N CYS C 204 41.86 3.94 12.29
CA CYS C 204 40.67 3.54 13.02
C CYS C 204 41.11 2.80 14.28
N ASN C 205 40.58 3.23 15.42
CA ASN C 205 40.97 2.72 16.74
C ASN C 205 39.84 1.88 17.30
N VAL C 206 39.70 0.66 16.78
CA VAL C 206 38.69 -0.25 17.29
C VAL C 206 39.05 -0.66 18.71
N ASN C 207 38.05 -0.68 19.59
CA ASN C 207 38.27 -0.98 21.01
C ASN C 207 37.23 -1.98 21.48
N HIS C 208 37.68 -3.18 21.84
CA HIS C 208 36.84 -4.21 22.43
C HIS C 208 37.28 -4.38 23.88
N LYS C 209 36.45 -3.90 24.81
CA LYS C 209 36.76 -3.90 26.24
C LYS C 209 36.64 -5.30 26.84
N PRO C 210 35.53 -6.02 26.61
CA PRO C 210 35.41 -7.38 27.19
C PRO C 210 36.46 -8.36 26.71
N SER C 211 37.36 -7.98 25.79
CA SER C 211 38.50 -8.81 25.43
C SER C 211 39.83 -8.10 25.62
N ASN C 212 39.80 -6.85 26.11
CA ASN C 212 41.01 -6.06 26.35
C ASN C 212 41.86 -5.96 25.08
N THR C 213 41.27 -5.32 24.06
CA THR C 213 41.96 -5.15 22.79
C THR C 213 41.69 -3.76 22.23
N LYS C 214 42.75 -3.13 21.73
CA LYS C 214 42.64 -1.84 21.04
C LYS C 214 43.46 -1.97 19.75
N VAL C 215 42.77 -2.22 18.64
CA VAL C 215 43.42 -2.38 17.34
C VAL C 215 43.37 -1.05 16.63
N ASP C 216 44.55 -0.46 16.41
CA ASP C 216 44.68 0.79 15.66
C ASP C 216 45.20 0.43 14.27
N LYS C 217 44.33 0.50 13.27
CA LYS C 217 44.65 0.06 11.91
C LYS C 217 44.63 1.25 10.96
N ARG C 218 45.63 1.31 10.09
CA ARG C 218 45.72 2.36 9.08
C ARG C 218 45.12 1.86 7.76
N VAL C 219 44.49 2.79 7.04
CA VAL C 219 43.89 2.49 5.74
C VAL C 219 44.65 3.33 4.70
N GLU C 220 45.42 2.66 3.86
CA GLU C 220 46.18 3.30 2.80
C GLU C 220 45.48 3.11 1.45
N PRO C 221 45.88 3.87 0.43
CA PRO C 221 45.31 3.71 -0.92
C PRO C 221 45.45 2.28 -1.45
N GLU D 1 -7.82 -6.31 31.36
CA GLU D 1 -6.45 -5.86 30.98
C GLU D 1 -6.40 -4.34 30.82
N ILE D 2 -5.19 -3.79 30.88
CA ILE D 2 -4.94 -2.38 30.59
C ILE D 2 -4.01 -2.36 29.38
N VAL D 3 -4.57 -2.12 28.20
CA VAL D 3 -3.82 -2.07 26.96
C VAL D 3 -3.74 -0.62 26.49
N LEU D 4 -2.54 -0.17 26.17
CA LEU D 4 -2.30 1.15 25.61
C LEU D 4 -1.88 0.98 24.15
N THR D 5 -2.69 1.50 23.24
CA THR D 5 -2.44 1.40 21.81
C THR D 5 -2.09 2.78 21.27
N GLN D 6 -0.91 2.90 20.68
CA GLN D 6 -0.47 4.15 20.09
C GLN D 6 -0.77 4.17 18.60
N SER D 7 -0.91 5.39 18.06
CA SER D 7 -1.25 5.54 16.66
C SER D 7 -0.76 6.89 16.17
N PRO D 8 -0.22 6.97 14.93
CA PRO D 8 0.04 5.85 14.03
C PRO D 8 1.25 5.04 14.50
N ALA D 9 1.51 3.91 13.84
CA ALA D 9 2.69 3.12 14.19
C ALA D 9 3.97 3.86 13.80
N THR D 10 4.03 4.34 12.56
CA THR D 10 5.15 5.12 12.06
C THR D 10 4.66 6.48 11.58
N LEU D 11 5.57 7.44 11.52
CA LEU D 11 5.22 8.79 11.11
C LEU D 11 6.43 9.44 10.46
N SER D 12 6.20 10.14 9.36
CA SER D 12 7.26 10.80 8.60
C SER D 12 6.76 12.21 8.25
N LEU D 13 7.39 13.21 8.84
CA LEU D 13 6.98 14.60 8.65
C LEU D 13 8.20 15.49 8.53
N SER D 14 8.10 16.51 7.69
CA SER D 14 9.22 17.41 7.45
C SER D 14 9.36 18.41 8.60
N PRO D 15 10.54 19.01 8.76
CA PRO D 15 10.70 20.05 9.78
C PRO D 15 9.70 21.18 9.58
N GLY D 16 9.24 21.74 10.71
CA GLY D 16 8.25 22.78 10.71
C GLY D 16 6.83 22.28 10.81
N GLU D 17 6.55 21.08 10.34
CA GLU D 17 5.20 20.54 10.39
C GLU D 17 4.81 20.19 11.82
N ARG D 18 3.55 19.80 11.99
CA ARG D 18 2.98 19.46 13.28
C ARG D 18 2.76 17.95 13.35
N ALA D 19 3.33 17.32 14.37
CA ALA D 19 3.16 15.89 14.61
C ALA D 19 2.14 15.68 15.71
N THR D 20 1.20 14.77 15.46
CA THR D 20 0.13 14.46 16.42
C THR D 20 0.08 12.95 16.62
N LEU D 21 0.53 12.50 17.79
CA LEU D 21 0.48 11.09 18.17
C LEU D 21 -0.63 10.88 19.19
N SER D 22 -1.28 9.72 19.11
CA SER D 22 -2.41 9.40 19.97
C SER D 22 -2.14 8.13 20.74
N CYS D 23 -2.62 8.09 21.98
CA CYS D 23 -2.51 6.93 22.85
C CYS D 23 -3.90 6.63 23.40
N ARG D 24 -4.42 5.45 23.10
CA ARG D 24 -5.75 5.04 23.52
C ARG D 24 -5.63 3.92 24.55
N ALA D 25 -6.26 4.13 25.70
CA ALA D 25 -6.29 3.13 26.76
C ALA D 25 -7.61 2.37 26.71
N SER D 26 -7.57 1.12 27.17
CA SER D 26 -8.77 0.29 27.19
C SER D 26 -9.76 0.71 28.27
N GLN D 27 -9.36 1.57 29.20
CA GLN D 27 -10.21 1.99 30.30
C GLN D 27 -9.98 3.49 30.56
N SER D 28 -10.76 4.04 31.48
CA SER D 28 -10.66 5.47 31.77
C SER D 28 -9.30 5.83 32.33
N VAL D 29 -8.78 5.00 33.25
CA VAL D 29 -7.44 5.14 33.81
C VAL D 29 -7.11 6.59 34.15
N SER D 30 -8.12 7.36 34.53
CA SER D 30 -7.92 8.73 35.01
C SER D 30 -7.10 9.51 33.98
N SER D 31 -6.29 10.46 34.43
CA SER D 31 -5.42 11.24 33.56
C SER D 31 -3.97 11.15 34.00
N TYR D 32 -3.58 10.01 34.57
CA TYR D 32 -2.19 9.77 34.97
C TYR D 32 -1.48 9.05 33.82
N LEU D 33 -1.13 9.82 32.80
CA LEU D 33 -0.43 9.29 31.63
C LEU D 33 0.81 10.13 31.36
N ALA D 34 1.90 9.46 31.01
CA ALA D 34 3.15 10.11 30.69
C ALA D 34 3.55 9.81 29.26
N TRP D 35 4.38 10.70 28.71
CA TRP D 35 4.95 10.55 27.38
C TRP D 35 6.46 10.63 27.48
N TYR D 36 7.14 9.70 26.81
CA TYR D 36 8.59 9.64 26.74
C TYR D 36 9.06 9.70 25.29
N GLN D 37 10.26 10.26 25.12
CA GLN D 37 11.00 10.21 23.86
C GLN D 37 12.23 9.34 24.05
N GLN D 38 12.53 8.50 23.06
CA GLN D 38 13.70 7.63 23.12
C GLN D 38 14.39 7.68 21.77
N LYS D 39 15.63 8.14 21.76
CA LYS D 39 16.46 8.08 20.57
C LYS D 39 17.32 6.83 20.60
N PRO D 40 17.81 6.38 19.45
CA PRO D 40 18.59 5.13 19.42
C PRO D 40 19.79 5.18 20.35
N GLY D 41 19.90 4.15 21.19
CA GLY D 41 21.03 4.03 22.09
C GLY D 41 20.97 4.90 23.33
N GLN D 42 19.78 5.36 23.71
CA GLN D 42 19.62 6.22 24.88
C GLN D 42 18.44 5.75 25.70
N ALA D 43 18.55 5.92 27.01
CA ALA D 43 17.41 5.67 27.88
C ALA D 43 16.29 6.64 27.51
N PRO D 44 15.03 6.22 27.58
CA PRO D 44 13.94 7.15 27.26
C PRO D 44 14.01 8.40 28.11
N ARG D 45 13.52 9.51 27.54
CA ARG D 45 13.46 10.79 28.23
C ARG D 45 12.01 11.16 28.46
N LEU D 46 11.68 11.51 29.71
CA LEU D 46 10.32 11.89 30.05
C LEU D 46 9.99 13.23 29.40
N LEU D 47 8.95 13.23 28.56
CA LEU D 47 8.45 14.47 27.96
C LEU D 47 7.33 15.07 28.78
N ILE D 48 6.28 14.28 29.02
CA ILE D 48 5.06 14.77 29.65
C ILE D 48 4.69 13.85 30.80
N TYR D 49 4.11 14.44 31.84
CA TYR D 49 3.53 13.68 32.94
C TYR D 49 2.16 14.26 33.29
N ASP D 50 1.29 13.40 33.82
CA ASP D 50 -0.08 13.79 34.11
C ASP D 50 -0.77 14.36 32.87
N ALA D 51 -0.52 13.73 31.72
CA ALA D 51 -1.23 13.99 30.48
C ALA D 51 -0.82 15.30 29.80
N SER D 52 -0.52 16.35 30.58
CA SER D 52 -0.32 17.68 30.01
C SER D 52 0.77 18.51 30.67
N ASN D 53 1.48 18.00 31.68
CA ASN D 53 2.53 18.76 32.33
C ASN D 53 3.87 18.48 31.66
N ARG D 54 4.59 19.56 31.31
CA ARG D 54 5.87 19.43 30.62
C ARG D 54 6.96 19.15 31.63
N ALA D 55 7.76 18.11 31.38
CA ALA D 55 8.85 17.77 32.25
C ALA D 55 9.95 18.84 32.19
N THR D 56 10.86 18.78 33.16
CA THR D 56 11.92 19.77 33.26
C THR D 56 12.80 19.76 32.01
N GLY D 57 13.19 20.94 31.56
CA GLY D 57 14.10 21.06 30.44
C GLY D 57 13.54 20.58 29.12
N ILE D 58 12.23 20.46 29.00
CA ILE D 58 11.59 19.98 27.77
C ILE D 58 11.16 21.19 26.95
N PRO D 59 11.56 21.29 25.69
CA PRO D 59 11.14 22.43 24.87
C PRO D 59 9.62 22.59 24.88
N ALA D 60 9.18 23.85 24.85
CA ALA D 60 7.76 24.13 24.93
C ALA D 60 6.99 23.66 23.70
N ARG D 61 7.66 23.23 22.64
CA ARG D 61 6.94 22.75 21.46
C ARG D 61 6.29 21.39 21.70
N PHE D 62 6.69 20.67 22.75
CA PHE D 62 6.05 19.42 23.13
C PHE D 62 4.88 19.72 24.07
N SER D 63 3.69 19.22 23.72
CA SER D 63 2.52 19.42 24.57
C SER D 63 1.71 18.14 24.63
N GLY D 64 0.98 17.98 25.73
CA GLY D 64 0.15 16.80 25.93
C GLY D 64 -1.24 17.19 26.39
N SER D 65 -2.21 16.39 25.95
CA SER D 65 -3.60 16.64 26.30
C SER D 65 -4.35 15.33 26.31
N GLY D 66 -5.61 15.38 26.73
CA GLY D 66 -6.49 14.23 26.71
C GLY D 66 -6.84 13.77 28.12
N SER D 67 -7.69 12.75 28.16
CA SER D 67 -8.17 12.20 29.41
C SER D 67 -9.05 11.00 29.11
N GLY D 68 -9.22 10.14 30.12
CA GLY D 68 -10.07 8.98 29.99
C GLY D 68 -9.52 7.95 29.03
N THR D 69 -10.05 7.94 27.80
CA THR D 69 -9.64 6.97 26.79
C THR D 69 -8.56 7.52 25.86
N ASP D 70 -8.76 8.72 25.32
CA ASP D 70 -7.87 9.29 24.32
C ASP D 70 -6.89 10.26 24.96
N PHE D 71 -5.61 10.11 24.62
CA PHE D 71 -4.58 11.07 24.98
C PHE D 71 -3.79 11.41 23.72
N THR D 72 -3.19 12.59 23.73
CA THR D 72 -2.51 13.10 22.54
C THR D 72 -1.22 13.80 22.94
N LEU D 73 -0.17 13.54 22.17
CA LEU D 73 1.08 14.27 22.23
C LEU D 73 1.26 15.04 20.92
N THR D 74 1.48 16.35 21.02
CA THR D 74 1.67 17.19 19.86
C THR D 74 3.06 17.83 19.90
N ILE D 75 3.77 17.72 18.79
CA ILE D 75 5.01 18.45 18.56
C ILE D 75 4.70 19.49 17.49
N SER D 76 4.65 20.76 17.90
CA SER D 76 4.15 21.80 17.00
C SER D 76 5.08 22.00 15.81
N SER D 77 6.31 22.46 16.06
CA SER D 77 7.27 22.74 15.00
C SER D 77 8.39 21.71 15.09
N LEU D 78 8.32 20.69 14.24
CA LEU D 78 9.34 19.65 14.23
C LEU D 78 10.70 20.24 13.89
N GLU D 79 11.69 19.93 14.72
CA GLU D 79 13.08 20.20 14.42
C GLU D 79 13.73 18.95 13.83
N PRO D 80 14.85 19.10 13.13
CA PRO D 80 15.52 17.91 12.58
C PRO D 80 15.88 16.87 13.62
N GLU D 81 16.06 17.25 14.88
CA GLU D 81 16.56 16.35 15.92
C GLU D 81 15.44 15.58 16.64
N ASP D 82 14.22 15.59 16.12
CA ASP D 82 13.09 15.02 16.82
C ASP D 82 12.74 13.61 16.38
N PHE D 83 13.45 13.05 15.42
CA PHE D 83 13.22 11.66 15.04
C PHE D 83 13.50 10.74 16.22
N ALA D 84 12.57 9.85 16.53
CA ALA D 84 12.73 9.00 17.71
C ALA D 84 11.50 8.11 17.90
N VAL D 85 11.55 7.22 18.90
CA VAL D 85 10.40 6.42 19.28
C VAL D 85 9.74 7.12 20.46
N TYR D 86 8.45 7.41 20.34
CA TYR D 86 7.69 8.07 21.38
C TYR D 86 6.74 7.06 22.02
N TYR D 87 6.79 6.97 23.35
CA TYR D 87 6.01 6.01 24.11
C TYR D 87 5.05 6.74 25.05
N CYS D 88 3.89 6.12 25.29
CA CYS D 88 3.00 6.54 26.36
C CYS D 88 3.03 5.51 27.48
N GLN D 89 2.79 5.97 28.70
CA GLN D 89 2.89 5.14 29.89
C GLN D 89 1.72 5.43 30.82
N GLN D 90 1.08 4.37 31.29
CA GLN D 90 0.03 4.44 32.31
C GLN D 90 0.42 3.46 33.41
N TYR D 91 0.92 3.97 34.53
CA TYR D 91 1.38 3.15 35.65
C TYR D 91 2.47 2.23 35.11
N GLU D 92 2.34 0.91 35.19
CA GLU D 92 3.35 -0.02 34.71
C GLU D 92 3.22 -0.35 33.24
N PHE D 93 2.21 0.18 32.56
CA PHE D 93 1.90 -0.22 31.19
C PHE D 93 2.45 0.81 30.21
N PHE D 94 3.18 0.31 29.22
CA PHE D 94 3.71 1.14 28.14
C PHE D 94 2.99 0.82 26.84
N GLY D 95 2.86 1.85 25.99
CA GLY D 95 2.44 1.62 24.63
C GLY D 95 3.55 1.04 23.78
N GLN D 96 3.19 0.48 22.64
CA GLN D 96 4.17 -0.10 21.74
C GLN D 96 4.95 0.95 20.96
N GLY D 97 4.60 2.23 21.10
CA GLY D 97 5.41 3.30 20.59
C GLY D 97 5.07 3.70 19.17
N THR D 98 5.40 4.95 18.84
CA THR D 98 5.32 5.46 17.48
C THR D 98 6.71 5.91 17.06
N LYS D 99 7.17 5.40 15.91
CA LYS D 99 8.47 5.76 15.37
C LYS D 99 8.29 6.98 14.46
N LEU D 100 8.94 8.08 14.81
CA LEU D 100 8.81 9.34 14.08
C LEU D 100 10.09 9.58 13.31
N GLU D 101 9.96 9.71 11.99
CA GLU D 101 11.05 10.04 11.09
C GLU D 101 10.89 11.49 10.64
N ILE D 102 12.02 12.20 10.56
CA ILE D 102 12.04 13.56 10.04
C ILE D 102 12.17 13.49 8.53
N LYS D 103 11.16 13.95 7.82
CA LYS D 103 11.14 13.87 6.37
C LYS D 103 12.16 14.83 5.76
N ARG D 104 12.52 14.56 4.51
CA ARG D 104 13.57 15.31 3.85
C ARG D 104 13.37 15.17 2.34
N THR D 105 14.00 16.07 1.59
CA THR D 105 14.01 15.91 0.14
C THR D 105 14.79 14.66 -0.23
N VAL D 106 14.51 14.15 -1.43
CA VAL D 106 15.24 12.98 -1.93
C VAL D 106 16.70 13.36 -2.15
N ALA D 107 17.60 12.51 -1.67
CA ALA D 107 19.03 12.68 -1.87
C ALA D 107 19.60 11.35 -2.35
N ALA D 108 20.23 11.36 -3.52
CA ALA D 108 20.76 10.13 -4.07
C ALA D 108 21.93 9.63 -3.22
N PRO D 109 22.08 8.32 -3.06
CA PRO D 109 23.22 7.80 -2.29
C PRO D 109 24.52 7.96 -3.03
N SER D 110 25.60 8.12 -2.27
CA SER D 110 26.95 8.01 -2.80
C SER D 110 27.38 6.56 -2.66
N VAL D 111 27.59 5.88 -3.78
CA VAL D 111 27.85 4.44 -3.79
C VAL D 111 29.35 4.20 -3.88
N PHE D 112 29.83 3.22 -3.13
CA PHE D 112 31.22 2.81 -3.14
C PHE D 112 31.29 1.31 -2.95
N ILE D 113 32.35 0.70 -3.49
CA ILE D 113 32.59 -0.73 -3.32
C ILE D 113 34.01 -0.92 -2.81
N PHE D 114 34.18 -1.89 -1.92
CA PHE D 114 35.49 -2.19 -1.33
C PHE D 114 35.74 -3.69 -1.49
N PRO D 115 36.82 -4.09 -2.17
CA PRO D 115 37.11 -5.51 -2.29
C PRO D 115 37.74 -6.06 -1.02
N PRO D 116 37.83 -7.37 -0.88
CA PRO D 116 38.46 -7.94 0.33
C PRO D 116 39.92 -7.56 0.44
N SER D 117 40.34 -7.21 1.65
CA SER D 117 41.73 -6.88 1.90
C SER D 117 42.59 -8.14 1.82
N ASP D 118 43.91 -7.95 1.96
CA ASP D 118 44.82 -9.10 1.96
C ASP D 118 44.80 -9.81 3.30
N GLU D 119 44.75 -9.06 4.40
CA GLU D 119 44.74 -9.67 5.73
C GLU D 119 43.59 -10.67 5.86
N GLN D 120 42.39 -10.26 5.47
CA GLN D 120 41.23 -11.13 5.59
C GLN D 120 41.38 -12.36 4.69
N LEU D 121 41.80 -12.14 3.43
CA LEU D 121 42.04 -13.27 2.53
C LEU D 121 43.04 -14.25 3.14
N LYS D 122 43.94 -13.75 3.98
CA LYS D 122 44.90 -14.63 4.65
C LYS D 122 44.27 -15.48 5.76
N SER D 123 42.95 -15.48 5.93
CA SER D 123 42.30 -16.28 6.97
C SER D 123 41.23 -17.21 6.42
N GLY D 124 41.17 -17.40 5.11
CA GLY D 124 40.23 -18.33 4.52
C GLY D 124 38.81 -17.79 4.39
N THR D 125 38.65 -16.48 4.28
CA THR D 125 37.34 -15.88 4.12
C THR D 125 37.50 -14.53 3.43
N ALA D 126 36.47 -14.13 2.69
CA ALA D 126 36.49 -12.88 1.94
C ALA D 126 35.20 -12.13 2.17
N SER D 127 35.30 -10.80 2.32
CA SER D 127 34.15 -9.95 2.52
C SER D 127 34.24 -8.75 1.58
N VAL D 128 33.23 -8.60 0.73
CA VAL D 128 33.13 -7.47 -0.19
C VAL D 128 32.13 -6.48 0.40
N VAL D 129 32.57 -5.23 0.59
CA VAL D 129 31.73 -4.23 1.23
C VAL D 129 31.16 -3.31 0.16
N CYS D 130 29.94 -2.82 0.39
CA CYS D 130 29.33 -1.81 -0.47
C CYS D 130 28.68 -0.76 0.41
N LEU D 131 29.03 0.50 0.19
CA LEU D 131 28.57 1.61 1.01
C LEU D 131 27.65 2.53 0.22
N LEU D 132 26.47 2.79 0.77
CA LEU D 132 25.54 3.79 0.25
C LEU D 132 25.46 4.92 1.27
N ASN D 133 26.02 6.07 0.94
CA ASN D 133 26.24 7.13 1.91
C ASN D 133 25.25 8.27 1.71
N ASN D 134 24.69 8.73 2.82
CA ASN D 134 23.94 9.99 2.90
C ASN D 134 22.87 10.07 1.81
N PHE D 135 21.83 9.26 2.00
CA PHE D 135 20.72 9.18 1.08
C PHE D 135 19.39 9.25 1.82
N TYR D 136 18.34 9.60 1.07
CA TYR D 136 16.97 9.62 1.56
C TYR D 136 16.08 9.44 0.34
N PRO D 137 14.99 8.66 0.44
CA PRO D 137 14.43 7.93 1.59
C PRO D 137 15.19 6.66 1.99
N ARG D 138 14.69 6.04 3.07
CA ARG D 138 15.34 4.86 3.62
C ARG D 138 15.35 3.70 2.63
N GLU D 139 14.22 3.45 1.97
CA GLU D 139 14.10 2.31 1.09
C GLU D 139 15.11 2.39 -0.04
N ALA D 140 15.93 1.35 -0.17
CA ALA D 140 16.95 1.26 -1.21
C ALA D 140 17.26 -0.21 -1.45
N LYS D 141 17.42 -0.58 -2.72
CA LYS D 141 17.59 -1.98 -3.09
C LYS D 141 19.02 -2.20 -3.57
N VAL D 142 19.74 -3.08 -2.87
CA VAL D 142 21.12 -3.43 -3.18
C VAL D 142 21.15 -4.87 -3.70
N GLN D 143 21.88 -5.08 -4.79
CA GLN D 143 22.03 -6.40 -5.38
C GLN D 143 23.51 -6.67 -5.61
N TRP D 144 23.92 -7.92 -5.40
CA TRP D 144 25.29 -8.35 -5.62
C TRP D 144 25.36 -9.20 -6.89
N LYS D 145 26.43 -9.01 -7.66
CA LYS D 145 26.59 -9.71 -8.93
C LYS D 145 28.03 -10.18 -9.06
N VAL D 146 28.26 -11.47 -8.91
CA VAL D 146 29.58 -12.06 -9.09
C VAL D 146 29.65 -12.61 -10.51
N ASP D 147 30.49 -12.01 -11.34
CA ASP D 147 30.52 -12.33 -12.77
C ASP D 147 29.15 -12.15 -13.40
N ASN D 148 28.38 -11.18 -12.91
CA ASN D 148 27.04 -10.89 -13.39
C ASN D 148 26.03 -11.96 -12.95
N ALA D 149 26.29 -12.61 -11.81
CA ALA D 149 25.41 -13.63 -11.27
C ALA D 149 24.78 -13.07 -9.99
N LEU D 150 23.46 -12.89 -10.03
CA LEU D 150 22.73 -12.36 -8.88
C LEU D 150 22.91 -13.26 -7.66
N GLN D 151 23.70 -12.81 -6.69
CA GLN D 151 23.92 -13.59 -5.49
C GLN D 151 22.66 -13.60 -4.62
N SER D 152 22.73 -14.32 -3.50
CA SER D 152 21.59 -14.46 -2.62
C SER D 152 22.01 -15.21 -1.37
N GLY D 153 21.50 -14.77 -0.22
CA GLY D 153 21.75 -15.44 1.05
C GLY D 153 23.14 -15.25 1.61
N ASN D 154 24.08 -14.68 0.85
CA ASN D 154 25.46 -14.51 1.29
C ASN D 154 25.80 -13.03 1.51
N SER D 155 24.79 -12.21 1.79
CA SER D 155 24.99 -10.79 2.02
C SER D 155 24.10 -10.32 3.16
N GLN D 156 24.61 -9.34 3.91
CA GLN D 156 23.88 -8.76 5.03
C GLN D 156 23.96 -7.24 4.98
N GLU D 157 22.84 -6.58 5.26
CA GLU D 157 22.74 -5.13 5.18
C GLU D 157 22.61 -4.52 6.58
N SER D 158 23.09 -3.28 6.71
CA SER D 158 23.05 -2.57 7.98
C SER D 158 22.88 -1.08 7.68
N VAL D 159 21.89 -0.46 8.30
CA VAL D 159 21.55 0.93 8.04
C VAL D 159 21.74 1.75 9.30
N THR D 160 22.30 2.94 9.15
CA THR D 160 22.49 3.85 10.27
C THR D 160 21.17 4.54 10.63
N GLU D 161 21.21 5.31 11.70
CA GLU D 161 20.08 6.14 12.09
C GLU D 161 20.17 7.49 11.40
N GLN D 162 19.02 8.15 11.27
CA GLN D 162 18.98 9.46 10.63
C GLN D 162 20.02 10.39 11.24
N ASP D 163 20.85 10.98 10.39
CA ASP D 163 21.78 12.00 10.85
C ASP D 163 20.98 13.13 11.50
N SER D 164 21.34 13.46 12.74
CA SER D 164 20.56 14.44 13.50
C SER D 164 20.49 15.79 12.76
N LYS D 165 21.49 16.09 11.93
CA LYS D 165 21.52 17.35 11.20
C LYS D 165 20.84 17.24 9.84
N ASP D 166 21.29 16.30 9.01
CA ASP D 166 20.86 16.22 7.62
C ASP D 166 19.77 15.20 7.37
N SER D 167 19.31 14.49 8.42
CA SER D 167 18.16 13.60 8.31
C SER D 167 18.35 12.52 7.25
N THR D 168 19.60 12.17 6.98
CA THR D 168 19.94 11.23 5.91
C THR D 168 20.36 9.89 6.49
N TYR D 169 20.39 8.88 5.62
CA TYR D 169 20.71 7.51 6.01
C TYR D 169 22.00 7.05 5.34
N SER D 170 22.60 6.03 5.95
CA SER D 170 23.75 5.36 5.38
C SER D 170 23.56 3.85 5.53
N LEU D 171 24.00 3.10 4.53
CA LEU D 171 23.79 1.67 4.45
C LEU D 171 25.07 0.98 4.04
N SER D 172 25.30 -0.21 4.58
CA SER D 172 26.45 -1.03 4.23
C SER D 172 25.96 -2.45 3.97
N SER D 173 26.32 -2.99 2.81
CA SER D 173 25.99 -4.36 2.44
C SER D 173 27.28 -5.14 2.33
N THR D 174 27.44 -6.16 3.16
CA THR D 174 28.63 -7.00 3.19
C THR D 174 28.29 -8.35 2.58
N LEU D 175 28.99 -8.70 1.51
CA LEU D 175 28.87 -10.01 0.86
C LEU D 175 30.02 -10.88 1.35
N THR D 176 29.69 -11.92 2.11
CA THR D 176 30.69 -12.84 2.65
C THR D 176 30.76 -14.05 1.73
N LEU D 177 31.93 -14.25 1.10
CA LEU D 177 32.19 -15.39 0.25
C LEU D 177 33.43 -16.12 0.75
N SER D 178 33.39 -17.45 0.68
CA SER D 178 34.57 -18.25 0.97
C SER D 178 35.66 -17.92 -0.04
N LYS D 179 36.90 -17.81 0.44
CA LYS D 179 38.01 -17.53 -0.46
C LYS D 179 38.07 -18.54 -1.59
N ALA D 180 37.65 -19.78 -1.34
CA ALA D 180 37.59 -20.78 -2.39
C ALA D 180 36.65 -20.32 -3.51
N ASP D 181 35.45 -19.85 -3.15
CA ASP D 181 34.50 -19.38 -4.15
C ASP D 181 34.82 -17.97 -4.64
N TYR D 182 35.59 -17.20 -3.87
CA TYR D 182 35.98 -15.86 -4.31
C TYR D 182 37.05 -15.91 -5.38
N GLU D 183 37.94 -16.91 -5.33
CA GLU D 183 38.99 -17.04 -6.32
C GLU D 183 38.52 -17.68 -7.63
N LYS D 184 37.24 -18.06 -7.71
CA LYS D 184 36.70 -18.68 -8.92
C LYS D 184 36.13 -17.69 -9.91
N HIS D 185 35.93 -16.43 -9.52
CA HIS D 185 35.26 -15.45 -10.36
C HIS D 185 36.14 -14.21 -10.52
N LYS D 186 35.66 -13.28 -11.35
CA LYS D 186 36.42 -12.09 -11.70
C LYS D 186 35.68 -10.80 -11.32
N VAL D 187 34.50 -10.57 -11.89
CA VAL D 187 33.77 -9.32 -11.69
C VAL D 187 32.91 -9.45 -10.45
N TYR D 188 33.05 -8.50 -9.53
CA TYR D 188 32.18 -8.38 -8.37
C TYR D 188 31.56 -6.99 -8.40
N ALA D 189 30.23 -6.93 -8.46
CA ALA D 189 29.52 -5.69 -8.68
C ALA D 189 28.42 -5.50 -7.63
N CYS D 190 28.24 -4.23 -7.25
CA CYS D 190 27.17 -3.81 -6.34
C CYS D 190 26.25 -2.89 -7.13
N GLU D 191 25.00 -3.33 -7.32
CA GLU D 191 24.00 -2.59 -8.08
C GLU D 191 23.00 -1.98 -7.11
N VAL D 192 22.96 -0.65 -7.09
CA VAL D 192 22.08 0.11 -6.19
C VAL D 192 20.95 0.71 -7.02
N THR D 193 19.72 0.51 -6.54
CA THR D 193 18.55 1.17 -7.10
C THR D 193 17.86 1.93 -5.99
N HIS D 194 17.66 3.24 -6.21
CA HIS D 194 17.09 4.12 -5.22
C HIS D 194 16.19 5.13 -5.91
N GLN D 195 15.21 5.65 -5.15
CA GLN D 195 14.27 6.60 -5.72
C GLN D 195 14.98 7.80 -6.31
N GLY D 196 16.03 8.28 -5.65
CA GLY D 196 16.77 9.43 -6.12
C GLY D 196 17.67 9.17 -7.31
N LEU D 197 17.74 7.93 -7.79
CA LEU D 197 18.57 7.57 -8.93
C LEU D 197 17.67 7.23 -10.11
N SER D 198 17.85 7.97 -11.22
CA SER D 198 17.07 7.71 -12.41
C SER D 198 17.26 6.28 -12.91
N SER D 199 18.51 5.84 -12.97
CA SER D 199 18.85 4.49 -13.40
C SER D 199 19.73 3.84 -12.35
N PRO D 200 19.67 2.51 -12.22
CA PRO D 200 20.54 1.83 -11.26
C PRO D 200 22.00 2.21 -11.44
N VAL D 201 22.70 2.40 -10.32
CA VAL D 201 24.14 2.66 -10.32
C VAL D 201 24.84 1.36 -10.02
N THR D 202 26.07 1.21 -10.53
CA THR D 202 26.83 -0.01 -10.33
C THR D 202 28.27 0.35 -9.99
N LYS D 203 28.77 -0.24 -8.92
CA LYS D 203 30.18 -0.12 -8.54
C LYS D 203 30.77 -1.52 -8.49
N SER D 204 31.74 -1.79 -9.35
CA SER D 204 32.28 -3.13 -9.51
C SER D 204 33.79 -3.10 -9.56
N PHE D 205 34.38 -4.28 -9.39
CA PHE D 205 35.82 -4.45 -9.46
C PHE D 205 36.14 -5.82 -10.02
N ASN D 206 37.22 -5.89 -10.81
CA ASN D 206 37.72 -7.15 -11.34
C ASN D 206 38.78 -7.69 -10.38
N ARG D 207 38.51 -8.88 -9.84
CA ARG D 207 39.41 -9.48 -8.86
C ARG D 207 40.85 -9.48 -9.37
N GLY D 208 41.70 -8.68 -8.75
CA GLY D 208 43.10 -8.58 -9.14
C GLY D 208 43.43 -7.26 -9.82
N GLU D 209 44.00 -6.33 -9.05
CA GLU D 209 44.37 -5.03 -9.58
C GLU D 209 45.86 -5.00 -9.90
N GLU E 4 2.26 -30.41 -20.36
CA GLU E 4 1.78 -30.34 -21.73
C GLU E 4 0.61 -31.30 -21.90
N ALA E 5 -0.39 -31.15 -21.03
CA ALA E 5 -1.57 -31.99 -21.08
C ALA E 5 -2.70 -31.30 -20.33
N LYS E 6 -3.88 -31.91 -20.40
CA LYS E 6 -5.10 -31.36 -19.84
C LYS E 6 -5.71 -32.34 -18.86
N THR E 7 -6.04 -31.85 -17.66
CA THR E 7 -6.71 -32.67 -16.65
C THR E 7 -7.54 -31.78 -15.75
N THR E 8 -8.38 -32.41 -14.94
CA THR E 8 -9.26 -31.70 -14.02
C THR E 8 -8.46 -31.32 -12.77
N LEU E 9 -8.23 -30.02 -12.57
CA LEU E 9 -7.60 -29.57 -11.35
C LEU E 9 -8.60 -29.65 -10.19
N PHE E 10 -8.06 -29.56 -8.97
CA PHE E 10 -8.90 -29.37 -7.79
C PHE E 10 -8.37 -28.17 -7.02
N CYS E 11 -9.10 -27.79 -5.97
CA CYS E 11 -8.80 -26.57 -5.24
C CYS E 11 -8.63 -26.87 -3.76
N ALA E 12 -7.76 -26.09 -3.13
CA ALA E 12 -7.51 -26.17 -1.69
C ALA E 12 -7.54 -24.78 -1.10
N SER E 13 -7.89 -24.71 0.19
CA SER E 13 -8.03 -23.41 0.84
C SER E 13 -7.95 -23.60 2.35
N ASP E 14 -7.78 -22.49 3.05
CA ASP E 14 -7.90 -22.44 4.51
C ASP E 14 -9.31 -22.08 4.95
N ALA E 15 -10.32 -22.46 4.16
CA ALA E 15 -11.70 -22.11 4.49
C ALA E 15 -12.12 -22.78 5.79
N LYS E 16 -13.03 -22.12 6.50
CA LYS E 16 -13.51 -22.57 7.80
C LYS E 16 -14.94 -23.10 7.66
N ALA E 17 -15.20 -24.27 8.25
CA ALA E 17 -16.51 -24.88 8.15
C ALA E 17 -17.57 -24.11 8.93
N TYR E 18 -17.17 -23.35 9.93
CA TYR E 18 -18.12 -22.55 10.70
C TYR E 18 -18.27 -21.13 10.16
N GLU E 19 -17.26 -20.62 9.45
CA GLU E 19 -17.36 -19.30 8.87
C GLU E 19 -18.57 -19.19 7.95
N LYS E 20 -19.28 -18.07 8.05
CA LYS E 20 -20.45 -17.83 7.22
C LYS E 20 -20.15 -16.96 6.00
N GLU E 21 -18.97 -16.37 5.92
CA GLU E 21 -18.54 -15.70 4.69
C GLU E 21 -18.71 -16.66 3.51
N CYS E 22 -19.24 -16.14 2.41
CA CYS E 22 -19.69 -17.01 1.34
CA CYS E 22 -19.70 -17.01 1.33
C CYS E 22 -18.53 -17.73 0.66
N HIS E 23 -17.42 -17.04 0.42
CA HIS E 23 -16.27 -17.71 -0.18
C HIS E 23 -15.87 -18.94 0.63
N ASN E 24 -15.90 -18.81 1.97
CA ASN E 24 -15.60 -19.96 2.81
C ASN E 24 -16.63 -21.06 2.63
N VAL E 25 -17.91 -20.71 2.58
CA VAL E 25 -18.96 -21.71 2.45
C VAL E 25 -18.82 -22.45 1.13
N TRP E 26 -18.34 -21.78 0.09
CA TRP E 26 -18.13 -22.45 -1.19
C TRP E 26 -16.88 -23.32 -1.15
N ALA E 27 -15.79 -22.83 -0.56
CA ALA E 27 -14.54 -23.58 -0.58
C ALA E 27 -14.63 -24.82 0.29
N THR E 28 -15.28 -24.72 1.46
CA THR E 28 -15.43 -25.89 2.32
C THR E 28 -16.18 -27.01 1.61
N HIS E 29 -17.10 -26.66 0.70
CA HIS E 29 -17.85 -27.67 -0.01
C HIS E 29 -17.08 -28.18 -1.23
N ALA E 30 -16.35 -27.30 -1.92
CA ALA E 30 -15.73 -27.65 -3.19
C ALA E 30 -14.22 -27.88 -3.11
N CYS E 31 -13.55 -27.36 -2.09
CA CYS E 31 -12.10 -27.45 -1.99
C CYS E 31 -11.69 -28.27 -0.77
N VAL E 32 -10.56 -28.94 -0.90
CA VAL E 32 -9.98 -29.73 0.18
C VAL E 32 -9.10 -28.80 1.02
N PRO E 33 -8.55 -29.26 2.14
CA PRO E 33 -7.67 -28.39 2.93
C PRO E 33 -6.36 -28.11 2.21
N THR E 34 -5.69 -27.05 2.66
CA THR E 34 -4.37 -26.71 2.14
C THR E 34 -3.34 -27.73 2.61
N ASP E 35 -2.62 -28.31 1.66
CA ASP E 35 -1.56 -29.27 1.98
C ASP E 35 -0.52 -28.60 2.88
N PRO E 36 -0.42 -29.00 4.15
CA PRO E 36 0.53 -28.32 5.05
C PRO E 36 1.99 -28.51 4.68
N ASN E 37 2.32 -29.45 3.79
CA ASN E 37 3.71 -29.75 3.40
C ASN E 37 3.85 -29.57 1.90
N PRO E 38 4.02 -28.35 1.41
CA PRO E 38 4.24 -28.15 -0.02
C PRO E 38 5.63 -28.63 -0.42
N GLN E 39 5.68 -29.39 -1.52
CA GLN E 39 6.93 -29.94 -2.03
C GLN E 39 7.26 -29.25 -3.36
N GLU E 40 8.23 -28.35 -3.33
CA GLU E 40 8.72 -27.68 -4.53
C GLU E 40 10.01 -28.35 -4.97
N VAL E 41 10.00 -28.88 -6.19
CA VAL E 41 11.15 -29.58 -6.77
C VAL E 41 11.70 -28.70 -7.89
N VAL E 42 12.90 -28.16 -7.68
CA VAL E 42 13.54 -27.32 -8.68
C VAL E 42 14.25 -28.25 -9.68
N LEU E 43 13.75 -28.31 -10.90
CA LEU E 43 14.39 -29.11 -11.94
C LEU E 43 15.67 -28.43 -12.38
N GLU E 44 16.80 -29.12 -12.18
CA GLU E 44 18.11 -28.55 -12.45
C GLU E 44 18.38 -28.57 -13.96
N ASN E 45 18.84 -27.44 -14.49
CA ASN E 45 19.19 -27.30 -15.90
C ASN E 45 18.06 -27.84 -16.79
N VAL E 46 16.95 -27.11 -16.76
CA VAL E 46 15.78 -27.43 -17.58
C VAL E 46 15.15 -26.13 -18.05
N THR E 47 14.85 -26.05 -19.34
CA THR E 47 14.11 -24.93 -19.92
C THR E 47 12.81 -25.48 -20.51
N GLU E 48 11.70 -24.82 -20.23
CA GLU E 48 10.40 -25.26 -20.72
C GLU E 48 9.62 -24.06 -21.24
N ASN E 49 8.75 -24.32 -22.22
CA ASN E 49 7.94 -23.27 -22.79
C ASN E 49 6.70 -23.02 -21.95
N PHE E 50 6.33 -21.74 -21.80
CA PHE E 50 5.10 -21.34 -21.16
C PHE E 50 4.32 -20.43 -22.11
N ASN E 51 3.01 -20.38 -21.90
CA ASN E 51 2.14 -19.53 -22.72
C ASN E 51 0.91 -19.18 -21.86
N MET E 52 1.01 -18.06 -21.14
CA MET E 52 -0.09 -17.61 -20.30
C MET E 52 -1.37 -17.37 -21.09
N TRP E 53 -1.26 -17.17 -22.40
CA TRP E 53 -2.42 -16.85 -23.22
C TRP E 53 -3.13 -18.07 -23.78
N LYS E 54 -2.57 -19.28 -23.57
CA LYS E 54 -3.21 -20.52 -23.96
C LYS E 54 -2.96 -21.51 -22.82
N ASN E 55 -3.75 -21.36 -21.75
CA ASN E 55 -3.55 -22.11 -20.51
C ASN E 55 -4.91 -22.48 -19.95
N ASP E 56 -5.25 -23.78 -20.02
CA ASP E 56 -6.56 -24.25 -19.56
C ASP E 56 -6.80 -23.98 -18.09
N MET E 57 -5.74 -23.77 -17.31
CA MET E 57 -5.91 -23.38 -15.91
C MET E 57 -6.77 -22.12 -15.81
N VAL E 58 -6.59 -21.18 -16.74
CA VAL E 58 -7.37 -19.95 -16.75
C VAL E 58 -8.85 -20.26 -16.90
N ASP E 59 -9.18 -21.14 -17.84
CA ASP E 59 -10.59 -21.49 -18.07
C ASP E 59 -11.19 -22.19 -16.85
N GLN E 60 -10.42 -23.08 -16.22
CA GLN E 60 -10.93 -23.77 -15.04
C GLN E 60 -11.17 -22.78 -13.91
N MET E 61 -10.26 -21.82 -13.73
CA MET E 61 -10.47 -20.80 -12.70
C MET E 61 -11.68 -19.94 -13.03
N GLN E 62 -11.87 -19.61 -14.31
CA GLN E 62 -13.06 -18.89 -14.72
C GLN E 62 -14.31 -19.63 -14.26
N GLU E 63 -14.40 -20.92 -14.58
CA GLU E 63 -15.56 -21.71 -14.17
C GLU E 63 -15.73 -21.73 -12.66
N ASP E 64 -14.62 -21.86 -11.93
CA ASP E 64 -14.71 -21.90 -10.48
C ASP E 64 -15.24 -20.59 -9.91
N VAL E 65 -14.77 -19.44 -10.42
CA VAL E 65 -15.23 -18.16 -9.89
C VAL E 65 -16.67 -17.91 -10.32
N ILE E 66 -17.06 -18.39 -11.51
CA ILE E 66 -18.46 -18.32 -11.91
C ILE E 66 -19.33 -19.08 -10.91
N SER E 67 -18.86 -20.24 -10.45
CA SER E 67 -19.61 -20.99 -9.44
C SER E 67 -19.64 -20.23 -8.10
N ILE E 68 -18.48 -19.69 -7.69
CA ILE E 68 -18.42 -18.89 -6.47
C ILE E 68 -19.48 -17.79 -6.51
N TRP E 69 -19.62 -17.13 -7.65
CA TRP E 69 -20.55 -16.01 -7.75
C TRP E 69 -22.00 -16.48 -7.89
N ASP E 70 -22.24 -17.59 -8.58
CA ASP E 70 -23.58 -18.15 -8.64
C ASP E 70 -24.06 -18.54 -7.25
N GLN E 71 -23.15 -18.81 -6.32
CA GLN E 71 -23.56 -19.06 -4.94
C GLN E 71 -23.59 -17.79 -4.09
N CYS E 72 -22.62 -16.89 -4.29
CA CYS E 72 -22.48 -15.71 -3.43
C CYS E 72 -23.38 -14.58 -3.89
N LEU E 73 -23.14 -14.07 -5.09
CA LEU E 73 -23.84 -12.90 -5.59
C LEU E 73 -24.96 -13.35 -6.53
N LYS E 74 -25.96 -13.99 -5.93
CA LYS E 74 -27.15 -14.38 -6.64
C LYS E 74 -27.95 -13.12 -6.98
N PRO E 75 -28.20 -12.82 -8.25
CA PRO E 75 -28.98 -11.61 -8.56
C PRO E 75 -30.46 -11.80 -8.30
N CYS E 76 -31.13 -10.69 -8.01
CA CYS E 76 -32.59 -10.70 -7.93
C CYS E 76 -33.21 -10.96 -9.30
N VAL E 77 -32.61 -10.41 -10.36
CA VAL E 77 -33.07 -10.63 -11.72
C VAL E 77 -31.87 -10.91 -12.61
N LYS E 78 -32.03 -11.84 -13.54
CA LYS E 78 -30.98 -12.17 -14.51
C LYS E 78 -31.62 -12.22 -15.89
N LEU E 79 -31.15 -11.37 -16.78
CA LEU E 79 -31.72 -11.22 -18.12
C LEU E 79 -30.68 -11.57 -19.16
N THR E 80 -31.02 -12.46 -20.08
CA THR E 80 -30.15 -12.81 -21.18
C THR E 80 -30.92 -12.82 -22.50
N ASN E 81 -30.16 -12.98 -23.57
CA ASN E 81 -30.67 -13.19 -24.91
C ASN E 81 -31.91 -14.09 -24.92
N THR E 82 -31.86 -15.20 -24.18
CA THR E 82 -32.87 -16.24 -24.31
C THR E 82 -33.50 -16.65 -22.97
N SER E 83 -33.40 -15.85 -21.92
CA SER E 83 -33.91 -16.30 -20.65
C SER E 83 -34.11 -15.13 -19.69
N THR E 84 -35.05 -15.33 -18.76
CA THR E 84 -35.38 -14.38 -17.72
C THR E 84 -35.52 -15.14 -16.42
N LEU E 85 -34.77 -14.74 -15.40
CA LEU E 85 -34.76 -15.43 -14.11
C LEU E 85 -35.06 -14.43 -13.00
N THR E 86 -36.02 -14.78 -12.15
CA THR E 86 -36.34 -14.02 -10.94
C THR E 86 -36.22 -14.96 -9.75
N GLN E 87 -35.57 -14.50 -8.69
CA GLN E 87 -35.30 -15.37 -7.55
C GLN E 87 -35.00 -14.50 -6.33
N ALA E 88 -34.92 -15.15 -5.17
CA ALA E 88 -34.52 -14.47 -3.96
C ALA E 88 -33.04 -14.12 -4.01
N CYS E 89 -32.70 -12.97 -3.44
CA CYS E 89 -31.35 -12.40 -3.54
C CYS E 89 -30.94 -11.83 -2.20
N PRO E 90 -30.74 -12.69 -1.19
CA PRO E 90 -30.36 -12.20 0.12
C PRO E 90 -28.90 -11.76 0.16
N LYS E 91 -28.64 -10.67 0.88
CA LYS E 91 -27.27 -10.23 1.08
C LYS E 91 -26.48 -11.29 1.84
N VAL E 92 -25.16 -11.28 1.64
CA VAL E 92 -24.26 -12.21 2.30
C VAL E 92 -22.98 -11.49 2.67
N THR E 93 -22.24 -12.08 3.60
CA THR E 93 -20.88 -11.61 3.89
C THR E 93 -19.97 -12.02 2.74
N PHE E 94 -19.14 -11.09 2.28
CA PHE E 94 -18.38 -11.26 1.05
C PHE E 94 -16.95 -10.82 1.27
N ASP E 95 -16.00 -11.72 1.04
CA ASP E 95 -14.58 -11.41 1.15
C ASP E 95 -13.78 -12.52 0.49
N PRO E 96 -13.15 -12.27 -0.67
CA PRO E 96 -12.42 -13.36 -1.35
C PRO E 96 -11.28 -13.89 -0.49
N ILE E 97 -11.18 -15.21 -0.43
CA ILE E 97 -10.11 -15.89 0.29
C ILE E 97 -9.16 -16.51 -0.71
N PRO E 98 -7.88 -16.68 -0.39
CA PRO E 98 -6.96 -17.29 -1.37
C PRO E 98 -7.36 -18.72 -1.68
N ILE E 99 -7.12 -19.11 -2.94
CA ILE E 99 -7.45 -20.45 -3.42
C ILE E 99 -6.22 -21.01 -4.12
N HIS E 100 -5.80 -22.21 -3.70
CA HIS E 100 -4.72 -22.92 -4.35
C HIS E 100 -5.30 -23.88 -5.38
N TYR E 101 -4.66 -23.95 -6.55
CA TYR E 101 -5.07 -24.83 -7.62
C TYR E 101 -4.05 -25.95 -7.77
N CYS E 102 -4.52 -27.20 -7.68
CA CYS E 102 -3.66 -28.35 -7.56
C CYS E 102 -3.97 -29.35 -8.67
N ALA E 103 -2.92 -30.03 -9.13
CA ALA E 103 -3.04 -31.08 -10.14
C ALA E 103 -3.25 -32.43 -9.49
N PRO E 104 -4.07 -33.30 -10.08
CA PRO E 104 -4.30 -34.63 -9.48
C PRO E 104 -3.09 -35.55 -9.66
N ALA E 105 -3.21 -36.78 -9.17
CA ALA E 105 -2.15 -37.76 -9.36
C ALA E 105 -1.92 -37.99 -10.85
N GLY E 106 -0.69 -38.31 -11.21
CA GLY E 106 -0.31 -38.43 -12.61
C GLY E 106 -0.11 -37.12 -13.31
N TYR E 107 -0.11 -36.00 -12.59
CA TYR E 107 0.11 -34.69 -13.17
C TYR E 107 0.83 -33.81 -12.15
N ALA E 108 1.51 -32.78 -12.65
CA ALA E 108 2.19 -31.83 -11.80
C ALA E 108 2.04 -30.43 -12.40
N ILE E 109 2.48 -29.42 -11.66
CA ILE E 109 2.38 -28.03 -12.09
C ILE E 109 3.79 -27.49 -12.23
N LEU E 110 4.21 -27.22 -13.47
CA LEU E 110 5.46 -26.52 -13.70
C LEU E 110 5.29 -25.05 -13.35
N LYS E 111 6.28 -24.52 -12.65
CA LYS E 111 6.29 -23.14 -12.18
C LYS E 111 7.57 -22.48 -12.69
N CYS E 112 7.41 -21.39 -13.43
CA CYS E 112 8.56 -20.62 -13.89
C CYS E 112 9.02 -19.69 -12.78
N ASN E 113 10.31 -19.77 -12.43
CA ASN E 113 10.87 -18.97 -11.35
C ASN E 113 11.68 -17.79 -11.87
N ASN E 114 11.81 -17.63 -13.19
CA ASN E 114 12.38 -16.41 -13.73
C ASN E 114 11.50 -15.23 -13.35
N LYS E 115 12.10 -14.25 -12.67
CA LYS E 115 11.34 -13.18 -12.03
C LYS E 115 10.97 -12.05 -12.99
N THR E 116 11.40 -12.11 -14.25
CA THR E 116 11.00 -11.15 -15.26
C THR E 116 10.29 -11.80 -16.44
N PHE E 117 10.04 -13.10 -16.39
CA PHE E 117 9.36 -13.79 -17.48
C PHE E 117 8.04 -13.13 -17.80
N ASN E 118 7.79 -12.87 -19.08
CA ASN E 118 6.60 -12.16 -19.51
C ASN E 118 5.43 -13.09 -19.81
N GLY E 119 5.51 -14.36 -19.42
CA GLY E 119 4.40 -15.27 -19.53
C GLY E 119 4.35 -16.09 -20.81
N LYS E 120 5.13 -15.73 -21.83
CA LYS E 120 5.13 -16.47 -23.08
C LYS E 120 6.56 -16.66 -23.55
N GLY E 121 6.91 -17.91 -23.85
CA GLY E 121 8.24 -18.23 -24.33
C GLY E 121 8.97 -19.21 -23.43
N PRO E 122 10.26 -19.38 -23.65
CA PRO E 122 11.03 -20.32 -22.83
C PRO E 122 11.39 -19.72 -21.48
N CYS E 123 11.40 -20.58 -20.46
CA CYS E 123 11.80 -20.21 -19.11
C CYS E 123 12.83 -21.23 -18.64
N ASN E 124 13.93 -20.73 -18.09
CA ASN E 124 15.06 -21.57 -17.69
C ASN E 124 15.12 -21.85 -16.20
N ASN E 125 14.32 -21.15 -15.40
CA ASN E 125 14.30 -21.33 -13.94
C ASN E 125 12.99 -22.01 -13.55
N VAL E 126 12.93 -23.31 -13.83
CA VAL E 126 11.69 -24.09 -13.69
C VAL E 126 11.74 -24.91 -12.42
N SER E 127 10.58 -25.09 -11.79
CA SER E 127 10.41 -26.03 -10.70
C SER E 127 9.07 -26.73 -10.88
N THR E 128 8.81 -27.74 -10.05
CA THR E 128 7.55 -28.46 -10.07
C THR E 128 6.90 -28.37 -8.71
N VAL E 129 5.57 -28.19 -8.71
CA VAL E 129 4.79 -28.11 -7.49
C VAL E 129 3.52 -28.94 -7.67
N GLN E 130 2.84 -29.16 -6.54
CA GLN E 130 1.54 -29.81 -6.53
C GLN E 130 0.41 -28.80 -6.63
N CYS E 131 0.59 -27.61 -6.06
CA CYS E 131 -0.43 -26.58 -6.04
C CYS E 131 0.21 -25.23 -6.33
N THR E 132 -0.63 -24.27 -6.73
CA THR E 132 -0.21 -22.89 -6.85
C THR E 132 -0.22 -22.22 -5.48
N HIS E 133 0.35 -21.02 -5.41
CA HIS E 133 0.22 -20.21 -4.21
C HIS E 133 -1.24 -19.76 -4.08
N GLY E 134 -1.53 -19.02 -3.02
CA GLY E 134 -2.88 -18.56 -2.76
C GLY E 134 -3.28 -17.48 -3.74
N ILE E 135 -4.40 -17.68 -4.45
CA ILE E 135 -4.89 -16.73 -5.45
C ILE E 135 -6.30 -16.31 -5.05
N LYS E 136 -6.46 -15.02 -4.75
CA LYS E 136 -7.77 -14.48 -4.43
C LYS E 136 -8.57 -14.27 -5.72
N PRO E 137 -9.82 -14.74 -5.80
CA PRO E 137 -10.63 -14.50 -7.02
C PRO E 137 -11.28 -13.13 -7.02
N VAL E 138 -10.47 -12.10 -7.25
CA VAL E 138 -10.94 -10.72 -7.22
C VAL E 138 -11.39 -10.34 -8.63
N VAL E 139 -12.68 -10.04 -8.77
CA VAL E 139 -13.23 -9.55 -10.03
C VAL E 139 -13.10 -8.03 -10.05
N SER E 140 -12.48 -7.50 -11.09
CA SER E 140 -12.31 -6.06 -11.20
C SER E 140 -11.93 -5.72 -12.63
N THR E 141 -11.95 -4.43 -12.93
CA THR E 141 -11.53 -3.91 -14.22
C THR E 141 -10.51 -2.79 -14.00
N GLN E 142 -9.73 -2.53 -15.03
CA GLN E 142 -8.77 -1.43 -15.04
C GLN E 142 -7.63 -1.67 -14.06
N LEU E 143 -7.94 -1.84 -12.78
CA LEU E 143 -6.93 -2.06 -11.75
C LEU E 143 -7.03 -3.48 -11.21
N LEU E 144 -5.90 -4.18 -11.19
CA LEU E 144 -5.83 -5.51 -10.59
C LEU E 144 -5.52 -5.35 -9.10
N LEU E 145 -6.34 -5.98 -8.26
CA LEU E 145 -6.29 -5.79 -6.83
C LEU E 145 -5.91 -7.08 -6.11
N ASN E 146 -5.19 -6.93 -5.01
CA ASN E 146 -4.95 -8.04 -4.08
C ASN E 146 -4.32 -9.24 -4.78
N GLY E 147 -3.48 -8.99 -5.79
CA GLY E 147 -2.77 -10.02 -6.48
C GLY E 147 -1.34 -10.17 -5.98
N SER E 148 -0.51 -10.81 -6.80
CA SER E 148 0.90 -10.97 -6.50
C SER E 148 1.71 -9.90 -7.21
N LEU E 149 2.73 -9.39 -6.52
CA LEU E 149 3.60 -8.38 -7.09
C LEU E 149 4.77 -9.02 -7.83
N ALA E 150 5.40 -8.24 -8.70
CA ALA E 150 6.62 -8.68 -9.35
C ALA E 150 7.77 -8.63 -8.34
N GLU E 151 8.56 -9.69 -8.30
CA GLU E 151 9.64 -9.80 -7.32
C GLU E 151 10.86 -8.98 -7.71
N GLU E 152 10.98 -8.56 -8.97
CA GLU E 152 12.16 -7.82 -9.41
C GLU E 152 11.77 -6.43 -9.91
N GLU E 153 11.21 -6.34 -11.10
CA GLU E 153 10.85 -5.05 -11.69
C GLU E 153 9.54 -5.23 -12.47
N ILE E 154 8.93 -4.09 -12.82
CA ILE E 154 7.64 -4.10 -13.50
C ILE E 154 7.71 -5.02 -14.70
N VAL E 155 6.68 -5.83 -14.89
CA VAL E 155 6.62 -6.79 -15.97
C VAL E 155 5.44 -6.45 -16.88
N ILE E 156 5.68 -6.50 -18.19
CA ILE E 156 4.67 -6.26 -19.20
C ILE E 156 4.33 -7.60 -19.87
N ARG E 157 3.05 -7.86 -20.07
CA ARG E 157 2.59 -9.12 -20.62
C ARG E 157 1.56 -8.84 -21.70
N SER E 158 1.81 -9.34 -22.91
CA SER E 158 0.86 -9.18 -24.01
C SER E 158 1.06 -10.34 -24.98
N LYS E 159 -0.04 -10.94 -25.41
CA LYS E 159 0.05 -11.94 -26.48
C LYS E 159 0.83 -11.40 -27.66
N ASN E 160 0.76 -10.08 -27.88
CA ASN E 160 1.62 -9.42 -28.86
C ASN E 160 1.50 -7.90 -28.75
N LEU E 161 2.53 -7.25 -28.20
CA LEU E 161 2.50 -5.81 -28.02
C LEU E 161 2.28 -5.07 -29.34
N SER E 162 2.72 -5.65 -30.46
CA SER E 162 2.53 -5.00 -31.75
C SER E 162 1.08 -5.03 -32.21
N ASP E 163 0.21 -5.77 -31.52
CA ASP E 163 -1.21 -5.89 -31.87
C ASP E 163 -2.01 -5.02 -30.91
N ASN E 164 -2.50 -3.88 -31.39
CA ASN E 164 -3.20 -2.94 -30.51
C ASN E 164 -4.50 -3.50 -29.97
N ALA E 165 -4.99 -4.62 -30.51
CA ALA E 165 -6.21 -5.26 -30.03
C ALA E 165 -5.96 -6.25 -28.91
N LYS E 166 -4.71 -6.49 -28.53
CA LYS E 166 -4.38 -7.44 -27.47
C LYS E 166 -4.19 -6.69 -26.16
N ILE E 167 -4.88 -7.16 -25.12
CA ILE E 167 -4.77 -6.55 -23.80
C ILE E 167 -3.31 -6.57 -23.34
N ILE E 168 -2.97 -5.59 -22.51
CA ILE E 168 -1.64 -5.47 -21.92
C ILE E 168 -1.80 -5.57 -20.41
N ILE E 169 -1.26 -6.64 -19.82
CA ILE E 169 -1.29 -6.85 -18.39
C ILE E 169 0.03 -6.36 -17.79
N VAL E 170 -0.06 -5.41 -16.87
CA VAL E 170 1.11 -4.85 -16.21
C VAL E 170 1.14 -5.38 -14.78
N GLN E 171 2.28 -5.94 -14.38
CA GLN E 171 2.50 -6.38 -13.01
C GLN E 171 3.49 -5.44 -12.35
N LEU E 172 3.05 -4.74 -11.31
CA LEU E 172 3.91 -3.85 -10.56
C LEU E 172 4.82 -4.63 -9.62
N ASN E 173 5.86 -3.97 -9.14
CA ASN E 173 6.73 -4.51 -8.10
C ASN E 173 6.59 -3.76 -6.78
N LYS E 174 5.55 -2.94 -6.66
CA LYS E 174 5.29 -2.20 -5.42
C LYS E 174 3.83 -1.76 -5.47
N SER E 175 2.99 -2.38 -4.63
CA SER E 175 1.57 -2.11 -4.67
C SER E 175 1.26 -0.67 -4.27
N VAL E 176 0.08 -0.20 -4.68
CA VAL E 176 -0.43 1.10 -4.26
C VAL E 176 -1.74 0.88 -3.52
N GLU E 177 -1.90 1.52 -2.37
CA GLU E 177 -3.10 1.33 -1.57
C GLU E 177 -4.23 2.20 -2.10
N ILE E 178 -5.42 1.60 -2.20
CA ILE E 178 -6.63 2.31 -2.61
C ILE E 178 -7.71 2.02 -1.59
N VAL E 179 -8.28 3.07 -1.00
CA VAL E 179 -9.28 2.93 0.07
C VAL E 179 -10.61 3.45 -0.46
N CYS E 180 -11.53 2.55 -0.78
CA CYS E 180 -12.84 2.92 -1.30
C CYS E 180 -13.89 2.73 -0.21
N THR E 181 -14.66 3.78 0.05
CA THR E 181 -15.64 3.77 1.13
C THR E 181 -16.96 4.38 0.66
N ARG E 182 -18.05 3.73 1.06
CA ARG E 182 -19.40 4.28 1.02
C ARG E 182 -19.83 4.51 2.46
N PRO E 183 -19.85 5.75 2.94
CA PRO E 183 -20.25 6.02 4.33
C PRO E 183 -21.76 6.20 4.46
N ASN E 184 -22.18 6.33 5.72
CA ASN E 184 -23.59 6.60 6.03
C ASN E 184 -23.63 7.43 7.31
N ASN E 185 -24.80 7.50 7.93
CA ASN E 185 -24.97 8.25 9.17
C ASN E 185 -24.82 7.35 10.38
N GLY E 192 -29.95 11.23 2.59
CA GLY E 192 -28.79 11.52 1.78
C GLY E 192 -28.76 10.73 0.48
N ASP E 193 -27.57 10.31 0.07
CA ASP E 193 -27.39 9.50 -1.14
C ASP E 193 -26.67 8.22 -0.73
N ILE E 194 -27.38 7.09 -0.81
CA ILE E 194 -26.82 5.82 -0.38
C ILE E 194 -25.95 5.18 -1.45
N ARG E 195 -26.05 5.63 -2.70
CA ARG E 195 -25.30 5.06 -3.81
C ARG E 195 -24.12 5.93 -4.22
N GLN E 196 -23.64 6.79 -3.33
CA GLN E 196 -22.47 7.62 -3.57
C GLN E 196 -21.33 7.13 -2.71
N ALA E 197 -20.16 6.90 -3.31
CA ALA E 197 -18.99 6.44 -2.60
C ALA E 197 -17.77 7.18 -3.14
N TYR E 198 -16.61 6.93 -2.53
CA TYR E 198 -15.40 7.62 -2.96
C TYR E 198 -14.19 6.78 -2.60
N CYS E 199 -13.17 6.85 -3.45
CA CYS E 199 -11.89 6.20 -3.19
C CYS E 199 -10.81 7.25 -2.95
N ASN E 200 -9.93 6.96 -2.01
CA ASN E 200 -8.75 7.77 -1.76
C ASN E 200 -7.51 6.97 -2.15
N ILE E 201 -6.55 7.65 -2.76
CA ILE E 201 -5.29 7.01 -3.15
C ILE E 201 -4.19 8.07 -3.13
N SER E 202 -3.02 7.68 -2.63
CA SER E 202 -1.88 8.59 -2.59
C SER E 202 -1.49 9.00 -4.00
N GLY E 203 -1.50 10.31 -4.27
CA GLY E 203 -1.08 10.78 -5.58
C GLY E 203 0.40 10.65 -5.82
N ARG E 204 1.21 10.77 -4.77
CA ARG E 204 2.66 10.62 -4.90
C ARG E 204 3.03 9.18 -5.26
N ASN E 205 2.52 8.21 -4.49
CA ASN E 205 2.81 6.81 -4.76
C ASN E 205 2.27 6.39 -6.11
N TRP E 206 1.05 6.83 -6.45
CA TRP E 206 0.47 6.46 -7.73
C TRP E 206 1.23 7.09 -8.88
N SER E 207 1.64 8.34 -8.74
CA SER E 207 2.41 8.98 -9.80
C SER E 207 3.76 8.28 -9.99
N GLU E 208 4.40 7.89 -8.89
CA GLU E 208 5.65 7.14 -9.00
C GLU E 208 5.45 5.82 -9.72
N ALA E 209 4.38 5.09 -9.37
CA ALA E 209 4.09 3.83 -10.04
C ALA E 209 3.84 4.04 -11.52
N VAL E 210 3.05 5.07 -11.87
CA VAL E 210 2.77 5.36 -13.28
C VAL E 210 4.05 5.70 -14.01
N ASN E 211 4.94 6.47 -13.40
CA ASN E 211 6.19 6.84 -14.06
C ASN E 211 7.06 5.62 -14.31
N GLN E 212 7.14 4.72 -13.34
CA GLN E 212 7.90 3.48 -13.55
C GLN E 212 7.30 2.63 -14.66
N VAL E 213 5.97 2.49 -14.67
CA VAL E 213 5.32 1.73 -15.73
C VAL E 213 5.55 2.38 -17.08
N LYS E 214 5.57 3.72 -17.11
CA LYS E 214 5.81 4.43 -18.36
C LYS E 214 7.21 4.18 -18.88
N LYS E 215 8.22 4.22 -17.99
CA LYS E 215 9.57 3.87 -18.42
C LYS E 215 9.62 2.46 -18.99
N LYS E 216 9.01 1.50 -18.29
CA LYS E 216 9.07 0.12 -18.75
C LYS E 216 8.36 -0.06 -20.08
N LEU E 217 7.26 0.67 -20.29
CA LEU E 217 6.60 0.63 -21.59
C LEU E 217 7.46 1.28 -22.67
N LYS E 218 8.13 2.39 -22.33
CA LYS E 218 9.00 3.04 -23.29
C LYS E 218 10.10 2.12 -23.75
N GLU E 219 10.57 1.22 -22.88
CA GLU E 219 11.56 0.23 -23.31
C GLU E 219 11.12 -0.50 -24.57
N HIS E 220 9.80 -0.67 -24.76
CA HIS E 220 9.29 -1.34 -25.95
C HIS E 220 8.89 -0.37 -27.05
N PHE E 221 8.77 0.92 -26.74
CA PHE E 221 8.45 1.95 -27.72
C PHE E 221 9.43 3.09 -27.59
N PRO E 222 10.71 2.83 -27.82
CA PRO E 222 11.72 3.89 -27.65
C PRO E 222 11.47 5.04 -28.61
N HIS E 223 11.93 6.23 -28.20
CA HIS E 223 11.77 7.48 -28.93
C HIS E 223 10.35 8.05 -28.78
N LYS E 224 9.48 7.40 -28.03
CA LYS E 224 8.08 7.79 -27.92
C LYS E 224 7.77 8.31 -26.53
N ASN E 225 6.96 9.36 -26.47
CA ASN E 225 6.36 9.77 -25.20
C ASN E 225 5.23 8.81 -24.86
N ILE E 226 5.16 8.43 -23.59
CA ILE E 226 4.15 7.50 -23.11
C ILE E 226 3.08 8.29 -22.37
N SER E 227 1.84 8.13 -22.79
CA SER E 227 0.71 8.87 -22.24
C SER E 227 -0.31 7.91 -21.65
N PHE E 228 -0.86 8.27 -20.50
CA PHE E 228 -1.97 7.57 -19.88
C PHE E 228 -3.21 8.44 -20.00
N GLN E 229 -4.27 7.89 -20.60
CA GLN E 229 -5.53 8.59 -20.77
C GLN E 229 -6.67 7.66 -20.40
N SER E 230 -7.88 8.23 -20.33
CA SER E 230 -9.05 7.49 -19.89
C SER E 230 -9.55 6.57 -21.01
N SER E 231 -10.44 5.66 -20.62
CA SER E 231 -11.02 4.71 -21.57
C SER E 231 -11.66 5.45 -22.74
N SER E 232 -11.58 4.84 -23.92
CA SER E 232 -12.14 5.44 -25.13
C SER E 232 -13.61 5.08 -25.33
N GLY E 233 -14.19 4.27 -24.47
CA GLY E 233 -15.60 3.98 -24.54
C GLY E 233 -15.90 2.58 -24.05
N GLY E 234 -17.19 2.27 -24.03
CA GLY E 234 -17.67 0.95 -23.67
C GLY E 234 -18.62 0.99 -22.49
N ASP E 235 -19.04 -0.20 -22.07
CA ASP E 235 -19.89 -0.33 -20.90
C ASP E 235 -19.23 0.31 -19.69
N LEU E 236 -20.06 0.73 -18.73
CA LEU E 236 -19.54 1.35 -17.52
C LEU E 236 -18.62 0.42 -16.74
N GLU E 237 -18.68 -0.88 -17.01
CA GLU E 237 -17.79 -1.81 -16.32
C GLU E 237 -16.34 -1.57 -16.69
N ILE E 238 -16.07 -1.20 -17.94
CA ILE E 238 -14.71 -1.04 -18.43
C ILE E 238 -14.29 0.42 -18.57
N THR E 239 -15.22 1.36 -18.47
CA THR E 239 -14.86 2.77 -18.45
C THR E 239 -14.62 3.28 -17.04
N THR E 240 -14.93 2.50 -16.03
CA THR E 240 -14.58 2.77 -14.64
C THR E 240 -13.83 1.59 -14.07
N HIS E 241 -13.19 1.83 -12.93
CA HIS E 241 -12.68 0.75 -12.09
C HIS E 241 -13.88 0.14 -11.37
N SER E 242 -14.36 -0.99 -11.88
CA SER E 242 -15.48 -1.69 -11.25
C SER E 242 -14.96 -2.84 -10.41
N PHE E 243 -15.66 -3.10 -9.31
CA PHE E 243 -15.24 -4.17 -8.40
C PHE E 243 -16.32 -4.37 -7.34
N ASN E 244 -16.34 -5.57 -6.78
CA ASN E 244 -17.28 -5.91 -5.71
C ASN E 244 -16.60 -5.76 -4.37
N CYS E 245 -17.19 -4.95 -3.49
CA CYS E 245 -16.71 -4.76 -2.14
C CYS E 245 -17.83 -5.08 -1.16
N GLY E 246 -17.61 -6.05 -0.30
CA GLY E 246 -18.64 -6.44 0.67
C GLY E 246 -19.98 -6.72 0.05
N GLY E 247 -19.98 -7.29 -1.16
CA GLY E 247 -21.21 -7.65 -1.84
C GLY E 247 -21.82 -6.54 -2.68
N GLU E 248 -21.32 -5.31 -2.58
CA GLU E 248 -21.85 -4.19 -3.34
C GLU E 248 -20.93 -3.86 -4.50
N PHE E 249 -21.53 -3.51 -5.64
CA PHE E 249 -20.79 -3.28 -6.87
C PHE E 249 -20.42 -1.80 -6.99
N PHE E 250 -19.14 -1.49 -6.77
CA PHE E 250 -18.61 -0.15 -6.94
C PHE E 250 -18.14 0.07 -8.37
N TYR E 251 -18.46 1.24 -8.92
CA TYR E 251 -17.95 1.72 -10.20
C TYR E 251 -17.28 3.06 -9.93
N CYS E 252 -15.95 3.11 -10.05
CA CYS E 252 -15.17 4.26 -9.62
C CYS E 252 -14.53 4.96 -10.81
N ASN E 253 -14.68 6.27 -10.86
CA ASN E 253 -14.18 7.09 -11.95
C ASN E 253 -12.67 7.27 -11.81
N THR E 254 -11.91 6.75 -12.77
CA THR E 254 -10.45 6.77 -12.72
C THR E 254 -9.84 7.81 -13.65
N SER E 255 -10.58 8.88 -13.96
CA SER E 255 -10.02 9.92 -14.81
C SER E 255 -8.81 10.58 -14.14
N GLY E 256 -8.78 10.61 -12.81
CA GLY E 256 -7.68 11.21 -12.08
C GLY E 256 -6.48 10.31 -11.87
N LEU E 257 -6.57 9.04 -12.27
CA LEU E 257 -5.45 8.12 -12.19
C LEU E 257 -4.73 7.97 -13.52
N PHE E 258 -5.47 7.78 -14.61
CA PHE E 258 -4.87 7.58 -15.93
C PHE E 258 -4.74 8.96 -16.57
N ASN E 259 -3.60 9.59 -16.30
CA ASN E 259 -3.45 11.03 -16.37
C ASN E 259 -2.00 11.34 -16.67
N ASP E 260 -1.77 12.41 -17.42
CA ASP E 260 -0.43 12.96 -17.58
C ASP E 260 -0.14 14.06 -16.58
N THR E 261 -1.11 14.41 -15.72
CA THR E 261 -0.99 15.48 -14.75
C THR E 261 -1.40 14.97 -13.36
N ILE E 262 -0.87 13.80 -12.99
CA ILE E 262 -1.22 13.19 -11.71
C ILE E 262 -0.68 14.09 -10.60
N SER E 263 -1.58 14.52 -9.71
CA SER E 263 -1.18 15.38 -8.60
C SER E 263 -0.40 14.59 -7.57
N ASN E 264 0.52 15.27 -6.88
CA ASN E 264 1.35 14.64 -5.87
C ASN E 264 0.62 14.47 -4.53
N ALA E 265 -0.59 15.01 -4.41
CA ALA E 265 -1.35 14.94 -3.17
C ALA E 265 -2.40 13.83 -3.26
N THR E 266 -3.18 13.67 -2.19
CA THR E 266 -4.27 12.70 -2.19
C THR E 266 -5.16 12.89 -3.41
N ILE E 267 -5.58 11.77 -4.00
CA ILE E 267 -6.48 11.77 -5.13
C ILE E 267 -7.78 11.13 -4.69
N MET E 268 -8.89 11.76 -5.05
CA MET E 268 -10.24 11.34 -4.67
C MET E 268 -11.00 10.96 -5.94
N LEU E 269 -11.50 9.73 -5.98
CA LEU E 269 -12.24 9.22 -7.12
C LEU E 269 -13.70 9.07 -6.76
N PRO E 270 -14.63 9.69 -7.48
CA PRO E 270 -16.06 9.47 -7.18
C PRO E 270 -16.53 8.12 -7.70
N CYS E 271 -17.31 7.43 -6.87
CA CYS E 271 -17.81 6.10 -7.21
C CYS E 271 -19.32 6.06 -7.03
N ARG E 272 -19.94 5.17 -7.79
CA ARG E 272 -21.36 4.87 -7.68
C ARG E 272 -21.51 3.39 -7.34
N ILE E 273 -22.36 3.08 -6.36
CA ILE E 273 -22.75 1.70 -6.09
C ILE E 273 -23.96 1.41 -6.96
N LYS E 274 -23.86 0.37 -7.79
CA LYS E 274 -24.89 0.07 -8.78
C LYS E 274 -25.55 -1.27 -8.49
N GLN E 275 -26.79 -1.39 -8.98
CA GLN E 275 -27.59 -2.59 -8.85
C GLN E 275 -27.77 -3.34 -10.16
N ILE E 276 -27.81 -2.61 -11.28
CA ILE E 276 -27.85 -3.20 -12.61
C ILE E 276 -26.42 -3.30 -13.11
N ILE E 277 -25.99 -4.52 -13.44
CA ILE E 277 -24.62 -4.75 -13.86
C ILE E 277 -24.60 -5.62 -15.11
N ASN E 278 -23.65 -5.34 -15.99
CA ASN E 278 -23.42 -6.20 -17.15
C ASN E 278 -22.52 -7.35 -16.72
N MET E 279 -23.03 -8.56 -16.86
CA MET E 279 -22.33 -9.74 -16.33
C MET E 279 -21.05 -10.01 -17.12
N TRP E 280 -20.01 -10.43 -16.40
CA TRP E 280 -18.80 -10.95 -17.02
C TRP E 280 -18.84 -12.45 -17.21
N GLN E 281 -19.65 -13.17 -16.42
CA GLN E 281 -19.77 -14.61 -16.59
C GLN E 281 -20.35 -14.96 -17.95
N GLU E 282 -21.23 -14.12 -18.48
CA GLU E 282 -21.90 -14.37 -19.74
C GLU E 282 -22.56 -13.07 -20.18
N VAL E 283 -23.03 -13.05 -21.43
CA VAL E 283 -23.68 -11.86 -21.96
C VAL E 283 -25.06 -11.76 -21.32
N GLY E 284 -25.27 -10.69 -20.56
CA GLY E 284 -26.54 -10.48 -19.91
C GLY E 284 -26.41 -9.49 -18.77
N LYS E 285 -27.56 -9.15 -18.19
CA LYS E 285 -27.63 -8.19 -17.11
C LYS E 285 -28.09 -8.88 -15.83
N ALA E 286 -27.55 -8.39 -14.70
CA ALA E 286 -27.89 -8.89 -13.39
C ALA E 286 -28.32 -7.72 -12.51
N ILE E 287 -29.52 -7.82 -11.93
CA ILE E 287 -30.09 -6.79 -11.08
C ILE E 287 -30.08 -7.31 -9.64
N TYR E 288 -29.34 -6.62 -8.79
CA TYR E 288 -29.26 -6.90 -7.37
C TYR E 288 -30.10 -5.87 -6.60
N ALA E 289 -30.18 -6.06 -5.29
CA ALA E 289 -30.99 -5.21 -4.43
C ALA E 289 -30.20 -4.00 -4.00
N PRO E 290 -30.87 -2.98 -3.44
CA PRO E 290 -30.17 -1.76 -3.03
C PRO E 290 -29.03 -2.06 -2.07
N PRO E 291 -28.12 -1.10 -1.85
CA PRO E 291 -26.99 -1.37 -0.98
C PRO E 291 -27.40 -1.49 0.48
N ILE E 292 -26.64 -2.33 1.20
CA ILE E 292 -26.82 -2.43 2.65
C ILE E 292 -26.51 -1.08 3.28
N LYS E 293 -26.96 -0.92 4.52
CA LYS E 293 -26.67 0.29 5.28
C LYS E 293 -25.32 0.16 5.97
N GLY E 294 -24.78 1.30 6.39
CA GLY E 294 -23.56 1.33 7.17
C GLY E 294 -22.35 1.77 6.35
N ASN E 295 -21.19 1.64 6.97
CA ASN E 295 -19.91 2.01 6.37
C ASN E 295 -19.38 0.81 5.59
N ILE E 296 -19.34 0.92 4.27
CA ILE E 296 -18.81 -0.13 3.41
C ILE E 296 -17.42 0.27 2.97
N THR E 297 -16.41 -0.51 3.34
CA THR E 297 -15.02 -0.13 3.14
C THR E 297 -14.23 -1.26 2.52
N CYS E 298 -13.31 -0.90 1.62
CA CYS E 298 -12.33 -1.83 1.08
C CYS E 298 -11.01 -1.10 0.91
N LYS E 299 -9.99 -1.54 1.64
CA LYS E 299 -8.63 -1.05 1.49
C LYS E 299 -7.86 -2.13 0.75
N SER E 300 -7.66 -1.92 -0.55
CA SER E 300 -7.10 -2.93 -1.42
C SER E 300 -5.74 -2.50 -1.95
N ASP E 301 -4.97 -3.51 -2.39
CA ASP E 301 -3.63 -3.30 -2.93
C ASP E 301 -3.70 -3.41 -4.44
N ILE E 302 -3.57 -2.28 -5.13
CA ILE E 302 -3.33 -2.28 -6.56
C ILE E 302 -1.97 -2.94 -6.80
N THR E 303 -1.99 -4.07 -7.51
CA THR E 303 -0.78 -4.79 -7.86
C THR E 303 -0.62 -4.97 -9.36
N GLY E 304 -1.53 -4.44 -10.16
CA GLY E 304 -1.45 -4.65 -11.60
C GLY E 304 -2.39 -3.70 -12.32
N LEU E 305 -2.25 -3.69 -13.64
CA LEU E 305 -3.03 -2.84 -14.52
C LEU E 305 -3.42 -3.60 -15.77
N LEU E 306 -4.55 -3.21 -16.35
CA LEU E 306 -5.01 -3.70 -17.64
C LEU E 306 -5.10 -2.51 -18.58
N LEU E 307 -4.31 -2.53 -19.66
CA LEU E 307 -4.18 -1.40 -20.56
C LEU E 307 -4.39 -1.83 -22.01
N LEU E 308 -4.77 -0.87 -22.83
CA LEU E 308 -4.85 -1.02 -24.28
C LEU E 308 -4.19 0.18 -24.92
N ARG E 309 -3.45 -0.07 -26.00
CA ARG E 309 -2.68 0.96 -26.68
C ARG E 309 -3.43 1.41 -27.94
N ASP E 310 -3.54 2.72 -28.12
CA ASP E 310 -4.23 3.25 -29.29
C ASP E 310 -3.50 2.85 -30.58
N GLY E 311 -4.29 2.54 -31.61
CA GLY E 311 -3.73 2.08 -32.87
C GLY E 311 -3.24 3.22 -33.74
N CYS E 312 -2.83 2.85 -34.96
CA CYS E 312 -2.34 3.79 -35.96
C CYS E 312 -0.99 4.38 -35.58
N ASN E 313 -0.25 4.88 -36.56
CA ASN E 313 0.97 5.61 -36.30
C ASN E 313 0.66 6.96 -35.67
N THR E 314 1.57 7.43 -34.84
CA THR E 314 1.40 8.71 -34.16
C THR E 314 1.90 9.85 -35.04
N THR E 315 1.38 11.06 -34.74
CA THR E 315 1.82 12.28 -35.39
C THR E 315 2.44 13.28 -34.44
N ASN E 316 2.35 13.05 -33.13
CA ASN E 316 3.02 13.89 -32.13
C ASN E 316 3.94 13.07 -31.24
N ASN E 317 4.45 11.96 -31.78
CA ASN E 317 5.45 11.14 -31.10
C ASN E 317 5.00 10.78 -29.68
N THR E 318 3.96 9.95 -29.62
CA THR E 318 3.32 9.62 -28.35
C THR E 318 2.51 8.34 -28.51
N GLU E 319 2.83 7.34 -27.70
CA GLU E 319 1.99 6.15 -27.58
C GLU E 319 1.01 6.36 -26.44
N ILE E 320 -0.27 6.09 -26.69
CA ILE E 320 -1.34 6.33 -25.73
C ILE E 320 -1.82 5.00 -25.17
N PHE E 321 -1.94 4.92 -23.85
CA PHE E 321 -2.44 3.74 -23.16
C PHE E 321 -3.64 4.11 -22.31
N ARG E 322 -4.66 3.26 -22.35
CA ARG E 322 -5.92 3.53 -21.66
C ARG E 322 -6.35 2.30 -20.88
N PRO E 323 -7.00 2.49 -19.73
CA PRO E 323 -7.40 1.33 -18.93
C PRO E 323 -8.46 0.49 -19.63
N GLY E 324 -8.29 -0.83 -19.56
CA GLY E 324 -9.21 -1.77 -20.16
C GLY E 324 -9.65 -2.82 -19.15
N GLY E 325 -10.02 -3.97 -19.69
CA GLY E 325 -10.53 -5.07 -18.90
C GLY E 325 -11.91 -5.49 -19.36
N GLY E 326 -12.52 -6.39 -18.59
CA GLY E 326 -13.85 -6.88 -18.88
C GLY E 326 -13.91 -8.38 -18.97
N ASP E 327 -12.91 -9.00 -19.60
CA ASP E 327 -12.77 -10.44 -19.64
C ASP E 327 -11.91 -10.86 -18.45
N MET E 328 -12.56 -11.47 -17.45
CA MET E 328 -11.86 -11.80 -16.21
C MET E 328 -10.85 -12.93 -16.39
N ARG E 329 -10.83 -13.59 -17.55
CA ARG E 329 -9.76 -14.53 -17.83
C ARG E 329 -8.40 -13.84 -17.75
N ASP E 330 -8.34 -12.55 -18.08
CA ASP E 330 -7.09 -11.81 -17.98
C ASP E 330 -6.70 -11.57 -16.52
N ASN E 331 -7.69 -11.33 -15.66
CA ASN E 331 -7.40 -11.28 -14.22
C ASN E 331 -6.76 -12.57 -13.75
N TRP E 332 -7.27 -13.72 -14.21
CA TRP E 332 -6.70 -14.99 -13.78
C TRP E 332 -5.32 -15.20 -14.41
N ARG E 333 -5.13 -14.72 -15.64
CA ARG E 333 -3.83 -14.83 -16.29
C ARG E 333 -2.77 -14.04 -15.53
N SER E 334 -3.16 -12.88 -14.98
CA SER E 334 -2.21 -12.06 -14.24
C SER E 334 -1.61 -12.79 -13.05
N GLU E 335 -2.22 -13.91 -12.62
CA GLU E 335 -1.71 -14.71 -11.52
C GLU E 335 -1.26 -16.09 -11.94
N LEU E 336 -1.78 -16.63 -13.03
CA LEU E 336 -1.44 -17.97 -13.50
C LEU E 336 -0.41 -17.97 -14.61
N TYR E 337 0.18 -16.82 -14.94
CA TYR E 337 1.16 -16.76 -16.01
C TYR E 337 2.32 -17.73 -15.77
N LYS E 338 2.67 -17.95 -14.51
CA LYS E 338 3.86 -18.71 -14.15
C LYS E 338 3.62 -20.20 -14.06
N TYR E 339 2.43 -20.68 -14.41
CA TYR E 339 2.06 -22.07 -14.16
C TYR E 339 1.70 -22.78 -15.46
N LYS E 340 1.90 -24.10 -15.44
CA LYS E 340 1.47 -24.97 -16.51
C LYS E 340 1.17 -26.35 -15.93
N VAL E 341 0.17 -27.02 -16.48
CA VAL E 341 -0.16 -28.38 -16.09
C VAL E 341 0.55 -29.35 -17.02
N VAL E 342 1.33 -30.28 -16.45
CA VAL E 342 2.11 -31.22 -17.23
C VAL E 342 1.83 -32.63 -16.74
N GLU E 343 1.81 -33.58 -17.68
CA GLU E 343 1.68 -34.99 -17.34
C GLU E 343 3.06 -35.56 -17.02
N ILE E 344 3.10 -36.48 -16.07
CA ILE E 344 4.37 -36.99 -15.57
C ILE E 344 5.18 -37.57 -16.72
N LYS E 345 4.54 -38.36 -17.58
CA LYS E 345 5.23 -38.95 -18.71
C LYS E 345 5.47 -37.90 -19.79
N GLU F 4 -8.41 21.90 55.57
CA GLU F 4 -8.54 23.18 54.89
C GLU F 4 -7.46 24.16 55.34
N ALA F 5 -6.88 23.89 56.50
CA ALA F 5 -5.82 24.74 57.04
C ALA F 5 -4.95 23.90 57.97
N LYS F 6 -3.70 24.35 58.13
CA LYS F 6 -2.74 23.68 58.99
C LYS F 6 -2.58 24.46 60.29
N THR F 7 -2.73 23.76 61.41
CA THR F 7 -2.52 24.35 62.72
C THR F 7 -1.92 23.29 63.63
N THR F 8 -1.43 23.74 64.79
CA THR F 8 -0.79 22.86 65.76
C THR F 8 -1.86 22.27 66.66
N LEU F 9 -2.26 21.03 66.39
CA LEU F 9 -3.17 20.31 67.26
C LEU F 9 -2.55 20.14 68.64
N PHE F 10 -3.40 19.79 69.62
CA PHE F 10 -2.92 19.33 70.91
C PHE F 10 -3.63 18.02 71.25
N CYS F 11 -3.24 17.41 72.37
CA CYS F 11 -3.70 16.07 72.69
C CYS F 11 -4.36 16.05 74.06
N ALA F 12 -5.29 15.11 74.22
CA ALA F 12 -6.01 14.91 75.47
C ALA F 12 -6.15 13.42 75.73
N SER F 13 -6.26 13.06 77.01
CA SER F 13 -6.36 11.64 77.38
C SER F 13 -6.79 11.54 78.84
N ASP F 14 -7.28 10.36 79.20
CA ASP F 14 -7.64 10.06 80.58
C ASP F 14 -6.41 9.57 81.35
N ALA F 15 -5.38 10.42 81.35
CA ALA F 15 -4.10 10.06 81.94
C ALA F 15 -4.25 9.90 83.46
N LYS F 16 -3.12 9.58 84.10
CA LYS F 16 -3.07 9.39 85.55
C LYS F 16 -1.73 9.88 86.04
N ALA F 17 -1.72 11.02 86.75
CA ALA F 17 -0.48 11.63 87.19
C ALA F 17 0.30 10.76 88.18
N TYR F 18 -0.32 9.73 88.75
CA TYR F 18 0.34 8.88 89.73
C TYR F 18 0.97 7.63 89.14
N GLU F 19 0.56 7.22 87.95
CA GLU F 19 1.02 5.96 87.38
C GLU F 19 2.42 6.11 86.79
N LYS F 20 3.19 5.02 86.86
CA LYS F 20 4.54 4.99 86.33
C LYS F 20 4.60 4.52 84.88
N GLU F 21 3.49 4.02 84.33
CA GLU F 21 3.46 3.60 82.93
C GLU F 21 3.91 4.76 82.04
N CYS F 22 4.78 4.44 81.07
CA CYS F 22 5.45 5.48 80.31
C CYS F 22 4.46 6.30 79.48
N HIS F 23 3.43 5.65 78.94
CA HIS F 23 2.41 6.37 78.19
C HIS F 23 1.78 7.46 79.05
N ASN F 24 1.41 7.12 80.29
CA ASN F 24 0.77 8.09 81.17
C ASN F 24 1.75 9.19 81.58
N VAL F 25 3.00 8.82 81.86
CA VAL F 25 4.00 9.82 82.24
C VAL F 25 4.23 10.80 81.10
N TRP F 26 4.12 10.33 79.85
CA TRP F 26 4.27 11.22 78.71
C TRP F 26 3.03 12.08 78.51
N ALA F 27 1.85 11.49 78.65
CA ALA F 27 0.61 12.22 78.45
C ALA F 27 0.46 13.34 79.47
N THR F 28 0.56 13.00 80.76
CA THR F 28 0.40 14.00 81.82
C THR F 28 1.35 15.18 81.65
N HIS F 29 2.44 15.00 80.90
CA HIS F 29 3.37 16.09 80.65
C HIS F 29 3.10 16.81 79.34
N ALA F 30 2.52 16.12 78.35
CA ALA F 30 2.36 16.69 77.02
C ALA F 30 0.90 16.86 76.58
N CYS F 31 -0.05 16.32 77.33
CA CYS F 31 -1.46 16.40 76.96
C CYS F 31 -2.28 16.99 78.10
N VAL F 32 -3.52 17.32 77.80
CA VAL F 32 -4.46 17.82 78.80
C VAL F 32 -5.47 16.72 79.11
N PRO F 33 -6.30 16.87 80.13
CA PRO F 33 -7.34 15.86 80.38
C PRO F 33 -8.42 15.91 79.32
N THR F 34 -9.12 14.78 79.17
CA THR F 34 -10.20 14.70 78.20
C THR F 34 -11.27 15.72 78.52
N ASP F 35 -11.69 16.48 77.51
CA ASP F 35 -12.72 17.50 77.70
C ASP F 35 -13.99 16.84 78.23
N PRO F 36 -14.49 17.22 79.41
CA PRO F 36 -15.69 16.56 79.94
C PRO F 36 -16.98 16.95 79.24
N ASN F 37 -16.95 17.94 78.34
CA ASN F 37 -18.15 18.44 77.66
C ASN F 37 -17.94 18.32 76.15
N PRO F 38 -18.21 17.15 75.58
CA PRO F 38 -18.06 16.97 74.13
C PRO F 38 -19.25 17.54 73.38
N GLN F 39 -19.01 18.55 72.56
CA GLN F 39 -20.05 19.23 71.78
C GLN F 39 -19.80 18.97 70.30
N GLU F 40 -20.63 18.12 69.70
CA GLU F 40 -20.64 17.89 68.28
C GLU F 40 -21.83 18.61 67.66
N VAL F 41 -21.64 19.19 66.47
CA VAL F 41 -22.73 19.86 65.77
C VAL F 41 -22.81 19.30 64.36
N VAL F 42 -23.98 18.78 63.99
CA VAL F 42 -24.18 18.23 62.66
C VAL F 42 -24.48 19.37 61.69
N LEU F 43 -23.72 19.46 60.61
CA LEU F 43 -23.96 20.47 59.59
C LEU F 43 -24.97 19.91 58.59
N GLU F 44 -26.12 20.57 58.48
CA GLU F 44 -27.26 20.02 57.78
C GLU F 44 -27.15 20.28 56.27
N ASN F 45 -27.40 19.25 55.48
CA ASN F 45 -27.43 19.35 54.02
C ASN F 45 -26.20 20.09 53.49
N VAL F 46 -25.05 19.44 53.65
CA VAL F 46 -23.78 20.03 53.24
C VAL F 46 -22.81 18.90 52.91
N THR F 47 -22.03 19.11 51.86
CA THR F 47 -21.01 18.15 51.43
C THR F 47 -19.64 18.79 51.52
N GLU F 48 -18.64 18.01 51.90
CA GLU F 48 -17.27 18.49 52.00
C GLU F 48 -16.32 17.40 51.52
N ASN F 49 -15.25 17.80 50.86
CA ASN F 49 -14.26 16.86 50.36
C ASN F 49 -13.23 16.54 51.45
N PHE F 50 -13.01 15.25 51.67
CA PHE F 50 -11.96 14.75 52.55
C PHE F 50 -10.88 14.06 51.71
N ASN F 51 -9.69 13.95 52.29
CA ASN F 51 -8.59 13.23 51.66
C ASN F 51 -7.69 12.70 52.78
N MET F 52 -7.91 11.44 53.17
CA MET F 52 -7.09 10.82 54.19
C MET F 52 -5.62 10.73 53.80
N TRP F 53 -5.32 10.80 52.50
CA TRP F 53 -3.96 10.64 52.00
C TRP F 53 -3.21 11.96 51.91
N LYS F 54 -3.83 13.08 52.30
CA LYS F 54 -3.18 14.38 52.33
C LYS F 54 -3.81 15.14 53.49
N ASN F 55 -3.30 14.88 54.70
CA ASN F 55 -3.93 15.35 55.92
C ASN F 55 -2.85 15.53 56.98
N ASP F 56 -2.57 16.79 57.33
CA ASP F 56 -1.49 17.09 58.27
C ASP F 56 -1.69 16.41 59.62
N MET F 57 -2.92 16.01 59.96
CA MET F 57 -3.15 15.28 61.20
C MET F 57 -2.29 14.02 61.24
N VAL F 58 -2.10 13.37 60.10
CA VAL F 58 -1.30 12.15 60.05
C VAL F 58 0.15 12.45 60.45
N ASP F 59 0.73 13.51 59.88
CA ASP F 59 2.10 13.87 60.21
C ASP F 59 2.24 14.27 61.68
N GLN F 60 1.26 15.00 62.20
CA GLN F 60 1.31 15.38 63.61
C GLN F 60 1.24 14.15 64.52
N MET F 61 0.40 13.18 64.16
CA MET F 61 0.31 11.96 64.94
C MET F 61 1.61 11.16 64.86
N GLN F 62 2.23 11.12 63.69
CA GLN F 62 3.53 10.47 63.57
C GLN F 62 4.54 11.11 64.51
N GLU F 63 4.62 12.45 64.47
CA GLU F 63 5.51 13.17 65.37
C GLU F 63 5.22 12.82 66.83
N ASP F 64 3.94 12.74 67.19
CA ASP F 64 3.58 12.46 68.57
C ASP F 64 4.00 11.05 68.98
N VAL F 65 3.77 10.05 68.13
CA VAL F 65 4.13 8.68 68.49
C VAL F 65 5.65 8.53 68.58
N ILE F 66 6.38 9.23 67.71
CA ILE F 66 7.84 9.21 67.81
C ILE F 66 8.29 9.85 69.12
N SER F 67 7.65 10.95 69.52
CA SER F 67 7.98 11.56 70.80
C SER F 67 7.67 10.62 71.96
N ILE F 68 6.56 9.89 71.85
CA ILE F 68 6.21 8.90 72.87
C ILE F 68 7.34 7.89 73.00
N TRP F 69 7.76 7.30 71.89
CA TRP F 69 8.82 6.30 71.93
C TRP F 69 10.16 6.88 72.35
N ASP F 70 10.36 8.19 72.17
CA ASP F 70 11.60 8.81 72.64
C ASP F 70 11.79 8.65 74.14
N GLN F 71 10.69 8.61 74.90
CA GLN F 71 10.75 8.41 76.35
C GLN F 71 10.46 6.98 76.76
N CYS F 72 9.44 6.35 76.15
CA CYS F 72 9.09 4.98 76.53
C CYS F 72 10.24 4.02 76.28
N LEU F 73 10.64 3.86 75.03
CA LEU F 73 11.61 2.85 74.61
C LEU F 73 12.87 3.56 74.11
N LYS F 74 13.69 4.01 75.05
CA LYS F 74 14.99 4.54 74.68
C LYS F 74 15.91 3.38 74.28
N PRO F 75 16.40 3.34 73.04
CA PRO F 75 17.23 2.20 72.64
C PRO F 75 18.58 2.23 73.33
N CYS F 76 19.09 1.04 73.68
CA CYS F 76 20.38 0.98 74.33
C CYS F 76 21.49 1.48 73.40
N VAL F 77 21.39 1.17 72.11
CA VAL F 77 22.20 1.85 71.11
C VAL F 77 21.36 2.05 69.85
N LYS F 78 21.83 2.96 69.00
CA LYS F 78 21.10 3.39 67.82
C LYS F 78 22.11 3.69 66.73
N LEU F 79 22.03 2.96 65.62
CA LEU F 79 22.93 3.12 64.48
C LEU F 79 22.19 3.80 63.35
N THR F 80 22.77 4.88 62.82
CA THR F 80 22.31 5.47 61.58
C THR F 80 23.54 5.79 60.74
N ASN F 81 23.32 5.89 59.43
CA ASN F 81 24.42 6.12 58.50
C ASN F 81 25.29 7.30 58.91
N THR F 82 24.80 8.17 59.80
CA THR F 82 25.53 9.37 60.19
C THR F 82 25.96 9.37 61.65
N SER F 83 25.46 8.47 62.48
CA SER F 83 25.72 8.60 63.91
C SER F 83 25.56 7.27 64.62
N THR F 84 26.15 7.20 65.82
CA THR F 84 26.06 6.06 66.70
C THR F 84 25.75 6.54 68.11
N LEU F 85 24.71 5.98 68.71
CA LEU F 85 24.26 6.36 70.05
C LEU F 85 24.26 5.13 70.93
N THR F 86 24.53 5.32 72.21
CA THR F 86 24.54 4.23 73.18
C THR F 86 23.94 4.76 74.48
N GLN F 87 22.72 4.35 74.78
CA GLN F 87 21.98 4.85 75.93
C GLN F 87 21.81 3.76 76.97
N ALA F 88 21.43 4.19 78.17
CA ALA F 88 20.87 3.29 79.17
C ALA F 88 19.41 3.06 78.81
N CYS F 89 19.05 1.80 78.56
CA CYS F 89 17.70 1.49 78.12
C CYS F 89 16.95 0.70 79.19
N PRO F 90 16.67 1.30 80.34
CA PRO F 90 15.91 0.59 81.37
C PRO F 90 14.51 0.25 80.87
N LYS F 91 14.01 -0.88 81.33
CA LYS F 91 12.70 -1.36 80.88
C LYS F 91 11.59 -0.64 81.63
N VAL F 92 10.48 -0.43 80.94
CA VAL F 92 9.33 0.28 81.49
C VAL F 92 8.05 -0.39 81.03
N THR F 93 6.99 -0.21 81.83
CA THR F 93 5.69 -0.76 81.47
C THR F 93 5.16 -0.08 80.21
N PHE F 94 4.44 -0.84 79.40
CA PHE F 94 4.02 -0.38 78.07
C PHE F 94 2.61 -0.86 77.80
N ASP F 95 1.69 0.09 77.63
CA ASP F 95 0.32 -0.20 77.21
C ASP F 95 -0.29 1.07 76.63
N PRO F 96 -0.43 1.17 75.31
CA PRO F 96 -0.92 2.43 74.72
C PRO F 96 -2.27 2.85 75.27
N ILE F 97 -2.42 4.14 75.51
CA ILE F 97 -3.68 4.73 75.95
C ILE F 97 -4.32 5.43 74.76
N PRO F 98 -5.65 5.43 74.62
CA PRO F 98 -6.27 6.25 73.57
C PRO F 98 -5.98 7.72 73.78
N ILE F 99 -5.74 8.42 72.67
CA ILE F 99 -5.37 9.84 72.70
C ILE F 99 -6.23 10.59 71.70
N HIS F 100 -6.89 11.65 72.17
CA HIS F 100 -7.71 12.51 71.32
C HIS F 100 -6.87 13.67 70.81
N TYR F 101 -7.11 14.06 69.56
CA TYR F 101 -6.37 15.14 68.90
C TYR F 101 -7.32 16.30 68.64
N CYS F 102 -7.08 17.43 69.30
CA CYS F 102 -7.98 18.57 69.24
C CYS F 102 -7.35 19.73 68.48
N ALA F 103 -8.20 20.46 67.77
CA ALA F 103 -7.79 21.70 67.13
C ALA F 103 -7.77 22.84 68.15
N PRO F 104 -6.86 23.82 67.97
CA PRO F 104 -6.76 24.90 68.96
C PRO F 104 -7.82 25.97 68.78
N ALA F 105 -7.68 27.08 69.49
CA ALA F 105 -8.65 28.16 69.41
C ALA F 105 -8.67 28.73 67.99
N GLY F 106 -9.88 28.84 67.43
CA GLY F 106 -10.05 29.33 66.08
C GLY F 106 -10.13 28.27 65.02
N TYR F 107 -10.23 26.99 65.41
CA TYR F 107 -10.30 25.90 64.46
C TYR F 107 -11.25 24.84 65.01
N ALA F 108 -11.59 23.89 64.14
CA ALA F 108 -12.40 22.74 64.54
C ALA F 108 -12.04 21.56 63.65
N ILE F 109 -12.67 20.42 63.89
CA ILE F 109 -12.39 19.19 63.18
C ILE F 109 -13.69 18.72 62.53
N LEU F 110 -13.75 18.77 61.20
CA LEU F 110 -14.81 18.12 60.47
C LEU F 110 -14.67 16.60 60.61
N LYS F 111 -15.81 15.94 60.81
CA LYS F 111 -15.88 14.50 60.98
C LYS F 111 -16.91 13.98 59.98
N CYS F 112 -16.49 13.07 59.12
CA CYS F 112 -17.38 12.46 58.14
C CYS F 112 -18.09 11.28 58.79
N ASN F 113 -19.42 11.33 58.78
CA ASN F 113 -20.23 10.29 59.41
C ASN F 113 -20.82 9.32 58.40
N ASN F 114 -20.46 9.43 57.13
CA ASN F 114 -20.85 8.42 56.15
C ASN F 114 -20.06 7.14 56.42
N LYS F 115 -20.77 6.02 56.57
CA LYS F 115 -20.17 4.82 57.12
C LYS F 115 -19.45 3.98 56.07
N THR F 116 -19.74 4.18 54.78
CA THR F 116 -19.02 3.50 53.71
C THR F 116 -18.03 4.42 53.01
N PHE F 117 -17.66 5.53 53.65
CA PHE F 117 -16.74 6.48 53.06
C PHE F 117 -15.34 5.87 52.98
N ASN F 118 -14.77 5.85 51.77
CA ASN F 118 -13.46 5.23 51.57
C ASN F 118 -12.30 6.12 51.97
N GLY F 119 -12.55 7.37 52.33
CA GLY F 119 -11.51 8.25 52.84
C GLY F 119 -11.05 9.32 51.87
N LYS F 120 -11.53 9.30 50.62
CA LYS F 120 -11.15 10.29 49.63
C LYS F 120 -12.38 10.68 48.83
N GLY F 121 -12.57 11.98 48.64
CA GLY F 121 -13.69 12.49 47.88
C GLY F 121 -14.72 13.15 48.76
N PRO F 122 -15.93 13.36 48.24
CA PRO F 122 -16.95 14.07 49.00
C PRO F 122 -17.67 13.20 50.01
N CYS F 123 -18.02 13.83 51.13
CA CYS F 123 -18.81 13.24 52.19
C CYS F 123 -19.96 14.18 52.49
N ASN F 124 -21.18 13.64 52.54
CA ASN F 124 -22.39 14.45 52.64
C ASN F 124 -22.97 14.53 54.04
N ASN F 125 -22.61 13.59 54.92
CA ASN F 125 -23.03 13.63 56.32
C ASN F 125 -21.83 14.10 57.13
N VAL F 126 -21.84 15.36 57.54
CA VAL F 126 -20.69 16.01 58.15
C VAL F 126 -21.08 16.57 59.51
N SER F 127 -20.18 16.38 60.47
CA SER F 127 -20.32 16.99 61.79
C SER F 127 -19.05 17.77 62.09
N THR F 128 -19.12 18.59 63.14
CA THR F 128 -17.97 19.35 63.62
C THR F 128 -17.76 19.03 65.08
N VAL F 129 -16.50 18.77 65.44
CA VAL F 129 -16.10 18.44 66.81
C VAL F 129 -14.88 19.29 67.16
N GLN F 130 -14.53 19.26 68.45
CA GLN F 130 -13.34 19.93 68.93
C GLN F 130 -12.14 18.99 68.98
N CYS F 131 -12.36 17.70 69.21
CA CYS F 131 -11.28 16.74 69.34
C CYS F 131 -11.70 15.43 68.69
N THR F 132 -10.69 14.62 68.34
CA THR F 132 -10.92 13.29 67.79
C THR F 132 -11.41 12.36 68.89
N HIS F 133 -11.79 11.14 68.50
CA HIS F 133 -12.47 10.22 69.40
C HIS F 133 -11.50 9.32 70.18
N GLY F 134 -10.23 9.66 70.25
CA GLY F 134 -9.29 8.87 71.04
C GLY F 134 -8.77 7.65 70.34
N ILE F 135 -7.54 7.74 69.84
CA ILE F 135 -6.90 6.68 69.06
C ILE F 135 -5.75 6.12 69.87
N LYS F 136 -5.68 4.79 69.98
CA LYS F 136 -4.54 4.15 70.60
C LYS F 136 -3.38 4.12 69.59
N PRO F 137 -2.21 4.66 69.93
CA PRO F 137 -1.11 4.66 68.95
C PRO F 137 -0.45 3.30 68.82
N VAL F 138 -1.05 2.41 68.04
CA VAL F 138 -0.64 1.01 67.95
C VAL F 138 0.27 0.88 66.74
N VAL F 139 1.59 0.80 66.97
CA VAL F 139 2.52 0.52 65.89
C VAL F 139 2.34 -0.93 65.47
N SER F 140 2.42 -1.19 64.17
CA SER F 140 2.17 -2.53 63.68
C SER F 140 2.41 -2.58 62.18
N THR F 141 2.44 -3.79 61.65
CA THR F 141 2.56 -4.04 60.22
C THR F 141 1.66 -5.20 59.86
N GLN F 142 1.21 -5.23 58.61
CA GLN F 142 0.36 -6.31 58.11
C GLN F 142 -1.01 -6.30 58.78
N LEU F 143 -1.04 -6.32 60.11
CA LEU F 143 -2.27 -6.35 60.88
C LEU F 143 -2.40 -5.05 61.67
N LEU F 144 -3.55 -4.39 61.55
CA LEU F 144 -3.86 -3.23 62.37
C LEU F 144 -4.56 -3.72 63.64
N LEU F 145 -4.04 -3.31 64.79
CA LEU F 145 -4.45 -3.83 66.08
C LEU F 145 -5.07 -2.72 66.94
N ASN F 146 -6.10 -3.09 67.70
CA ASN F 146 -6.66 -2.22 68.74
C ASN F 146 -7.15 -0.90 68.16
N GLY F 147 -7.79 -0.96 66.98
CA GLY F 147 -8.27 0.22 66.31
C GLY F 147 -9.78 0.19 66.13
N SER F 148 -10.32 1.32 65.69
CA SER F 148 -11.75 1.42 65.43
C SER F 148 -12.15 0.48 64.30
N LEU F 149 -13.46 0.24 64.20
CA LEU F 149 -14.00 -0.71 63.24
C LEU F 149 -14.96 -0.03 62.28
N ALA F 150 -15.13 -0.65 61.12
CA ALA F 150 -16.16 -0.21 60.19
C ALA F 150 -17.54 -0.52 60.75
N GLU F 151 -18.46 0.42 60.59
CA GLU F 151 -19.76 0.33 61.24
C GLU F 151 -20.83 -0.36 60.40
N GLU F 152 -20.55 -0.63 59.13
CA GLU F 152 -21.53 -1.28 58.27
C GLU F 152 -20.86 -2.29 57.34
N GLU F 153 -20.27 -1.80 56.26
CA GLU F 153 -19.62 -2.63 55.26
C GLU F 153 -18.10 -2.55 55.41
N ILE F 154 -17.42 -3.55 54.85
CA ILE F 154 -15.97 -3.50 54.76
C ILE F 154 -15.57 -2.26 53.98
N VAL F 155 -14.52 -1.58 54.43
CA VAL F 155 -14.07 -0.35 53.79
C VAL F 155 -12.72 -0.62 53.14
N ILE F 156 -12.61 -0.27 51.86
CA ILE F 156 -11.38 -0.39 51.08
C ILE F 156 -10.89 1.01 50.77
N ARG F 157 -9.81 1.42 51.41
CA ARG F 157 -9.25 2.75 51.26
C ARG F 157 -7.92 2.67 50.52
N SER F 158 -7.74 3.53 49.52
CA SER F 158 -6.50 3.55 48.75
C SER F 158 -6.46 4.84 47.95
N LYS F 159 -5.34 5.55 48.02
CA LYS F 159 -5.19 6.76 47.22
C LYS F 159 -5.52 6.49 45.76
N ASN F 160 -5.24 5.27 45.29
CA ASN F 160 -5.62 4.87 43.95
C ASN F 160 -5.49 3.35 43.80
N LEU F 161 -6.63 2.66 43.71
CA LEU F 161 -6.61 1.20 43.62
C LEU F 161 -5.88 0.73 42.37
N SER F 162 -5.95 1.49 41.28
CA SER F 162 -5.29 1.09 40.04
C SER F 162 -3.78 1.23 40.10
N ASP F 163 -3.24 1.94 41.10
CA ASP F 163 -1.81 2.14 41.25
C ASP F 163 -1.28 1.06 42.19
N ASN F 164 -0.65 0.02 41.63
CA ASN F 164 -0.17 -1.09 42.44
C ASN F 164 0.88 -0.66 43.46
N ALA F 165 1.42 0.56 43.36
CA ALA F 165 2.38 1.06 44.33
C ALA F 165 1.71 1.70 45.54
N LYS F 166 0.40 1.91 45.51
CA LYS F 166 -0.31 2.55 46.61
C LYS F 166 -0.86 1.50 47.57
N ILE F 167 -0.55 1.65 48.85
CA ILE F 167 -1.02 0.73 49.86
C ILE F 167 -2.56 0.68 49.85
N ILE F 168 -3.09 -0.44 50.31
CA ILE F 168 -4.54 -0.65 50.41
C ILE F 168 -4.86 -0.91 51.88
N ILE F 169 -5.53 0.04 52.51
CA ILE F 169 -6.01 -0.13 53.88
C ILE F 169 -7.39 -0.78 53.82
N VAL F 170 -7.60 -1.80 54.64
CA VAL F 170 -8.87 -2.51 54.70
C VAL F 170 -9.38 -2.40 56.14
N GLN F 171 -10.52 -1.74 56.31
CA GLN F 171 -11.17 -1.67 57.61
C GLN F 171 -12.26 -2.73 57.66
N LEU F 172 -12.12 -3.64 58.62
CA LEU F 172 -13.06 -4.72 58.82
C LEU F 172 -14.33 -4.22 59.50
N ASN F 173 -15.42 -4.96 59.29
CA ASN F 173 -16.69 -4.67 59.96
C ASN F 173 -17.04 -5.77 60.96
N LYS F 174 -16.03 -6.49 61.44
CA LYS F 174 -16.18 -7.47 62.51
C LYS F 174 -14.80 -7.90 62.99
N SER F 175 -14.28 -7.23 64.02
CA SER F 175 -12.94 -7.51 64.49
C SER F 175 -12.72 -9.00 64.68
N VAL F 176 -11.45 -9.39 64.63
CA VAL F 176 -11.07 -10.78 64.89
C VAL F 176 -10.06 -10.78 66.03
N GLU F 177 -10.04 -11.88 66.78
CA GLU F 177 -9.25 -12.00 68.00
C GLU F 177 -7.87 -12.57 67.70
N ILE F 178 -6.86 -12.13 68.45
CA ILE F 178 -5.55 -12.77 68.40
C ILE F 178 -5.00 -12.81 69.83
N VAL F 179 -4.32 -13.91 70.17
CA VAL F 179 -3.80 -14.12 71.53
C VAL F 179 -2.34 -14.52 71.37
N CYS F 180 -1.43 -13.60 71.68
CA CYS F 180 -0.03 -13.79 71.31
C CYS F 180 0.87 -13.45 72.48
N THR F 181 1.79 -14.36 72.80
CA THR F 181 2.54 -14.29 74.03
C THR F 181 3.77 -15.18 73.93
N ARG F 182 4.64 -15.07 74.94
CA ARG F 182 5.76 -15.98 75.08
C ARG F 182 5.66 -16.66 76.45
N PRO F 183 5.54 -17.99 76.53
CA PRO F 183 5.39 -18.63 77.84
C PRO F 183 6.55 -18.30 78.77
N ASN F 184 6.23 -18.15 80.06
CA ASN F 184 7.24 -17.82 81.05
C ASN F 184 8.32 -18.90 81.11
N ASN F 185 7.91 -20.17 81.15
CA ASN F 185 8.84 -21.29 81.15
C ASN F 185 8.74 -22.07 79.85
N GLY F 192 13.83 -22.99 78.16
CA GLY F 192 13.99 -22.91 76.73
C GLY F 192 14.58 -21.59 76.28
N ASP F 193 14.37 -21.24 75.01
CA ASP F 193 14.86 -19.98 74.47
C ASP F 193 13.92 -18.85 74.91
N ILE F 194 14.48 -17.83 75.55
CA ILE F 194 13.67 -16.73 76.04
C ILE F 194 13.14 -15.88 74.88
N ARG F 195 13.87 -15.83 73.77
CA ARG F 195 13.37 -15.15 72.58
C ARG F 195 12.25 -15.90 71.89
N GLN F 196 12.04 -17.17 72.23
CA GLN F 196 10.97 -17.95 71.61
C GLN F 196 9.61 -17.47 72.13
N ALA F 197 8.64 -17.46 71.23
CA ALA F 197 7.28 -17.03 71.56
C ALA F 197 6.34 -17.65 70.53
N TYR F 198 5.05 -17.42 70.71
CA TYR F 198 4.08 -17.90 69.73
C TYR F 198 2.81 -17.05 69.85
N CYS F 199 1.78 -17.44 69.10
CA CYS F 199 0.68 -16.54 68.81
C CYS F 199 -0.44 -17.29 68.11
N ASN F 200 -1.63 -17.27 68.69
CA ASN F 200 -2.78 -18.05 68.26
C ASN F 200 -3.88 -17.16 67.70
N ILE F 201 -4.57 -17.67 66.68
CA ILE F 201 -5.65 -16.94 66.02
C ILE F 201 -6.73 -17.92 65.62
N SER F 202 -7.99 -17.49 65.73
CA SER F 202 -9.13 -18.30 65.33
C SER F 202 -9.16 -18.43 63.81
N GLY F 203 -8.78 -19.60 63.30
CA GLY F 203 -8.91 -19.86 61.87
C GLY F 203 -10.33 -20.09 61.42
N ARG F 204 -11.28 -20.20 62.34
CA ARG F 204 -12.67 -20.46 62.00
C ARG F 204 -13.28 -19.27 61.27
N ASN F 205 -13.47 -18.16 62.00
CA ASN F 205 -14.06 -16.96 61.41
C ASN F 205 -13.14 -16.29 60.41
N TRP F 206 -11.84 -16.63 60.41
CA TRP F 206 -10.92 -16.01 59.48
C TRP F 206 -11.26 -16.35 58.03
N SER F 207 -11.77 -17.56 57.79
CA SER F 207 -12.15 -17.95 56.44
C SER F 207 -13.23 -17.01 55.90
N GLU F 208 -14.31 -16.82 56.67
CA GLU F 208 -15.36 -15.91 56.25
C GLU F 208 -14.85 -14.47 56.15
N ALA F 209 -13.96 -14.08 57.06
CA ALA F 209 -13.40 -12.74 57.01
C ALA F 209 -12.70 -12.49 55.68
N VAL F 210 -11.78 -13.39 55.31
CA VAL F 210 -11.05 -13.19 54.06
C VAL F 210 -11.97 -13.36 52.87
N ASN F 211 -12.99 -14.22 52.97
CA ASN F 211 -13.93 -14.35 51.86
C ASN F 211 -14.68 -13.05 51.63
N GLN F 212 -15.10 -12.38 52.70
CA GLN F 212 -15.80 -11.11 52.55
C GLN F 212 -14.87 -9.99 52.08
N VAL F 213 -13.60 -10.01 52.52
CA VAL F 213 -12.64 -9.04 52.01
C VAL F 213 -12.38 -9.29 50.53
N LYS F 214 -12.34 -10.55 50.12
CA LYS F 214 -12.21 -10.88 48.71
C LYS F 214 -13.43 -10.41 47.93
N LYS F 215 -14.61 -10.53 48.52
CA LYS F 215 -15.81 -9.99 47.88
C LYS F 215 -15.69 -8.48 47.70
N LYS F 216 -15.23 -7.77 48.73
CA LYS F 216 -15.10 -6.32 48.64
C LYS F 216 -14.08 -5.94 47.57
N LEU F 217 -12.93 -6.61 47.53
CA LEU F 217 -11.95 -6.34 46.49
C LEU F 217 -12.50 -6.67 45.12
N LYS F 218 -13.26 -7.76 45.00
CA LYS F 218 -13.82 -8.19 43.73
C LYS F 218 -14.90 -7.25 43.23
N GLU F 219 -15.47 -6.42 44.11
CA GLU F 219 -16.37 -5.37 43.66
C GLU F 219 -15.65 -4.40 42.73
N HIS F 220 -14.36 -4.17 42.95
CA HIS F 220 -13.58 -3.26 42.13
C HIS F 220 -12.82 -3.98 41.01
N PHE F 221 -12.64 -5.30 41.11
CA PHE F 221 -11.95 -6.09 40.10
C PHE F 221 -12.87 -7.21 39.63
N PRO F 222 -13.90 -6.89 38.86
CA PRO F 222 -14.85 -7.93 38.44
C PRO F 222 -14.21 -8.97 37.54
N HIS F 223 -14.84 -10.15 37.52
CA HIS F 223 -14.41 -11.25 36.66
C HIS F 223 -12.97 -11.64 36.97
N LYS F 224 -12.63 -11.74 38.26
CA LYS F 224 -11.28 -12.08 38.68
C LYS F 224 -11.32 -13.14 39.77
N ASN F 225 -10.16 -13.44 40.34
CA ASN F 225 -10.05 -14.35 41.48
C ASN F 225 -9.07 -13.73 42.47
N ILE F 226 -9.59 -13.30 43.62
CA ILE F 226 -8.76 -12.64 44.62
C ILE F 226 -7.94 -13.69 45.35
N SER F 227 -6.62 -13.59 45.24
CA SER F 227 -5.70 -14.50 45.91
C SER F 227 -4.91 -13.76 46.96
N PHE F 228 -4.68 -14.41 48.10
CA PHE F 228 -3.88 -13.86 49.19
C PHE F 228 -2.59 -14.67 49.28
N GLN F 229 -1.45 -13.99 49.19
CA GLN F 229 -0.16 -14.63 49.28
C GLN F 229 0.71 -13.88 50.27
N SER F 230 1.86 -14.47 50.59
CA SER F 230 2.79 -13.86 51.53
C SER F 230 3.49 -12.67 50.87
N SER F 231 4.19 -11.91 51.70
CA SER F 231 4.95 -10.76 51.21
C SER F 231 5.95 -11.19 50.14
N SER F 232 6.16 -10.33 49.15
CA SER F 232 7.14 -10.60 48.11
C SER F 232 8.56 -10.33 48.55
N GLY F 233 8.77 -9.80 49.75
CA GLY F 233 10.10 -9.59 50.27
C GLY F 233 10.22 -8.31 51.08
N GLY F 234 11.38 -8.13 51.73
CA GLY F 234 11.69 -6.94 52.49
C GLY F 234 12.20 -7.27 53.86
N ASP F 235 12.45 -6.22 54.64
CA ASP F 235 12.86 -6.37 56.03
C ASP F 235 11.87 -7.26 56.79
N LEU F 236 12.28 -7.81 57.93
CA LEU F 236 11.40 -8.69 58.69
C LEU F 236 10.18 -7.95 59.20
N GLU F 237 10.31 -6.65 59.48
CA GLU F 237 9.17 -5.86 59.93
C GLU F 237 8.02 -5.92 58.95
N ILE F 238 8.29 -6.22 57.68
CA ILE F 238 7.28 -6.15 56.63
C ILE F 238 6.81 -7.53 56.19
N THR F 239 7.72 -8.47 56.03
CA THR F 239 7.32 -9.82 55.61
C THR F 239 6.58 -10.56 56.71
N THR F 240 6.62 -10.07 57.95
CA THR F 240 5.91 -10.68 59.06
C THR F 240 5.30 -9.59 59.93
N HIS F 241 4.62 -9.99 60.99
CA HIS F 241 3.86 -9.08 61.83
C HIS F 241 4.78 -8.53 62.92
N SER F 242 5.15 -7.26 62.81
CA SER F 242 5.99 -6.60 63.80
C SER F 242 5.14 -5.68 64.67
N PHE F 243 5.43 -5.67 65.98
CA PHE F 243 4.75 -4.76 66.89
C PHE F 243 5.35 -4.80 68.30
N ASN F 244 5.23 -3.72 69.07
CA ASN F 244 5.77 -3.73 70.42
C ASN F 244 4.73 -4.23 71.41
N CYS F 245 5.21 -4.59 72.60
CA CYS F 245 4.34 -5.09 73.65
C CYS F 245 5.11 -5.30 74.95
N GLY F 246 4.69 -4.63 76.01
CA GLY F 246 5.39 -4.73 77.28
C GLY F 246 6.83 -4.27 77.20
N GLY F 247 7.15 -3.38 76.27
CA GLY F 247 8.52 -2.94 76.06
C GLY F 247 9.37 -3.87 75.22
N GLU F 248 8.79 -4.97 74.72
CA GLU F 248 9.50 -5.96 73.94
C GLU F 248 8.92 -6.00 72.52
N PHE F 249 9.79 -5.97 71.52
CA PHE F 249 9.36 -5.98 70.13
C PHE F 249 9.17 -7.42 69.66
N PHE F 250 8.00 -7.71 69.10
CA PHE F 250 7.64 -9.03 68.63
C PHE F 250 7.58 -9.04 67.11
N TYR F 251 8.12 -10.09 66.51
CA TYR F 251 8.04 -10.36 65.08
C TYR F 251 7.47 -11.76 64.91
N CYS F 252 6.28 -11.86 64.32
CA CYS F 252 5.53 -13.11 64.24
C CYS F 252 5.34 -13.49 62.78
N ASN F 253 5.81 -14.68 62.42
CA ASN F 253 5.58 -15.20 61.07
C ASN F 253 4.09 -15.30 60.81
N THR F 254 3.70 -15.02 59.56
CA THR F 254 2.29 -14.85 59.21
C THR F 254 1.90 -15.68 57.99
N SER F 255 2.61 -16.79 57.75
CA SER F 255 2.38 -17.55 56.53
C SER F 255 0.98 -18.16 56.49
N GLY F 256 0.48 -18.61 57.65
CA GLY F 256 -0.77 -19.33 57.69
C GLY F 256 -2.02 -18.49 57.48
N LEU F 257 -1.89 -17.16 57.53
CA LEU F 257 -3.06 -16.30 57.40
C LEU F 257 -3.36 -15.91 55.96
N PHE F 258 -2.34 -15.59 55.18
CA PHE F 258 -2.54 -15.09 53.81
C PHE F 258 -2.30 -16.22 52.80
N ASN F 259 -3.15 -17.24 52.86
CA ASN F 259 -3.13 -18.35 51.92
C ASN F 259 -4.53 -18.51 51.32
N ASP F 260 -4.59 -19.25 50.21
CA ASP F 260 -5.86 -19.59 49.60
C ASP F 260 -6.46 -20.86 50.16
N THR F 261 -5.78 -21.52 51.11
CA THR F 261 -6.30 -22.68 51.80
C THR F 261 -6.22 -22.41 53.30
N ILE F 262 -7.37 -22.41 53.96
CA ILE F 262 -7.52 -21.89 55.31
C ILE F 262 -7.95 -23.00 56.25
N SER F 263 -7.38 -23.00 57.46
CA SER F 263 -7.69 -23.96 58.51
C SER F 263 -8.74 -23.36 59.45
N ASN F 264 -9.18 -24.17 60.41
CA ASN F 264 -10.18 -23.74 61.39
C ASN F 264 -9.73 -23.98 62.82
N ALA F 265 -8.47 -24.36 63.03
CA ALA F 265 -7.95 -24.58 64.37
C ALA F 265 -7.30 -23.29 64.89
N THR F 266 -6.88 -23.30 66.14
CA THR F 266 -6.09 -22.21 66.67
C THR F 266 -4.77 -22.12 65.91
N ILE F 267 -4.76 -21.39 64.79
CA ILE F 267 -3.56 -21.28 63.99
C ILE F 267 -2.47 -20.63 64.82
N MET F 268 -1.28 -21.21 64.79
CA MET F 268 -0.18 -20.79 65.63
C MET F 268 0.86 -20.08 64.78
N LEU F 269 1.33 -18.93 65.24
CA LEU F 269 2.28 -18.12 64.50
C LEU F 269 3.61 -18.08 65.24
N PRO F 270 4.69 -18.63 64.68
CA PRO F 270 5.99 -18.50 65.35
C PRO F 270 6.36 -17.04 65.55
N CYS F 271 6.97 -16.74 66.69
CA CYS F 271 7.33 -15.36 67.01
C CYS F 271 8.72 -15.34 67.64
N ARG F 272 9.40 -14.21 67.44
CA ARG F 272 10.68 -13.95 68.07
C ARG F 272 10.70 -12.50 68.53
N ILE F 273 11.33 -12.23 69.68
CA ILE F 273 11.55 -10.88 70.14
C ILE F 273 13.01 -10.53 69.85
N LYS F 274 13.22 -9.40 69.19
CA LYS F 274 14.55 -8.94 68.87
C LYS F 274 14.93 -7.74 69.71
N GLN F 275 16.23 -7.55 69.86
CA GLN F 275 16.77 -6.26 70.26
C GLN F 275 17.20 -5.46 69.04
N ILE F 276 17.64 -6.14 67.98
CA ILE F 276 17.93 -5.51 66.70
C ILE F 276 16.60 -5.28 66.00
N ILE F 277 16.22 -4.01 65.81
CA ILE F 277 14.99 -3.67 65.10
C ILE F 277 15.28 -2.57 64.09
N ASN F 278 14.65 -2.68 62.92
CA ASN F 278 14.70 -1.61 61.92
C ASN F 278 13.66 -0.57 62.32
N MET F 279 14.12 0.61 62.71
CA MET F 279 13.22 1.65 63.19
C MET F 279 12.26 2.09 62.09
N TRP F 280 11.04 2.44 62.51
CA TRP F 280 10.10 3.14 61.65
C TRP F 280 10.18 4.64 61.80
N GLN F 281 10.53 5.13 63.00
CA GLN F 281 10.69 6.56 63.22
C GLN F 281 11.65 7.17 62.20
N GLU F 282 12.69 6.41 61.83
CA GLU F 282 13.65 6.85 60.83
C GLU F 282 14.36 5.61 60.30
N VAL F 283 15.08 5.78 59.20
CA VAL F 283 15.87 4.69 58.64
C VAL F 283 17.08 4.47 59.54
N GLY F 284 17.12 3.33 60.21
CA GLY F 284 18.24 3.02 61.09
C GLY F 284 17.98 1.77 61.88
N LYS F 285 19.01 1.38 62.63
CA LYS F 285 18.97 0.21 63.50
C LYS F 285 18.88 0.67 64.95
N ALA F 286 18.06 -0.03 65.74
CA ALA F 286 17.95 0.25 67.16
C ALA F 286 18.11 -1.04 67.95
N ILE F 287 18.93 -1.00 69.00
CA ILE F 287 19.30 -2.15 69.80
C ILE F 287 18.89 -1.87 71.24
N TYR F 288 18.00 -2.71 71.77
CA TYR F 288 17.48 -2.58 73.12
C TYR F 288 18.07 -3.68 74.02
N ALA F 289 17.59 -3.76 75.25
CA ALA F 289 18.07 -4.74 76.21
C ALA F 289 17.41 -6.08 75.98
N PRO F 290 17.95 -7.14 76.58
CA PRO F 290 17.32 -8.47 76.46
C PRO F 290 15.91 -8.46 77.02
N PRO F 291 15.13 -9.51 76.79
CA PRO F 291 13.74 -9.52 77.27
C PRO F 291 13.69 -9.40 78.78
N ILE F 292 12.49 -9.06 79.28
CA ILE F 292 12.27 -8.99 80.72
C ILE F 292 11.96 -10.38 81.26
N LYS F 293 12.12 -10.54 82.57
CA LYS F 293 11.80 -11.80 83.21
C LYS F 293 10.29 -11.98 83.30
N GLY F 294 9.88 -13.25 83.41
CA GLY F 294 8.49 -13.57 83.63
C GLY F 294 7.72 -13.78 82.34
N ASN F 295 6.40 -13.68 82.46
CA ASN F 295 5.48 -13.93 81.36
C ASN F 295 5.16 -12.62 80.63
N ILE F 296 4.97 -12.73 79.31
CA ILE F 296 4.75 -11.56 78.45
C ILE F 296 3.65 -11.93 77.46
N THR F 297 2.49 -11.27 77.59
CA THR F 297 1.34 -11.53 76.74
C THR F 297 0.79 -10.22 76.20
N CYS F 298 0.10 -10.31 75.06
CA CYS F 298 -0.56 -9.15 74.47
C CYS F 298 -1.83 -9.64 73.79
N LYS F 299 -2.98 -9.33 74.38
CA LYS F 299 -4.28 -9.69 73.79
C LYS F 299 -4.74 -8.53 72.93
N SER F 300 -4.83 -8.75 71.62
CA SER F 300 -5.16 -7.70 70.68
C SER F 300 -6.29 -8.13 69.75
N ASP F 301 -6.94 -7.10 69.22
CA ASP F 301 -8.05 -7.21 68.28
C ASP F 301 -7.57 -6.72 66.92
N ILE F 302 -7.49 -7.63 65.96
CA ILE F 302 -7.16 -7.24 64.59
C ILE F 302 -8.41 -6.63 63.96
N THR F 303 -8.31 -5.36 63.57
CA THR F 303 -9.42 -4.58 63.05
C THR F 303 -9.16 -4.06 61.64
N GLY F 304 -7.97 -4.27 61.09
CA GLY F 304 -7.66 -3.77 59.77
C GLY F 304 -6.49 -4.49 59.16
N LEU F 305 -6.36 -4.33 57.84
CA LEU F 305 -5.31 -4.99 57.06
C LEU F 305 -4.61 -3.96 56.19
N LEU F 306 -3.35 -4.25 55.88
CA LEU F 306 -2.53 -3.44 54.98
C LEU F 306 -2.10 -4.36 53.83
N LEU F 307 -2.72 -4.21 52.67
CA LEU F 307 -2.50 -5.07 51.54
C LEU F 307 -1.82 -4.32 50.41
N LEU F 308 -1.18 -5.09 49.52
CA LEU F 308 -0.45 -4.57 48.38
C LEU F 308 -0.72 -5.49 47.20
N ARG F 309 -1.14 -4.90 46.08
CA ARG F 309 -1.53 -5.66 44.90
C ARG F 309 -0.36 -5.77 43.93
N ASP F 310 -0.30 -6.91 43.24
CA ASP F 310 0.76 -7.15 42.26
C ASP F 310 0.38 -6.51 40.92
N GLY F 311 1.38 -5.90 40.28
CA GLY F 311 1.15 -5.17 39.06
C GLY F 311 1.07 -6.07 37.84
N CYS F 312 1.14 -5.44 36.67
CA CYS F 312 1.12 -6.15 35.38
C CYS F 312 -0.23 -6.80 35.13
N ASN F 313 -0.53 -7.08 33.87
CA ASN F 313 -1.72 -7.85 33.53
C ASN F 313 -1.60 -9.27 34.08
N THR F 314 -2.75 -9.85 34.40
CA THR F 314 -2.79 -11.18 34.99
C THR F 314 -2.76 -12.25 33.90
N THR F 315 -1.95 -13.29 34.15
CA THR F 315 -1.86 -14.41 33.22
C THR F 315 -2.85 -15.52 33.52
N ASN F 316 -3.36 -15.59 34.75
CA ASN F 316 -4.33 -16.61 35.14
C ASN F 316 -5.61 -15.99 35.70
N ASN F 317 -5.91 -14.75 35.34
CA ASN F 317 -7.11 -14.06 35.80
C ASN F 317 -7.19 -14.07 37.33
N THR F 318 -6.15 -13.52 37.95
CA THR F 318 -6.01 -13.55 39.40
C THR F 318 -5.34 -12.27 39.88
N GLU F 319 -5.95 -11.60 40.84
CA GLU F 319 -5.36 -10.45 41.50
C GLU F 319 -4.76 -10.91 42.82
N ILE F 320 -3.47 -10.69 42.98
CA ILE F 320 -2.72 -11.22 44.12
C ILE F 320 -2.45 -10.09 45.10
N PHE F 321 -2.78 -10.32 46.38
CA PHE F 321 -2.61 -9.35 47.43
C PHE F 321 -1.69 -9.91 48.51
N ARG F 322 -0.82 -9.05 49.03
CA ARG F 322 0.18 -9.46 50.00
C ARG F 322 0.20 -8.48 51.17
N PRO F 323 0.50 -8.96 52.38
CA PRO F 323 0.54 -8.05 53.54
C PRO F 323 1.70 -7.08 53.44
N GLY F 324 1.42 -5.81 53.71
CA GLY F 324 2.43 -4.77 53.68
C GLY F 324 2.46 -3.95 54.95
N GLY F 325 3.10 -2.79 54.89
CA GLY F 325 3.23 -1.90 56.01
C GLY F 325 4.61 -1.28 56.03
N GLY F 326 5.03 -0.84 57.22
CA GLY F 326 6.34 -0.24 57.40
C GLY F 326 6.26 1.25 57.69
N ASP F 327 5.41 1.96 56.95
CA ASP F 327 5.15 3.37 57.19
C ASP F 327 3.97 3.48 58.15
N MET F 328 4.24 3.84 59.41
CA MET F 328 3.18 3.91 60.40
C MET F 328 2.21 5.06 60.14
N ARG F 329 2.49 5.93 59.17
CA ARG F 329 1.52 6.94 58.77
C ARG F 329 0.23 6.28 58.29
N ASP F 330 0.34 5.14 57.62
CA ASP F 330 -0.86 4.44 57.16
C ASP F 330 -1.66 3.89 58.33
N ASN F 331 -0.98 3.47 59.40
CA ASN F 331 -1.69 3.11 60.63
C ASN F 331 -2.50 4.28 61.15
N TRP F 332 -1.92 5.49 61.08
CA TRP F 332 -2.62 6.67 61.56
C TRP F 332 -3.78 7.03 60.63
N ARG F 333 -3.63 6.79 59.33
CA ARG F 333 -4.68 7.08 58.37
C ARG F 333 -5.84 6.11 58.50
N SER F 334 -5.56 4.85 58.87
CA SER F 334 -6.62 3.88 59.10
C SER F 334 -7.62 4.37 60.14
N GLU F 335 -7.23 5.35 60.96
CA GLU F 335 -8.07 5.90 62.01
C GLU F 335 -8.46 7.36 61.80
N LEU F 336 -7.63 8.14 61.09
CA LEU F 336 -7.89 9.55 60.89
C LEU F 336 -8.56 9.83 59.55
N TYR F 337 -9.08 8.79 58.88
CA TYR F 337 -9.79 9.01 57.62
C TYR F 337 -11.01 9.88 57.81
N LYS F 338 -11.61 9.86 59.01
CA LYS F 338 -12.83 10.63 59.25
C LYS F 338 -12.54 12.13 59.30
N TYR F 339 -11.39 12.51 59.84
CA TYR F 339 -11.21 13.85 60.38
C TYR F 339 -10.48 14.77 59.42
N LYS F 340 -10.80 16.06 59.52
CA LYS F 340 -10.18 17.08 58.68
C LYS F 340 -10.17 18.39 59.44
N VAL F 341 -8.98 18.94 59.69
CA VAL F 341 -8.86 20.22 60.38
C VAL F 341 -9.37 21.33 59.48
N VAL F 342 -10.21 22.21 60.03
CA VAL F 342 -10.74 23.35 59.31
C VAL F 342 -10.72 24.57 60.23
N GLU F 343 -10.79 25.74 59.61
CA GLU F 343 -10.76 27.01 60.32
C GLU F 343 -12.18 27.55 60.47
N ILE F 344 -12.55 27.91 61.70
CA ILE F 344 -13.89 28.44 61.95
C ILE F 344 -14.15 29.65 61.06
N LYS F 345 -13.27 30.64 61.09
CA LYS F 345 -13.43 31.84 60.28
C LYS F 345 -13.57 31.49 58.81
C1 NAG G . 4.52 -10.24 -32.18
C2 NAG G . 5.25 -11.55 -32.49
C3 NAG G . 6.51 -11.24 -33.31
C4 NAG G . 6.15 -10.44 -34.56
C5 NAG G . 5.35 -9.20 -34.18
C6 NAG G . 4.84 -8.43 -35.37
C7 NAG G . 4.87 -13.28 -30.79
C8 NAG G . 5.38 -13.90 -29.53
N2 NAG G . 5.59 -12.26 -31.27
O3 NAG G . 7.14 -12.48 -33.69
O4 NAG G . 7.33 -10.06 -35.26
O5 NAG G . 4.20 -9.57 -33.40
O6 NAG G . 5.54 -7.20 -35.54
O7 NAG G . 3.86 -13.68 -31.35
C1 NAG G . 8.29 -9.45 -34.39
C2 NAG G . 9.68 -9.81 -34.90
C3 NAG G . 10.75 -9.14 -34.05
C4 NAG G . 10.51 -7.64 -33.98
C5 NAG G . 9.09 -7.37 -33.49
C6 NAG G . 8.73 -5.90 -33.49
C7 NAG G . 10.31 -11.93 -35.98
C8 NAG G . 10.45 -13.42 -35.81
N2 NAG G . 9.87 -11.25 -34.91
O3 NAG G . 12.04 -9.39 -34.62
O4 NAG G . 11.43 -7.04 -33.09
O5 NAG G . 8.15 -8.03 -34.35
O6 NAG G . 8.93 -5.32 -34.78
O7 NAG G . 10.57 -11.37 -37.03
C1 NAG H . -15.08 10.71 -14.87
C2 NAG H . -16.06 10.77 -16.03
C3 NAG H . -15.64 11.87 -17.02
C4 NAG H . -15.42 13.19 -16.30
C5 NAG H . -14.51 13.01 -15.10
C6 NAG H . -14.37 14.25 -14.24
C7 NAG H . -17.15 8.62 -16.46
C8 NAG H . -17.10 7.34 -17.24
N2 NAG H . -16.17 9.49 -16.70
O3 NAG H . -16.67 11.99 -18.00
O4 NAG H . -14.78 14.15 -17.13
O5 NAG H . -15.01 11.97 -14.25
O6 NAG H . -14.69 15.42 -14.98
O7 NAG H . -18.04 8.84 -15.63
C1 NAG H . -15.28 14.24 -18.48
C2 NAG H . -16.05 15.54 -18.65
C3 NAG H . -15.90 16.04 -20.08
C4 NAG H . -14.45 16.42 -20.35
C5 NAG H . -13.52 15.39 -19.70
C6 NAG H . -12.94 15.86 -18.39
C7 NAG H . -17.98 15.83 -17.15
C8 NAG H . -17.03 16.53 -16.23
N2 NAG H . -17.45 15.38 -18.30
O3 NAG H . -16.74 17.18 -20.27
O4 NAG H . -14.21 16.46 -21.75
O5 NAG H . -14.21 14.16 -19.44
O6 NAG H . -11.77 15.15 -18.02
O7 NAG H . -19.17 15.67 -16.88
C1 NAG I . -8.21 -6.86 -0.57
C2 NAG I . -9.74 -6.78 -0.46
C3 NAG I . -10.15 -6.00 0.78
C4 NAG I . -9.47 -6.58 2.02
C5 NAG I . -7.98 -6.57 1.82
C6 NAG I . -7.22 -7.19 2.98
C7 NAG I . -11.27 -6.73 -2.38
C8 NAG I . -11.75 -5.93 -3.57
N2 NAG I . -10.31 -6.16 -1.65
O3 NAG I . -11.57 -6.07 0.93
O4 NAG I . -9.81 -5.81 3.17
O5 NAG I . -7.66 -7.36 0.66
O6 NAG I . -7.17 -8.61 2.86
O7 NAG I . -11.73 -7.83 -2.12
C1 NAG I . -10.33 -6.71 4.16
C2 NAG I . -9.90 -6.25 5.56
C3 NAG I . -10.45 -7.20 6.62
C4 NAG I . -11.96 -7.35 6.46
C5 NAG I . -12.32 -7.74 5.02
C6 NAG I . -13.80 -7.77 4.77
C7 NAG I . -7.76 -5.06 5.46
C8 NAG I . -6.27 -5.17 5.60
N2 NAG I . -8.45 -6.19 5.66
O3 NAG I . -10.16 -6.68 7.91
O4 NAG I . -12.46 -8.35 7.35
O5 NAG I . -11.76 -6.79 4.11
O6 NAG I . -14.26 -6.55 4.19
O7 NAG I . -8.31 -4.00 5.16
C1 BMA I . -13.43 -7.78 8.22
C2 BMA I . -14.27 -8.90 8.86
C3 BMA I . -15.25 -8.32 9.88
C4 BMA I . -14.55 -7.34 10.83
C5 BMA I . -13.81 -6.26 10.03
C6 BMA I . -13.07 -5.29 10.92
O2 BMA I . -13.44 -9.81 9.57
O3 BMA I . -15.89 -9.35 10.64
O4 BMA I . -15.51 -6.71 11.68
O5 BMA I . -12.86 -6.92 9.18
O6 BMA I . -11.92 -5.96 11.46
C1 MAN I . -17.04 -9.82 9.92
C2 MAN I . -18.20 -10.08 10.91
C3 MAN I . -17.92 -11.37 11.68
C4 MAN I . -17.60 -12.52 10.71
C5 MAN I . -16.41 -12.12 9.84
C6 MAN I . -16.03 -13.18 8.82
O2 MAN I . -19.43 -10.31 10.21
O3 MAN I . -19.02 -11.72 12.52
O4 MAN I . -17.29 -13.69 11.44
O5 MAN I . -16.74 -10.92 9.11
O6 MAN I . -15.16 -14.11 9.45
C1 MAN I . -20.27 -9.15 10.35
C2 MAN I . -21.44 -9.26 9.35
C3 MAN I . -20.96 -8.89 7.95
C4 MAN I . -20.22 -7.56 7.96
C5 MAN I . -19.05 -7.63 8.93
C6 MAN I . -18.26 -6.34 9.03
O2 MAN I . -22.49 -8.33 9.67
O3 MAN I . -22.02 -8.87 7.00
O4 MAN I . -19.72 -7.26 6.66
O5 MAN I . -19.56 -7.94 10.25
O6 MAN I . -19.14 -5.31 9.48
C1 MAN I . -12.09 -6.10 12.87
C2 MAN I . -11.42 -4.89 13.58
C3 MAN I . -11.59 -4.99 15.10
C4 MAN I . -12.05 -6.39 15.51
C5 MAN I . -11.23 -7.42 14.72
C6 MAN I . -11.42 -8.84 15.22
O2 MAN I . -12.05 -3.66 13.20
O3 MAN I . -12.50 -4.00 15.59
O4 MAN I . -11.85 -6.60 16.90
O5 MAN I . -11.65 -7.35 13.34
O6 MAN I . -10.27 -9.58 14.86
C1 NAG J . -4.53 -4.00 72.85
C2 NAG J . -3.10 -4.04 73.41
C3 NAG J . -2.99 -5.08 74.52
C4 NAG J . -4.06 -4.85 75.58
C5 NAG J . -5.43 -4.80 74.93
C6 NAG J . -6.54 -4.47 75.91
C7 NAG J . -1.06 -3.54 72.12
C8 NAG J . -0.19 -3.99 70.98
N2 NAG J . -2.13 -4.31 72.35
O3 NAG J . -1.70 -5.01 75.12
O4 NAG J . -4.03 -5.88 76.56
O5 NAG J . -5.45 -3.78 73.91
O6 NAG J . -7.82 -4.67 75.32
O7 NAG J . -0.81 -2.55 72.79
C1 NAG J . -4.07 -5.30 77.88
C2 NAG J . -4.93 -6.16 78.80
C3 NAG J . -5.01 -5.52 80.18
C4 NAG J . -3.61 -5.24 80.72
C5 NAG J . -2.80 -4.45 79.70
C6 NAG J . -1.35 -4.26 80.12
C7 NAG J . -6.67 -7.51 77.71
C8 NAG J . -8.07 -7.54 77.20
N2 NAG J . -6.26 -6.35 78.24
O3 NAG J . -5.70 -6.41 81.06
O4 NAG J . -3.72 -4.48 81.92
O5 NAG J . -2.78 -5.13 78.44
O6 NAG J . -0.61 -5.46 80.00
O7 NAG J . -5.93 -8.49 77.65
C1 BMA J . -3.11 -5.19 83.01
C2 BMA J . -2.33 -4.18 83.89
C3 BMA J . -1.75 -4.89 85.11
C4 BMA J . -2.78 -5.80 85.80
C5 BMA J . -3.44 -6.74 84.77
C6 BMA J . -4.55 -7.61 85.38
O2 BMA J . -3.20 -3.17 84.37
O3 BMA J . -1.24 -3.96 86.06
O4 BMA J . -2.14 -6.58 86.80
O5 BMA J . -4.04 -5.93 83.74
O6 BMA J . -5.80 -7.02 85.06
C1 MAN J . 0.17 -3.78 85.86
C2 MAN J . 0.88 -3.82 87.22
C3 MAN J . 0.62 -2.52 87.99
C4 MAN J . 0.95 -1.30 87.11
C5 MAN J . 0.16 -1.37 85.80
C6 MAN J . 0.50 -0.24 84.84
O2 MAN J . 2.31 -3.88 87.05
O3 MAN J . 1.35 -2.47 89.21
O4 MAN J . 0.61 -0.09 87.79
O5 MAN J . 0.45 -2.61 85.12
O6 MAN J . 0.67 0.96 85.60
C1 MAN J . -6.59 -6.91 86.26
C2 MAN J . -7.77 -5.91 86.02
C3 MAN J . -8.34 -5.35 87.34
C4 MAN J . -7.23 -4.93 88.35
C5 MAN J . -5.84 -5.24 87.78
C6 MAN J . -4.73 -5.03 88.79
O2 MAN J . -8.87 -6.54 85.37
O3 MAN J . -9.27 -6.24 87.95
O4 MAN J . -7.33 -3.54 88.66
O5 MAN J . -5.81 -6.61 87.38
O6 MAN J . -4.46 -6.29 89.41
C1 NAG K . 15.45 -21.43 -9.89
C2 NAG K . 16.60 -20.51 -9.47
C3 NAG K . 17.03 -20.82 -8.03
C4 NAG K . 15.81 -20.76 -7.10
C5 NAG K . 14.70 -21.67 -7.62
C6 NAG K . 13.43 -21.57 -6.82
C7 NAG K . 18.57 -19.63 -10.65
C8 NAG K . 19.68 -19.93 -11.60
N2 NAG K . 17.74 -20.64 -10.37
O3 NAG K . 18.01 -19.88 -7.61
O4 NAG K . 16.19 -21.19 -5.79
O5 NAG K . 14.37 -21.30 -8.97
O6 NAG K . 13.50 -22.35 -5.64
O7 NAG K . 18.43 -18.51 -10.14
C1 NAG L . 10.52 -1.70 -9.53
C2 NAG L . 11.63 -1.23 -8.60
C3 NAG L . 12.19 0.11 -9.05
C4 NAG L . 12.63 0.02 -10.51
C5 NAG L . 11.48 -0.50 -11.38
C6 NAG L . 11.90 -0.74 -12.81
C7 NAG L . 11.35 -2.10 -6.31
C8 NAG L . 10.80 -1.85 -4.95
N2 NAG L . 11.16 -1.14 -7.22
O3 NAG L . 13.29 0.48 -8.24
O4 NAG L . 13.01 1.31 -10.99
O5 NAG L . 11.01 -1.76 -10.86
O6 NAG L . 10.84 -0.40 -13.71
O7 NAG L . 11.96 -3.14 -6.59
C1 NAG M . -5.99 14.63 -14.00
C2 NAG M . -5.68 15.26 -12.66
C3 NAG M . -6.56 16.50 -12.44
C4 NAG M . -6.40 17.45 -13.62
C5 NAG M . -6.66 16.73 -14.94
C6 NAG M . -6.38 17.59 -16.14
C7 NAG M . -4.94 14.06 -10.65
C8 NAG M . -5.31 13.05 -9.61
N2 NAG M . -5.87 14.32 -11.57
O3 NAG M . -6.18 17.14 -11.24
O4 NAG M . -7.32 18.54 -13.48
O5 NAG M . -5.79 15.59 -15.04
O6 NAG M . -5.50 16.95 -17.05
O7 NAG M . -3.85 14.63 -10.64
C1 NAG N . -0.89 13.51 -29.12
C2 NAG N . -1.11 13.99 -27.67
C3 NAG N . -2.20 13.17 -27.00
C4 NAG N . -3.47 13.17 -27.84
C5 NAG N . -3.16 12.73 -29.26
C6 NAG N . -4.36 12.81 -30.19
C7 NAG N . 0.52 14.88 -26.06
C8 NAG N . -0.41 16.05 -25.93
N2 NAG N . 0.13 13.92 -26.92
O3 NAG N . -2.46 13.69 -25.71
O4 NAG N . -4.43 12.29 -27.27
O5 NAG N . -2.14 13.56 -29.83
O6 NAG N . -5.50 13.30 -29.51
O7 NAG N . 1.57 14.79 -25.43
C1 NAG O . 14.22 -14.37 -17.82
C2 NAG O . 15.74 -14.34 -17.64
C3 NAG O . 16.34 -13.13 -18.34
C4 NAG O . 15.89 -13.08 -19.80
C5 NAG O . 14.37 -13.16 -19.89
C6 NAG O . 13.86 -13.24 -21.31
C7 NAG O . 17.10 -15.08 -15.73
C8 NAG O . 17.32 -14.96 -14.25
N2 NAG O . 16.09 -14.36 -16.23
O3 NAG O . 17.76 -13.20 -18.27
O4 NAG O . 16.34 -11.87 -20.39
O5 NAG O . 13.90 -14.34 -19.22
O6 NAG O . 14.10 -14.53 -21.87
O7 NAG O . 17.80 -15.79 -16.44
C1 NAG P . 3.59 5.01 -0.24
C2 NAG P . 2.76 5.61 0.90
C3 NAG P . 3.54 5.55 2.21
C4 NAG P . 4.03 4.14 2.48
C5 NAG P . 4.81 3.61 1.29
C6 NAG P . 5.23 2.17 1.45
C7 NAG P . 1.40 7.63 1.25
C8 NAG P . 1.15 9.05 0.81
N2 NAG P . 2.38 6.99 0.60
O3 NAG P . 2.70 5.98 3.28
O4 NAG P . 4.85 4.12 3.65
O5 NAG P . 4.00 3.69 0.11
O6 NAG P . 6.02 1.73 0.34
O7 NAG P . 0.76 7.10 2.16
C1 NAG Q . -28.47 -13.83 -29.41
C2 NAG Q . -29.00 -15.06 -30.14
C3 NAG Q . -29.27 -14.73 -31.60
C4 NAG Q . -30.38 -13.70 -31.67
C5 NAG Q . -29.93 -12.41 -30.98
C6 NAG Q . -30.96 -11.86 -30.02
C7 NAG Q . -27.53 -16.58 -28.89
C8 NAG Q . -26.59 -17.76 -28.98
N2 NAG Q . -28.07 -16.18 -30.04
O3 NAG Q . -29.67 -15.91 -32.29
O4 NAG Q . -30.71 -13.44 -33.03
O5 NAG Q . -28.71 -12.58 -30.24
O6 NAG Q . -30.87 -10.44 -29.92
O7 NAG Q . -27.76 -16.01 -27.83
C1 PEG R . -17.39 -6.55 -13.51
O1 PEG R . -16.54 -6.01 -12.54
C2 PEG R . -16.87 -6.20 -14.91
O2 PEG R . -17.61 -6.87 -15.89
C3 PEG R . -17.03 -6.83 -17.17
C4 PEG R . -18.10 -7.09 -18.24
O4 PEG R . -17.60 -6.73 -19.50
H11 PEG R . -17.42 -7.52 -13.42
H12 PEG R . -18.28 -6.19 -13.41
HO1 PEG R . -16.47 -6.55 -11.88
H21 PEG R . -16.93 -5.25 -15.05
H22 PEG R . -15.93 -6.47 -14.98
H31 PEG R . -16.64 -5.95 -17.32
H32 PEG R . -16.34 -7.50 -17.23
H41 PEG R . -18.32 -8.03 -18.24
H42 PEG R . -18.89 -6.56 -18.05
HO4 PEG R . -18.20 -6.84 -20.09
C1 NAG S . -21.40 7.57 51.32
C2 NAG S . -22.81 7.95 50.87
C3 NAG S . -23.26 7.07 49.71
C4 NAG S . -22.24 7.11 48.58
C5 NAG S . -20.86 6.75 49.13
C6 NAG S . -19.76 6.88 48.09
C7 NAG S . -24.90 8.55 52.02
C8 NAG S . -25.74 8.34 53.24
N2 NAG S . -23.75 7.87 51.98
O3 NAG S . -24.52 7.51 49.23
O4 NAG S . -22.59 6.17 47.57
O5 NAG S . -20.51 7.64 50.20
O6 NAG S . -20.23 7.54 46.92
O7 NAG S . -25.24 9.31 51.12
C1 NAG T . 7.25 -18.21 57.69
C2 NAG T . 8.57 -18.00 56.93
C3 NAG T . 8.49 -18.63 55.54
C4 NAG T . 8.03 -20.08 55.63
C5 NAG T . 6.74 -20.18 56.43
C6 NAG T . 6.29 -21.60 56.65
C7 NAG T . 9.80 -15.99 57.61
C8 NAG T . 10.00 -14.52 57.37
N2 NAG T . 8.89 -16.59 56.83
O3 NAG T . 9.77 -18.55 54.92
O4 NAG T . 7.82 -20.60 54.32
O5 NAG T . 6.93 -19.60 57.72
O6 NAG T . 5.04 -21.86 56.00
O7 NAG T . 10.43 -16.60 58.47
C1 NAG U . 23.62 8.09 54.84
C2 NAG U . 23.94 9.51 54.34
C3 NAG U . 24.19 9.51 52.83
C4 NAG U . 24.18 8.09 52.30
C5 NAG U . 22.83 7.45 52.60
C6 NAG U . 22.77 6.00 52.20
C7 NAG U . 23.03 11.45 55.54
C8 NAG U . 24.39 11.59 56.15
N2 NAG U . 22.88 10.43 54.68
O3 NAG U . 25.44 10.13 52.55
O4 NAG U . 24.40 8.09 50.89
O5 NAG U . 22.58 7.51 54.01
O6 NAG U . 23.95 5.30 52.57
O7 NAG U . 22.12 12.21 55.82
C1 NAG V . -0.98 -21.66 53.89
C2 NAG V . -1.84 -22.83 54.35
C3 NAG V . -1.26 -24.14 53.83
C4 NAG V . -1.06 -24.09 52.32
C5 NAG V . -0.26 -22.84 51.94
C6 NAG V . -0.14 -22.65 50.44
C7 NAG V . -3.08 -23.22 56.44
C8 NAG V . -3.02 -23.19 57.93
N2 NAG V . -1.96 -22.86 55.79
O3 NAG V . -2.14 -25.21 54.16
O4 NAG V . -0.38 -25.25 51.87
O5 NAG V . -0.88 -21.67 52.47
O6 NAG V . -1.39 -22.88 49.81
O7 NAG V . -4.09 -23.56 55.83
C1 NAG W . -25.26 11.04 59.91
C2 NAG W . -25.78 9.61 60.13
C3 NAG W . -26.31 9.45 61.56
C4 NAG W . -25.25 9.88 62.57
C5 NAG W . -24.79 11.30 62.26
C6 NAG W . -23.67 11.76 63.16
C7 NAG W . -26.55 8.76 57.96
C8 NAG W . -27.73 8.49 57.09
N2 NAG W . -26.81 9.28 59.16
O3 NAG W . -26.66 8.10 61.78
O4 NAG W . -25.80 9.84 63.89
O5 NAG W . -24.29 11.36 60.91
O6 NAG W . -24.17 12.39 64.34
O7 NAG W . -25.40 8.54 57.58
C1 NAG X . -20.53 -6.70 57.48
C2 NAG X . -20.17 -7.33 56.12
C3 NAG X . -21.27 -8.29 55.70
C4 NAG X . -21.56 -9.31 56.79
C5 NAG X . -21.82 -8.60 58.13
C6 NAG X . -21.97 -9.56 59.29
C7 NAG X . -19.67 -6.57 53.84
C8 NAG X . -19.49 -5.39 52.93
N2 NAG X . -19.97 -6.30 55.12
O3 NAG X . -20.87 -8.98 54.51
O4 NAG X . -22.69 -10.09 56.46
O5 NAG X . -20.72 -7.73 58.44
O6 NAG X . -20.76 -10.27 59.53
O7 NAG X . -19.55 -7.73 53.43
C1 CIT Y . 16.18 -13.01 66.10
O1 CIT Y . 16.33 -14.22 66.39
O2 CIT Y . 15.78 -12.70 64.96
C2 CIT Y . 16.46 -11.93 67.12
C3 CIT Y . 17.95 -11.84 67.45
O7 CIT Y . 18.35 -13.02 68.18
C4 CIT Y . 18.82 -11.66 66.21
C5 CIT Y . 20.06 -12.50 66.39
O3 CIT Y . 20.27 -13.11 67.47
O4 CIT Y . 20.88 -12.59 65.46
C6 CIT Y . 18.11 -10.62 68.34
O5 CIT Y . 18.11 -10.74 69.58
O6 CIT Y . 18.22 -9.47 67.86
H21 CIT Y . 16.12 -10.96 66.72
H22 CIT Y . 15.90 -12.13 68.03
HO7 CIT Y . 18.64 -12.77 69.09
H41 CIT Y . 19.11 -10.60 66.10
H42 CIT Y . 18.29 -11.97 65.31
C1 EDO Z . 25.26 -3.55 63.37
O1 EDO Z . 25.78 -3.33 62.05
C2 EDO Z . 23.93 -4.29 63.27
O2 EDO Z . 24.07 -5.42 62.42
H11 EDO Z . 25.97 -4.14 63.95
H12 EDO Z . 25.11 -2.59 63.88
HO1 EDO Z . 26.62 -2.85 62.11
H21 EDO Z . 23.62 -4.61 64.26
H22 EDO Z . 23.16 -3.61 62.87
HO2 EDO Z . 23.23 -5.89 62.35
C1 EDO AA . 22.42 -5.28 76.16
O1 EDO AA . 22.20 -3.90 75.85
C2 EDO AA . 21.81 -6.15 75.08
O2 EDO AA . 22.49 -5.93 73.84
H11 EDO AA . 23.48 -5.47 76.25
H12 EDO AA . 21.95 -5.51 77.12
HO1 EDO AA . 22.59 -3.35 76.54
H21 EDO AA . 21.90 -7.20 75.35
H22 EDO AA . 20.75 -5.91 74.96
HO2 EDO AA . 22.10 -6.48 73.15
#